data_8YJO
#
_entry.id   8YJO
#
_cell.length_a   80.296
_cell.length_b   127.662
_cell.length_c   89.751
_cell.angle_alpha   90.00
_cell.angle_beta   107.21
_cell.angle_gamma   90.00
#
_symmetry.space_group_name_H-M   'P 1 21 1'
#
loop_
_entity.id
_entity.type
_entity.pdbx_description
1 polymer 'Probable dehydratase PflD'
2 non-polymer 'MALONATE ION'
3 water water
#
_entity_poly.entity_id   1
_entity_poly.type   'polypeptide(L)'
_entity_poly.pdbx_seq_one_letter_code
;MGSSHHHHHHSQSGSGMTNRISRLKTALFANTREISLERALLYTASHRQTEGEPVILRRAKATAYILEHVEISIRDEELI
AGNRTVKPRAGIMSPEMDPYWLLKELDQFPTRPQDRFAISEEDKRIYREELFPYWEKRSMKDFINGQMTDEVKAATNTQI
FSINQTDKGQGHIIIDYPRLLNHGLGELVAQMQQHCQQQPENHFYQAALLLLEASQKHILRYAELAETMAANCTDAQRRE
ELLTIAEISRHNAQHKPQTFWQACQLFWYMNIILQYESNASSLSLGRFDQYMLPFYQTSLTQGEDAAFLKELLESLWVKC
NDIVLLRSTSSARYFAGFPTGYTALLGGLTENGRSAVNVLSFLCLDAYQSVQLPQPNLGVRTNALIDTPFLMKTAETIRF
GTGIPQIFNDEVVVPAFLNRGVSLEDARDYSVVGCVELSIPGRTYGLHDIAMFNLLKVMEICLHENEGNAALTYEGLLEQ
IRAKISHYITLMVEGSNICDIGHRDWAPVPLLSSFISDCLEKGRDITDGGARYNFSGVQGIGIANLSDSLHALKGMVFEQ
QRLSFDELLSVLKANFATPEGEKVRARLINRFEKYGNDIDEVDNISAELLRHYCKEVEKYQNPRGGYFTPGSYTVSAHVP
LGSVVGATPDGRFAGEQLADGGLSPMLGQDAQGPTAVLKSVSKLDNTLLSNGTLLNVKFTPATLEGEAGLRKLADFLRAF
TQLKLQHIQFNVVNADTLREAQQRPQDYAGLVVRVAGYSAFFVELSKEIQDDIIRRTAHQL
;
_entity_poly.pdbx_strand_id   A,B
#
# COMPACT_ATOMS: atom_id res chain seq x y z
N THR A 18 -30.90 15.86 -23.85
CA THR A 18 -31.86 16.84 -23.37
C THR A 18 -31.41 17.39 -22.03
N ASN A 19 -32.05 18.50 -21.61
CA ASN A 19 -31.60 19.14 -20.37
C ASN A 19 -31.94 18.30 -19.15
N ARG A 20 -33.10 17.61 -19.15
CA ARG A 20 -33.39 16.69 -18.06
C ARG A 20 -32.29 15.65 -17.90
N ILE A 21 -31.81 15.09 -19.01
CA ILE A 21 -30.79 14.04 -18.92
C ILE A 21 -29.51 14.61 -18.35
N SER A 22 -29.12 15.82 -18.76
CA SER A 22 -27.94 16.45 -18.19
C SER A 22 -28.10 16.67 -16.69
N ARG A 23 -29.31 17.03 -16.25
CA ARG A 23 -29.51 17.27 -14.81
C ARG A 23 -29.51 15.97 -14.02
N LEU A 24 -30.10 14.90 -14.58
CA LEU A 24 -30.06 13.59 -13.94
C LEU A 24 -28.63 13.09 -13.78
N LYS A 25 -27.79 13.29 -14.80
CA LYS A 25 -26.38 12.90 -14.69
C LYS A 25 -25.69 13.70 -13.60
N THR A 26 -25.88 15.03 -13.64
CA THR A 26 -25.26 15.90 -12.65
C THR A 26 -25.61 15.49 -11.22
N ALA A 27 -26.86 15.09 -10.99
CA ALA A 27 -27.29 14.77 -9.64
C ALA A 27 -26.56 13.56 -9.07
N LEU A 28 -26.11 12.64 -9.95
CA LEU A 28 -25.37 11.47 -9.46
C LEU A 28 -24.07 11.87 -8.78
N PHE A 29 -23.44 12.94 -9.24
CA PHE A 29 -22.10 13.31 -8.78
C PHE A 29 -22.10 14.60 -7.97
N ALA A 30 -23.28 15.12 -7.63
CA ALA A 30 -23.35 16.42 -6.98
C ALA A 30 -22.83 16.38 -5.54
N ASN A 31 -22.98 15.25 -4.85
CA ASN A 31 -22.59 15.11 -3.46
C ASN A 31 -21.56 13.99 -3.33
N THR A 32 -20.80 14.01 -2.24
CA THR A 32 -19.78 12.98 -2.04
C THR A 32 -20.42 11.63 -1.72
N ARG A 33 -19.97 10.58 -2.43
CA ARG A 33 -20.35 9.20 -2.13
C ARG A 33 -20.16 8.91 -0.65
N GLU A 34 -21.13 8.22 -0.06
CA GLU A 34 -21.05 7.80 1.32
C GLU A 34 -21.12 6.29 1.45
N ILE A 35 -20.41 5.76 2.45
CA ILE A 35 -20.70 4.40 2.92
C ILE A 35 -22.12 4.36 3.44
N SER A 36 -22.87 3.31 3.07
CA SER A 36 -24.22 3.06 3.59
C SER A 36 -24.23 1.77 4.40
N LEU A 37 -24.65 1.87 5.65
CA LEU A 37 -24.88 0.73 6.53
C LEU A 37 -26.28 0.16 6.39
N GLU A 38 -27.12 0.75 5.55
CA GLU A 38 -28.55 0.47 5.62
C GLU A 38 -28.86 -1.00 5.31
N ARG A 39 -28.33 -1.52 4.19
CA ARG A 39 -28.57 -2.93 3.89
C ARG A 39 -28.08 -3.82 5.02
N ALA A 40 -26.88 -3.55 5.55
CA ALA A 40 -26.35 -4.41 6.60
C ALA A 40 -27.23 -4.38 7.85
N LEU A 41 -27.70 -3.19 8.25
CA LEU A 41 -28.54 -3.08 9.45
C LEU A 41 -29.86 -3.84 9.28
N LEU A 42 -30.48 -3.68 8.10
CA LEU A 42 -31.72 -4.38 7.81
C LEU A 42 -31.50 -5.89 7.69
N TYR A 43 -30.46 -6.30 6.96
CA TYR A 43 -30.11 -7.72 6.85
C TYR A 43 -29.86 -8.34 8.23
N THR A 44 -29.15 -7.60 9.10
CA THR A 44 -28.85 -8.10 10.45
C THR A 44 -30.11 -8.17 11.30
N ALA A 45 -30.98 -7.17 11.21
CA ALA A 45 -32.23 -7.22 11.97
C ALA A 45 -33.07 -8.41 11.59
N SER A 46 -33.15 -8.72 10.29
CA SER A 46 -33.88 -9.92 9.88
C SER A 46 -33.20 -11.17 10.43
N HIS A 47 -31.87 -11.20 10.35
CA HIS A 47 -31.11 -12.36 10.82
C HIS A 47 -31.38 -12.63 12.30
N ARG A 48 -31.51 -11.57 13.10
CA ARG A 48 -31.87 -11.74 14.49
C ARG A 48 -33.19 -12.47 14.67
N GLN A 49 -34.14 -12.28 13.75
CA GLN A 49 -35.46 -12.89 13.90
C GLN A 49 -35.57 -14.29 13.28
N THR A 50 -34.61 -14.70 12.45
CA THR A 50 -34.73 -15.96 11.71
C THR A 50 -33.78 -17.04 12.22
N GLU A 51 -33.29 -16.91 13.45
CA GLU A 51 -32.35 -17.89 14.00
C GLU A 51 -33.00 -19.27 14.01
N GLY A 52 -32.23 -20.27 13.60
CA GLY A 52 -32.73 -21.64 13.58
C GLY A 52 -33.36 -22.11 12.30
N GLU A 53 -33.50 -21.23 11.31
CA GLU A 53 -34.10 -21.55 10.01
C GLU A 53 -33.02 -21.88 8.99
N PRO A 54 -33.37 -22.71 7.98
CA PRO A 54 -32.41 -23.03 6.92
C PRO A 54 -31.84 -21.77 6.29
N VAL A 55 -30.56 -21.87 5.89
CA VAL A 55 -29.83 -20.70 5.39
C VAL A 55 -30.56 -20.04 4.22
N ILE A 56 -31.09 -20.84 3.29
CA ILE A 56 -31.69 -20.22 2.11
C ILE A 56 -32.95 -19.45 2.50
N LEU A 57 -33.67 -19.90 3.53
CA LEU A 57 -34.84 -19.15 3.97
C LEU A 57 -34.44 -17.90 4.75
N ARG A 58 -33.37 -17.99 5.54
CA ARG A 58 -32.86 -16.79 6.21
C ARG A 58 -32.40 -15.75 5.19
N ARG A 59 -31.71 -16.19 4.14
CA ARG A 59 -31.31 -15.27 3.07
C ARG A 59 -32.51 -14.60 2.44
N ALA A 60 -33.53 -15.39 2.08
CA ALA A 60 -34.72 -14.83 1.44
C ALA A 60 -35.45 -13.87 2.37
N LYS A 61 -35.61 -14.24 3.64
CA LYS A 61 -36.35 -13.37 4.53
C LYS A 61 -35.57 -12.08 4.81
N ALA A 62 -34.25 -12.13 4.74
CA ALA A 62 -33.46 -10.90 4.86
C ALA A 62 -33.72 -9.99 3.66
N THR A 63 -33.72 -10.54 2.45
CA THR A 63 -34.06 -9.72 1.29
C THR A 63 -35.48 -9.15 1.43
N ALA A 64 -36.44 -9.96 1.86
CA ALA A 64 -37.80 -9.46 2.03
C ALA A 64 -37.84 -8.35 3.09
N TYR A 65 -37.10 -8.53 4.18
CA TYR A 65 -37.02 -7.49 5.20
C TYR A 65 -36.46 -6.19 4.61
N ILE A 66 -35.38 -6.29 3.83
CA ILE A 66 -34.84 -5.11 3.18
C ILE A 66 -35.88 -4.48 2.27
N LEU A 67 -36.57 -5.30 1.46
CA LEU A 67 -37.56 -4.76 0.54
C LEU A 67 -38.68 -4.02 1.27
N GLU A 68 -39.06 -4.47 2.46
CA GLU A 68 -40.17 -3.82 3.16
C GLU A 68 -39.74 -2.58 3.93
N HIS A 69 -38.47 -2.50 4.35
CA HIS A 69 -38.06 -1.47 5.28
C HIS A 69 -37.11 -0.42 4.70
N VAL A 70 -36.46 -0.69 3.56
CA VAL A 70 -35.43 0.22 3.09
C VAL A 70 -36.04 1.57 2.75
N GLU A 71 -35.29 2.65 3.00
CA GLU A 71 -35.79 3.96 2.60
C GLU A 71 -35.72 4.10 1.08
N ILE A 72 -36.79 4.64 0.49
CA ILE A 72 -36.88 4.82 -0.96
C ILE A 72 -37.26 6.26 -1.25
N SER A 73 -36.91 6.69 -2.46
CA SER A 73 -37.36 7.99 -2.97
C SER A 73 -37.43 7.89 -4.49
N ILE A 74 -38.14 8.83 -5.09
CA ILE A 74 -38.06 9.06 -6.52
C ILE A 74 -37.30 10.37 -6.70
N ARG A 75 -36.10 10.29 -7.25
CA ARG A 75 -35.27 11.49 -7.33
C ARG A 75 -35.80 12.46 -8.39
N ASP A 76 -35.43 13.73 -8.23
CA ASP A 76 -35.94 14.80 -9.11
C ASP A 76 -35.78 14.44 -10.57
N GLU A 77 -36.89 14.53 -11.30
CA GLU A 77 -37.02 14.32 -12.75
C GLU A 77 -36.76 12.89 -13.21
N GLU A 78 -36.65 11.92 -12.30
CA GLU A 78 -36.48 10.54 -12.74
C GLU A 78 -37.71 10.05 -13.48
N LEU A 79 -37.48 9.37 -14.61
CA LEU A 79 -38.54 8.71 -15.36
C LEU A 79 -38.64 7.23 -15.02
N ILE A 80 -37.56 6.66 -14.52
CA ILE A 80 -37.51 5.27 -14.07
C ILE A 80 -37.25 5.29 -12.57
N ALA A 81 -38.20 4.75 -11.81
CA ALA A 81 -38.07 4.71 -10.37
C ALA A 81 -37.22 3.53 -9.93
N GLY A 82 -36.63 3.65 -8.75
CA GLY A 82 -35.89 2.56 -8.14
C GLY A 82 -34.40 2.85 -8.06
N ASN A 83 -33.88 2.94 -6.84
CA ASN A 83 -32.45 3.05 -6.56
C ASN A 83 -32.16 2.24 -5.32
N ARG A 84 -30.95 1.66 -5.25
CA ARG A 84 -30.57 0.89 -4.06
C ARG A 84 -30.68 1.74 -2.80
N THR A 85 -30.20 2.99 -2.87
CA THR A 85 -30.18 3.92 -1.75
C THR A 85 -30.76 5.24 -2.23
N VAL A 86 -31.23 6.05 -1.27
CA VAL A 86 -31.71 7.38 -1.62
C VAL A 86 -30.53 8.28 -2.02
N LYS A 87 -29.39 8.15 -1.32
CA LYS A 87 -28.22 8.93 -1.71
C LYS A 87 -27.49 8.25 -2.86
N PRO A 88 -27.01 9.01 -3.85
CA PRO A 88 -26.44 8.38 -5.04
C PRO A 88 -25.09 7.69 -4.79
N ARG A 89 -24.88 6.61 -5.53
CA ARG A 89 -23.59 5.92 -5.64
C ARG A 89 -23.02 5.52 -4.27
N ALA A 90 -23.89 4.92 -3.46
CA ALA A 90 -23.50 4.53 -2.09
C ALA A 90 -22.54 3.34 -2.10
N GLY A 91 -21.65 3.31 -1.11
CA GLY A 91 -20.82 2.15 -0.85
C GLY A 91 -21.53 1.24 0.14
N ILE A 92 -22.22 0.22 -0.34
CA ILE A 92 -23.05 -0.63 0.51
C ILE A 92 -22.18 -1.74 1.10
N MET A 93 -21.96 -1.69 2.41
CA MET A 93 -21.07 -2.63 3.09
C MET A 93 -21.77 -3.95 3.38
N SER A 94 -20.99 -5.03 3.34
CA SER A 94 -21.48 -6.39 3.54
C SER A 94 -20.66 -7.08 4.63
N PRO A 95 -20.87 -6.72 5.90
CA PRO A 95 -20.12 -7.39 6.96
C PRO A 95 -20.51 -8.86 7.12
N GLU A 96 -21.70 -9.26 6.65
CA GLU A 96 -22.06 -10.67 6.65
C GLU A 96 -21.14 -11.49 5.75
N MET A 97 -20.50 -10.85 4.77
CA MET A 97 -19.54 -11.51 3.89
C MET A 97 -18.13 -11.41 4.46
N ASP A 98 -17.70 -10.21 4.87
CA ASP A 98 -16.41 -10.04 5.53
C ASP A 98 -16.48 -8.80 6.41
N PRO A 99 -16.50 -8.95 7.74
CA PRO A 99 -16.55 -7.79 8.63
C PRO A 99 -15.19 -7.24 9.00
N TYR A 100 -14.12 -7.98 8.70
CA TYR A 100 -12.79 -7.66 9.20
C TYR A 100 -12.15 -6.50 8.45
N TRP A 101 -12.20 -6.51 7.12
CA TRP A 101 -11.55 -5.44 6.38
C TRP A 101 -12.27 -4.12 6.59
N LEU A 102 -13.60 -4.18 6.68
CA LEU A 102 -14.39 -2.99 6.99
C LEU A 102 -13.93 -2.34 8.29
N LEU A 103 -13.72 -3.16 9.33
CA LEU A 103 -13.25 -2.61 10.61
C LEU A 103 -11.88 -1.97 10.45
N LYS A 104 -10.96 -2.63 9.72
CA LYS A 104 -9.61 -2.07 9.58
C LYS A 104 -9.61 -0.76 8.85
N GLU A 105 -10.52 -0.56 7.90
CA GLU A 105 -10.48 0.61 7.03
C GLU A 105 -11.47 1.69 7.42
N LEU A 106 -12.14 1.51 8.57
CA LEU A 106 -13.24 2.40 8.95
C LEU A 106 -12.83 3.85 8.98
N ASP A 107 -11.62 4.15 9.46
CA ASP A 107 -11.16 5.53 9.51
C ASP A 107 -10.24 5.89 8.34
N GLN A 108 -10.28 5.11 7.26
CA GLN A 108 -9.45 5.33 6.08
C GLN A 108 -10.24 5.49 4.79
N PHE A 109 -11.56 5.42 4.84
CA PHE A 109 -12.35 5.46 3.60
C PHE A 109 -12.19 6.76 2.80
N PRO A 110 -12.14 7.96 3.40
CA PRO A 110 -11.95 9.16 2.58
C PRO A 110 -10.54 9.34 2.06
N THR A 111 -9.57 8.57 2.55
CA THR A 111 -8.17 8.82 2.23
C THR A 111 -7.48 7.69 1.48
N ARG A 112 -8.08 6.51 1.40
CA ARG A 112 -7.38 5.37 0.84
C ARG A 112 -7.08 5.64 -0.65
N PRO A 113 -6.05 5.00 -1.20
CA PRO A 113 -5.58 5.40 -2.53
C PRO A 113 -6.58 5.13 -3.66
N GLN A 114 -7.56 4.24 -3.48
CA GLN A 114 -8.46 3.87 -4.56
C GLN A 114 -9.88 3.72 -4.02
N ASP A 115 -10.86 4.31 -4.71
CA ASP A 115 -12.28 4.18 -4.34
C ASP A 115 -12.61 4.80 -2.98
N ARG A 116 -12.56 6.12 -2.87
CA ARG A 116 -12.84 6.78 -1.60
C ARG A 116 -14.33 6.95 -1.37
N PHE A 117 -14.72 6.90 -0.09
CA PHE A 117 -16.08 7.16 0.36
C PHE A 117 -16.03 7.94 1.67
N ALA A 118 -17.05 8.77 1.88
CA ALA A 118 -17.23 9.43 3.17
C ALA A 118 -17.99 8.51 4.11
N ILE A 119 -17.73 8.64 5.42
CA ILE A 119 -18.53 7.88 6.37
C ILE A 119 -18.62 8.70 7.65
N SER A 120 -19.85 8.84 8.18
CA SER A 120 -20.09 9.69 9.34
C SER A 120 -19.50 9.07 10.60
N GLU A 121 -19.21 9.92 11.59
CA GLU A 121 -18.72 9.39 12.86
C GLU A 121 -19.75 8.47 13.50
N GLU A 122 -21.03 8.83 13.36
CA GLU A 122 -22.09 8.00 13.94
C GLU A 122 -22.12 6.63 13.28
N ASP A 123 -22.00 6.56 11.95
CA ASP A 123 -22.02 5.27 11.30
C ASP A 123 -20.80 4.43 11.68
N LYS A 124 -19.64 5.06 11.89
CA LYS A 124 -18.50 4.30 12.37
C LYS A 124 -18.76 3.71 13.74
N ARG A 125 -19.41 4.47 14.63
CA ARG A 125 -19.74 3.93 15.94
C ARG A 125 -20.71 2.75 15.81
N ILE A 126 -21.75 2.91 14.99
CA ILE A 126 -22.67 1.81 14.77
C ILE A 126 -21.93 0.57 14.27
N TYR A 127 -20.97 0.75 13.35
CA TYR A 127 -20.22 -0.39 12.86
C TYR A 127 -19.42 -1.06 13.97
N ARG A 128 -18.69 -0.26 14.76
CA ARG A 128 -17.87 -0.84 15.84
C ARG A 128 -18.72 -1.46 16.93
N GLU A 129 -19.86 -0.86 17.26
CA GLU A 129 -20.62 -1.31 18.41
C GLU A 129 -21.64 -2.39 18.09
N GLU A 130 -22.22 -2.38 16.89
CA GLU A 130 -23.31 -3.30 16.55
C GLU A 130 -22.93 -4.30 15.48
N LEU A 131 -22.51 -3.84 14.31
CA LEU A 131 -22.41 -4.74 13.17
C LEU A 131 -21.16 -5.63 13.24
N PHE A 132 -19.99 -5.05 13.56
CA PHE A 132 -18.83 -5.92 13.66
C PHE A 132 -18.97 -6.99 14.73
N PRO A 133 -19.35 -6.67 15.98
CA PRO A 133 -19.49 -7.74 16.98
C PRO A 133 -20.48 -8.82 16.58
N TYR A 134 -21.51 -8.45 15.83
CA TYR A 134 -22.49 -9.45 15.42
C TYR A 134 -21.90 -10.41 14.40
N TRP A 135 -21.22 -9.89 13.38
CA TRP A 135 -20.82 -10.72 12.24
C TRP A 135 -19.46 -11.37 12.40
N GLU A 136 -18.63 -10.83 13.30
CA GLU A 136 -17.37 -11.48 13.65
C GLU A 136 -17.61 -12.94 14.00
N LYS A 137 -16.84 -13.84 13.37
CA LYS A 137 -16.80 -15.28 13.59
C LYS A 137 -17.94 -16.02 12.89
N ARG A 138 -18.94 -15.34 12.33
CA ARG A 138 -20.04 -16.04 11.66
C ARG A 138 -20.22 -15.59 10.21
N SER A 139 -19.19 -14.99 9.60
CA SER A 139 -19.33 -14.45 8.25
C SER A 139 -18.85 -15.47 7.21
N MET A 140 -19.16 -15.19 5.94
CA MET A 140 -18.67 -16.06 4.87
C MET A 140 -17.14 -16.15 4.90
N LYS A 141 -16.48 -15.00 5.08
CA LYS A 141 -15.02 -14.99 5.14
C LYS A 141 -14.52 -15.91 6.23
N ASP A 142 -15.23 -15.96 7.36
CA ASP A 142 -14.85 -16.87 8.44
C ASP A 142 -14.86 -18.32 7.97
N PHE A 143 -15.93 -18.72 7.27
CA PHE A 143 -16.00 -20.10 6.78
C PHE A 143 -14.90 -20.38 5.78
N ILE A 144 -14.70 -19.47 4.83
CA ILE A 144 -13.67 -19.67 3.81
C ILE A 144 -12.29 -19.72 4.44
N ASN A 145 -12.03 -18.84 5.42
CA ASN A 145 -10.74 -18.86 6.11
C ASN A 145 -10.48 -20.23 6.74
N GLY A 146 -11.51 -20.79 7.40
CA GLY A 146 -11.35 -22.09 8.04
C GLY A 146 -11.16 -23.23 7.06
N GLN A 147 -11.62 -23.08 5.83
CA GLN A 147 -11.49 -24.14 4.83
C GLN A 147 -10.20 -24.05 4.04
N MET A 148 -9.59 -22.86 3.94
CA MET A 148 -8.37 -22.71 3.16
C MET A 148 -7.29 -23.61 3.71
N THR A 149 -6.73 -24.44 2.84
CA THR A 149 -5.76 -25.43 3.24
C THR A 149 -4.36 -24.83 3.26
N ASP A 150 -3.45 -25.55 3.92
CA ASP A 150 -2.08 -25.05 4.05
C ASP A 150 -1.45 -24.86 2.69
N GLU A 151 -1.69 -25.79 1.76
CA GLU A 151 -1.04 -25.74 0.45
C GLU A 151 -1.55 -24.54 -0.34
N VAL A 152 -2.84 -24.22 -0.22
CA VAL A 152 -3.40 -23.08 -0.96
C VAL A 152 -2.90 -21.77 -0.38
N LYS A 153 -2.91 -21.63 0.95
CA LYS A 153 -2.41 -20.41 1.55
C LYS A 153 -0.93 -20.21 1.23
N ALA A 154 -0.14 -21.28 1.25
CA ALA A 154 1.24 -21.14 0.81
C ALA A 154 1.31 -20.69 -0.65
N ALA A 155 0.42 -21.22 -1.49
CA ALA A 155 0.46 -20.86 -2.91
C ALA A 155 0.06 -19.41 -3.14
N THR A 156 -0.92 -18.89 -2.40
CA THR A 156 -1.25 -17.48 -2.55
C THR A 156 -0.13 -16.60 -2.00
N ASN A 157 0.66 -17.10 -1.04
CA ASN A 157 1.79 -16.32 -0.54
C ASN A 157 2.91 -16.20 -1.56
N THR A 158 3.06 -17.17 -2.46
CA THR A 158 4.05 -17.00 -3.53
C THR A 158 3.64 -15.95 -4.55
N GLN A 159 2.42 -15.42 -4.48
CA GLN A 159 1.84 -14.48 -5.43
C GLN A 159 1.50 -15.11 -6.77
N ILE A 160 1.54 -16.44 -6.87
CA ILE A 160 1.28 -17.09 -8.17
C ILE A 160 -0.19 -16.99 -8.58
N PHE A 161 -1.13 -17.03 -7.62
CA PHE A 161 -2.52 -16.79 -7.97
C PHE A 161 -3.24 -16.13 -6.79
N SER A 162 -4.44 -15.61 -7.08
CA SER A 162 -5.32 -15.00 -6.08
C SER A 162 -6.73 -15.54 -6.27
N ILE A 163 -7.45 -15.69 -5.16
CA ILE A 163 -8.85 -16.15 -5.17
C ILE A 163 -9.75 -14.96 -4.89
N ASN A 164 -10.79 -14.81 -5.73
CA ASN A 164 -11.68 -13.65 -5.68
C ASN A 164 -13.02 -13.98 -5.00
N GLN A 165 -13.80 -12.92 -4.73
CA GLN A 165 -15.12 -13.00 -4.09
C GLN A 165 -15.13 -13.84 -2.80
N THR A 166 -14.03 -13.83 -2.03
CA THR A 166 -14.07 -14.49 -0.73
C THR A 166 -14.67 -13.60 0.36
N ASP A 167 -15.05 -12.37 0.00
CA ASP A 167 -15.34 -11.33 0.98
C ASP A 167 -16.52 -10.47 0.56
N LYS A 168 -17.32 -10.92 -0.42
CA LYS A 168 -18.40 -10.14 -0.99
C LYS A 168 -19.30 -11.10 -1.76
N GLY A 169 -20.47 -10.58 -2.16
CA GLY A 169 -21.37 -11.35 -3.00
C GLY A 169 -20.72 -11.78 -4.30
N GLN A 170 -21.21 -12.90 -4.84
CA GLN A 170 -20.58 -13.49 -6.03
C GLN A 170 -20.92 -12.70 -7.29
N GLY A 171 -22.20 -12.38 -7.47
CA GLY A 171 -22.64 -11.71 -8.70
C GLY A 171 -22.25 -12.47 -9.95
N HIS A 172 -21.76 -11.73 -10.94
CA HIS A 172 -21.16 -12.28 -12.18
C HIS A 172 -22.11 -13.26 -12.89
N ILE A 173 -23.30 -12.78 -13.21
CA ILE A 173 -24.35 -13.62 -13.79
C ILE A 173 -25.39 -12.72 -14.44
N ILE A 174 -26.01 -13.21 -15.51
CA ILE A 174 -27.13 -12.55 -16.18
C ILE A 174 -28.38 -13.40 -15.97
N ILE A 175 -29.47 -12.78 -15.51
CA ILE A 175 -30.73 -13.52 -15.37
C ILE A 175 -31.44 -13.63 -16.71
N ASP A 176 -32.53 -14.40 -16.72
CA ASP A 176 -33.39 -14.62 -17.88
C ASP A 176 -34.37 -13.45 -17.97
N TYR A 177 -34.02 -12.42 -18.75
CA TYR A 177 -34.92 -11.28 -18.88
C TYR A 177 -36.18 -11.62 -19.68
N PRO A 178 -36.11 -12.42 -20.76
CA PRO A 178 -37.37 -12.85 -21.40
C PRO A 178 -38.34 -13.50 -20.44
N ARG A 179 -37.87 -14.35 -19.51
CA ARG A 179 -38.77 -14.96 -18.53
C ARG A 179 -39.51 -13.90 -17.73
N LEU A 180 -38.78 -12.88 -17.25
CA LEU A 180 -39.40 -11.81 -16.48
C LEU A 180 -40.37 -11.01 -17.33
N LEU A 181 -39.89 -10.50 -18.47
CA LEU A 181 -40.63 -9.51 -19.22
C LEU A 181 -41.73 -10.11 -20.06
N ASN A 182 -41.62 -11.38 -20.45
CA ASN A 182 -42.65 -11.98 -21.28
C ASN A 182 -43.77 -12.60 -20.47
N HIS A 183 -43.65 -12.64 -19.14
CA HIS A 183 -44.66 -13.23 -18.28
C HIS A 183 -45.21 -12.25 -17.25
N GLY A 184 -44.38 -11.41 -16.66
CA GLY A 184 -44.83 -10.57 -15.56
C GLY A 184 -44.87 -11.34 -14.26
N LEU A 185 -44.83 -10.59 -13.15
CA LEU A 185 -44.66 -11.23 -11.85
C LEU A 185 -45.87 -12.06 -11.45
N GLY A 186 -47.07 -11.67 -11.87
CA GLY A 186 -48.25 -12.46 -11.54
C GLY A 186 -48.14 -13.89 -12.02
N GLU A 187 -47.81 -14.08 -13.30
CA GLU A 187 -47.70 -15.45 -13.79
C GLU A 187 -46.53 -16.18 -13.13
N LEU A 188 -45.42 -15.49 -12.86
CA LEU A 188 -44.32 -16.17 -12.21
C LEU A 188 -44.68 -16.62 -10.79
N VAL A 189 -45.45 -15.81 -10.06
CA VAL A 189 -45.94 -16.24 -8.74
C VAL A 189 -46.81 -17.48 -8.88
N ALA A 190 -47.74 -17.47 -9.83
CA ALA A 190 -48.62 -18.62 -10.03
C ALA A 190 -47.82 -19.89 -10.34
N GLN A 191 -46.78 -19.78 -11.18
CA GLN A 191 -45.96 -20.96 -11.48
C GLN A 191 -45.16 -21.41 -10.25
N MET A 192 -44.70 -20.47 -9.42
CA MET A 192 -43.93 -20.86 -8.25
C MET A 192 -44.85 -21.48 -7.20
N GLN A 193 -46.08 -20.96 -7.10
CA GLN A 193 -47.08 -21.58 -6.23
C GLN A 193 -47.26 -23.05 -6.59
N GLN A 194 -47.32 -23.35 -7.89
CA GLN A 194 -47.44 -24.75 -8.35
C GLN A 194 -46.23 -25.58 -7.94
N HIS A 195 -45.03 -25.02 -8.06
CA HIS A 195 -43.84 -25.75 -7.60
C HIS A 195 -43.92 -26.04 -6.11
N CYS A 196 -44.29 -25.03 -5.31
CA CYS A 196 -44.36 -25.22 -3.86
C CYS A 196 -45.43 -26.23 -3.49
N GLN A 197 -46.51 -26.28 -4.28
CA GLN A 197 -47.55 -27.28 -4.03
C GLN A 197 -47.03 -28.68 -4.38
N GLN A 198 -46.29 -28.81 -5.48
CA GLN A 198 -45.77 -30.11 -5.89
C GLN A 198 -44.65 -30.59 -4.98
N GLN A 199 -43.86 -29.68 -4.41
CA GLN A 199 -42.70 -30.03 -3.59
C GLN A 199 -42.70 -29.14 -2.35
N PRO A 200 -43.59 -29.42 -1.39
CA PRO A 200 -43.77 -28.49 -0.26
C PRO A 200 -42.61 -28.46 0.72
N GLU A 201 -41.70 -29.44 0.65
CA GLU A 201 -40.49 -29.49 1.48
C GLU A 201 -39.31 -28.72 0.89
N ASN A 202 -39.43 -28.23 -0.34
CA ASN A 202 -38.29 -27.65 -1.06
C ASN A 202 -38.11 -26.20 -0.62
N HIS A 203 -37.02 -25.92 0.10
CA HIS A 203 -36.81 -24.57 0.64
C HIS A 203 -36.50 -23.56 -0.44
N PHE A 204 -35.85 -23.97 -1.53
CA PHE A 204 -35.57 -23.05 -2.64
C PHE A 204 -36.87 -22.51 -3.24
N TYR A 205 -37.82 -23.40 -3.56
CA TYR A 205 -39.11 -22.96 -4.07
C TYR A 205 -39.80 -22.02 -3.08
N GLN A 206 -39.80 -22.40 -1.80
CA GLN A 206 -40.44 -21.57 -0.78
C GLN A 206 -39.81 -20.17 -0.75
N ALA A 207 -38.48 -20.12 -0.80
CA ALA A 207 -37.76 -18.84 -0.79
C ALA A 207 -38.05 -18.03 -2.03
N ALA A 208 -38.06 -18.67 -3.21
CA ALA A 208 -38.31 -17.93 -4.45
C ALA A 208 -39.71 -17.33 -4.49
N LEU A 209 -40.71 -18.10 -4.02
CA LEU A 209 -42.08 -17.59 -3.98
C LEU A 209 -42.19 -16.36 -3.12
N LEU A 210 -41.68 -16.42 -1.88
CA LEU A 210 -41.84 -15.28 -0.99
C LEU A 210 -41.08 -14.07 -1.51
N LEU A 211 -40.00 -14.28 -2.27
CA LEU A 211 -39.27 -13.14 -2.84
C LEU A 211 -39.99 -12.56 -4.05
N LEU A 212 -40.63 -13.40 -4.86
CA LEU A 212 -41.47 -12.86 -5.93
C LEU A 212 -42.60 -12.03 -5.32
N GLU A 213 -43.23 -12.56 -4.27
CA GLU A 213 -44.30 -11.82 -3.60
C GLU A 213 -43.75 -10.54 -2.96
N ALA A 214 -42.58 -10.61 -2.35
CA ALA A 214 -42.01 -9.39 -1.76
C ALA A 214 -41.61 -8.40 -2.84
N SER A 215 -41.18 -8.88 -4.01
CA SER A 215 -40.87 -7.97 -5.10
C SER A 215 -42.09 -7.18 -5.50
N GLN A 216 -43.25 -7.83 -5.55
CA GLN A 216 -44.50 -7.15 -5.90
C GLN A 216 -44.81 -6.02 -4.91
N LYS A 217 -44.69 -6.31 -3.61
CA LYS A 217 -44.97 -5.30 -2.59
C LYS A 217 -43.98 -4.14 -2.66
N HIS A 218 -42.71 -4.44 -2.96
CA HIS A 218 -41.72 -3.37 -3.06
C HIS A 218 -42.04 -2.46 -4.22
N ILE A 219 -42.46 -3.03 -5.34
CA ILE A 219 -42.89 -2.23 -6.48
C ILE A 219 -44.08 -1.37 -6.09
N LEU A 220 -45.00 -1.94 -5.31
CA LEU A 220 -46.18 -1.18 -4.91
C LEU A 220 -45.84 -0.09 -3.91
N ARG A 221 -44.75 -0.25 -3.14
CA ARG A 221 -44.28 0.86 -2.31
C ARG A 221 -43.97 2.08 -3.17
N TYR A 222 -43.31 1.85 -4.32
CA TYR A 222 -43.01 2.96 -5.21
C TYR A 222 -44.28 3.47 -5.89
N ALA A 223 -45.20 2.57 -6.23
CA ALA A 223 -46.46 3.01 -6.83
C ALA A 223 -47.19 3.98 -5.91
N GLU A 224 -47.24 3.65 -4.62
CA GLU A 224 -47.91 4.48 -3.62
C GLU A 224 -47.17 5.81 -3.45
N LEU A 225 -45.84 5.78 -3.44
CA LEU A 225 -45.08 7.02 -3.28
C LEU A 225 -45.27 7.94 -4.48
N ALA A 226 -45.21 7.39 -5.70
CA ALA A 226 -45.38 8.21 -6.90
C ALA A 226 -46.74 8.90 -6.90
N GLU A 227 -47.79 8.15 -6.55
CA GLU A 227 -49.14 8.72 -6.53
C GLU A 227 -49.22 9.84 -5.51
N THR A 228 -48.57 9.66 -4.36
CA THR A 228 -48.52 10.71 -3.36
C THR A 228 -47.73 11.91 -3.87
N MET A 229 -46.59 11.67 -4.51
CA MET A 229 -45.77 12.78 -4.96
C MET A 229 -46.50 13.59 -6.02
N ALA A 230 -47.23 12.90 -6.90
CA ALA A 230 -48.01 13.57 -7.95
C ALA A 230 -48.95 14.62 -7.37
N ALA A 231 -49.71 14.27 -6.34
CA ALA A 231 -50.66 15.22 -5.76
C ALA A 231 -49.95 16.40 -5.11
N ASN A 232 -48.74 16.19 -4.60
CA ASN A 232 -47.96 17.25 -3.96
C ASN A 232 -47.07 18.00 -4.95
N CYS A 233 -47.22 17.71 -6.25
CA CYS A 233 -46.39 18.31 -7.28
C CYS A 233 -47.15 19.43 -7.98
N THR A 234 -46.53 20.60 -8.07
CA THR A 234 -47.16 21.79 -8.63
C THR A 234 -46.73 22.08 -10.06
N ASP A 235 -45.93 21.21 -10.65
CA ASP A 235 -45.59 21.30 -12.06
C ASP A 235 -46.49 20.34 -12.81
N ALA A 236 -47.22 20.85 -13.81
CA ALA A 236 -48.19 20.00 -14.47
C ALA A 236 -47.50 18.91 -15.27
N GLN A 237 -46.35 19.20 -15.88
CA GLN A 237 -45.65 18.17 -16.63
C GLN A 237 -45.10 17.09 -15.70
N ARG A 238 -44.50 17.49 -14.58
CA ARG A 238 -43.96 16.49 -13.66
C ARG A 238 -45.07 15.69 -13.00
N ARG A 239 -46.18 16.35 -12.65
CA ARG A 239 -47.33 15.62 -12.12
C ARG A 239 -47.73 14.47 -13.03
N GLU A 240 -47.82 14.74 -14.34
CA GLU A 240 -48.26 13.72 -15.27
C GLU A 240 -47.25 12.58 -15.32
N GLU A 241 -45.96 12.93 -15.25
CA GLU A 241 -44.90 11.92 -15.21
C GLU A 241 -45.03 11.04 -13.97
N LEU A 242 -45.21 11.66 -12.80
CA LEU A 242 -45.36 10.89 -11.57
C LEU A 242 -46.62 10.02 -11.58
N LEU A 243 -47.72 10.55 -12.13
CA LEU A 243 -48.93 9.73 -12.25
C LEU A 243 -48.69 8.52 -13.15
N THR A 244 -47.89 8.69 -14.19
CA THR A 244 -47.60 7.58 -15.08
C THR A 244 -46.69 6.57 -14.41
N ILE A 245 -45.67 7.06 -13.71
CA ILE A 245 -44.80 6.15 -12.96
C ILE A 245 -45.63 5.34 -11.98
N ALA A 246 -46.58 5.99 -11.31
CA ALA A 246 -47.47 5.30 -10.38
C ALA A 246 -48.29 4.23 -11.08
N GLU A 247 -48.89 4.57 -12.23
CA GLU A 247 -49.72 3.62 -12.96
C GLU A 247 -48.89 2.45 -13.48
N ILE A 248 -47.73 2.76 -14.08
CA ILE A 248 -46.84 1.71 -14.59
C ILE A 248 -46.41 0.80 -13.45
N SER A 249 -46.11 1.38 -12.27
CA SER A 249 -45.67 0.54 -11.15
C SER A 249 -46.79 -0.39 -10.69
N ARG A 250 -48.03 0.09 -10.65
CA ARG A 250 -49.13 -0.82 -10.34
C ARG A 250 -49.26 -1.91 -11.38
N HIS A 251 -49.06 -1.56 -12.65
CA HIS A 251 -49.06 -2.56 -13.72
C HIS A 251 -47.92 -3.56 -13.51
N ASN A 252 -46.72 -3.06 -13.19
CA ASN A 252 -45.53 -3.91 -12.98
C ASN A 252 -45.71 -4.92 -11.85
N ALA A 253 -46.54 -4.60 -10.85
CA ALA A 253 -46.68 -5.50 -9.71
C ALA A 253 -47.19 -6.87 -10.13
N GLN A 254 -47.92 -6.94 -11.24
CA GLN A 254 -48.63 -8.18 -11.57
C GLN A 254 -48.54 -8.53 -13.05
N HIS A 255 -48.77 -7.57 -13.95
CA HIS A 255 -48.96 -7.86 -15.38
C HIS A 255 -47.64 -7.99 -16.14
N LYS A 256 -47.69 -8.75 -17.25
CA LYS A 256 -46.58 -8.69 -18.18
C LYS A 256 -46.54 -7.31 -18.85
N PRO A 257 -45.36 -6.72 -19.01
CA PRO A 257 -45.25 -5.42 -19.68
C PRO A 257 -45.81 -5.48 -21.10
N GLN A 258 -46.39 -4.36 -21.53
CA GLN A 258 -46.82 -4.16 -22.91
C GLN A 258 -45.98 -3.10 -23.61
N THR A 259 -45.79 -1.95 -22.97
CA THR A 259 -45.09 -0.82 -23.56
C THR A 259 -43.64 -0.81 -23.16
N PHE A 260 -42.87 0.04 -23.85
CA PHE A 260 -41.45 0.19 -23.58
C PHE A 260 -41.23 0.70 -22.16
N TRP A 261 -42.02 1.68 -21.73
CA TRP A 261 -41.86 2.22 -20.38
C TRP A 261 -42.19 1.17 -19.34
N GLN A 262 -43.24 0.38 -19.58
CA GLN A 262 -43.59 -0.68 -18.64
C GLN A 262 -42.45 -1.69 -18.53
N ALA A 263 -41.88 -2.10 -19.67
CA ALA A 263 -40.80 -3.08 -19.67
C ALA A 263 -39.55 -2.53 -18.98
N CYS A 264 -39.15 -1.29 -19.32
CA CYS A 264 -37.97 -0.71 -18.71
C CYS A 264 -38.14 -0.58 -17.20
N GLN A 265 -39.35 -0.24 -16.75
CA GLN A 265 -39.57 -0.01 -15.32
C GLN A 265 -39.58 -1.33 -14.54
N LEU A 266 -40.25 -2.37 -15.07
CA LEU A 266 -40.16 -3.69 -14.45
C LEU A 266 -38.72 -4.22 -14.44
N PHE A 267 -38.04 -4.08 -15.58
CA PHE A 267 -36.62 -4.40 -15.70
C PHE A 267 -35.81 -3.73 -14.60
N TRP A 268 -35.98 -2.43 -14.41
CA TRP A 268 -35.11 -1.75 -13.45
C TRP A 268 -35.49 -2.10 -12.01
N TYR A 269 -36.79 -2.27 -11.72
CA TYR A 269 -37.20 -2.65 -10.37
C TYR A 269 -36.54 -3.97 -9.97
N MET A 270 -36.62 -4.99 -10.84
CA MET A 270 -35.99 -6.27 -10.51
C MET A 270 -34.47 -6.17 -10.39
N ASN A 271 -33.83 -5.29 -11.16
CA ASN A 271 -32.38 -5.15 -11.03
C ASN A 271 -32.01 -4.58 -9.66
N ILE A 272 -32.74 -3.58 -9.19
CA ILE A 272 -32.48 -3.06 -7.84
C ILE A 272 -32.76 -4.15 -6.83
N ILE A 273 -33.87 -4.87 -6.98
CA ILE A 273 -34.21 -5.92 -6.03
C ILE A 273 -33.13 -6.99 -6.03
N LEU A 274 -32.61 -7.35 -7.20
CA LEU A 274 -31.52 -8.33 -7.26
C LEU A 274 -30.27 -7.79 -6.55
N GLN A 275 -30.01 -6.48 -6.60
CA GLN A 275 -28.88 -5.97 -5.84
C GLN A 275 -29.12 -6.10 -4.33
N TYR A 276 -30.37 -5.93 -3.88
CA TYR A 276 -30.64 -6.13 -2.46
C TYR A 276 -30.32 -7.55 -2.06
N GLU A 277 -30.69 -8.52 -2.89
CA GLU A 277 -30.39 -9.91 -2.56
C GLU A 277 -28.89 -10.16 -2.56
N SER A 278 -28.17 -9.68 -3.58
CA SER A 278 -26.80 -10.12 -3.80
C SER A 278 -25.73 -9.14 -3.34
N ASN A 279 -25.95 -7.84 -3.53
CA ASN A 279 -24.95 -6.78 -3.28
C ASN A 279 -23.60 -7.12 -3.90
N ALA A 280 -23.59 -7.21 -5.23
CA ALA A 280 -22.44 -7.80 -5.92
C ALA A 280 -22.23 -7.11 -7.26
N SER A 281 -21.04 -7.34 -7.84
CA SER A 281 -20.67 -6.79 -9.14
C SER A 281 -21.20 -7.67 -10.26
N SER A 282 -21.34 -7.06 -11.43
CA SER A 282 -21.58 -7.76 -12.68
C SER A 282 -22.83 -8.64 -12.62
N LEU A 283 -23.93 -8.07 -12.15
CA LEU A 283 -25.26 -8.60 -12.46
C LEU A 283 -25.63 -8.03 -13.83
N SER A 284 -25.03 -8.60 -14.86
CA SER A 284 -25.04 -7.98 -16.18
C SER A 284 -26.39 -8.14 -16.87
N LEU A 285 -26.54 -7.51 -18.05
CA LEU A 285 -27.87 -7.24 -18.60
C LEU A 285 -28.23 -8.07 -19.81
N GLY A 286 -27.29 -8.83 -20.40
CA GLY A 286 -27.67 -9.67 -21.52
C GLY A 286 -27.89 -8.86 -22.79
N ARG A 287 -28.75 -9.39 -23.67
CA ARG A 287 -28.94 -8.82 -25.01
C ARG A 287 -30.15 -7.89 -25.00
N PHE A 288 -29.94 -6.72 -24.38
CA PHE A 288 -30.99 -5.74 -24.16
C PHE A 288 -31.75 -5.41 -25.45
N ASP A 289 -31.03 -5.17 -26.55
CA ASP A 289 -31.70 -4.81 -27.79
C ASP A 289 -32.58 -5.94 -28.31
N GLN A 290 -32.34 -7.18 -27.91
CA GLN A 290 -33.15 -8.30 -28.38
C GLN A 290 -34.42 -8.45 -27.53
N TYR A 291 -34.27 -8.60 -26.21
CA TYR A 291 -35.45 -8.86 -25.42
C TYR A 291 -36.31 -7.62 -25.18
N MET A 292 -35.78 -6.40 -25.42
CA MET A 292 -36.62 -5.22 -25.27
C MET A 292 -37.34 -4.83 -26.55
N LEU A 293 -36.95 -5.42 -27.69
CA LEU A 293 -37.51 -5.03 -28.98
C LEU A 293 -39.03 -5.12 -29.06
N PRO A 294 -39.68 -6.21 -28.61
CA PRO A 294 -41.16 -6.26 -28.69
C PRO A 294 -41.86 -5.09 -28.04
N PHE A 295 -41.32 -4.59 -26.93
CA PHE A 295 -41.98 -3.54 -26.19
C PHE A 295 -41.74 -2.18 -26.84
N TYR A 296 -40.52 -1.97 -27.33
CA TYR A 296 -40.25 -0.77 -28.13
C TYR A 296 -41.15 -0.72 -29.36
N GLN A 297 -41.31 -1.85 -30.06
CA GLN A 297 -42.18 -1.88 -31.23
C GLN A 297 -43.64 -1.62 -30.88
N THR A 298 -44.15 -2.24 -29.81
CA THR A 298 -45.53 -1.96 -29.40
C THR A 298 -45.73 -0.47 -29.12
N SER A 299 -44.80 0.15 -28.39
CA SER A 299 -44.90 1.57 -28.11
C SER A 299 -44.96 2.40 -29.38
N LEU A 300 -44.11 2.07 -30.37
CA LEU A 300 -44.16 2.82 -31.63
C LEU A 300 -45.49 2.62 -32.34
N THR A 301 -45.95 1.37 -32.43
CA THR A 301 -47.21 1.14 -33.15
C THR A 301 -48.41 1.70 -32.40
N GLN A 302 -48.33 1.88 -31.08
CA GLN A 302 -49.40 2.54 -30.35
C GLN A 302 -49.25 4.06 -30.37
N GLY A 303 -48.31 4.58 -31.16
CA GLY A 303 -48.20 5.99 -31.42
C GLY A 303 -47.39 6.81 -30.45
N GLU A 304 -46.59 6.17 -29.58
CA GLU A 304 -45.80 6.98 -28.66
C GLU A 304 -44.70 7.73 -29.41
N ASP A 305 -44.21 8.79 -28.77
CA ASP A 305 -43.23 9.69 -29.36
C ASP A 305 -41.85 9.03 -29.31
N ALA A 306 -41.22 8.84 -30.49
CA ALA A 306 -39.90 8.20 -30.50
C ALA A 306 -38.86 9.01 -29.72
N ALA A 307 -38.98 10.34 -29.68
CA ALA A 307 -38.04 11.15 -28.92
C ALA A 307 -38.16 10.88 -27.42
N PHE A 308 -39.39 10.69 -26.93
CA PHE A 308 -39.56 10.38 -25.51
C PHE A 308 -39.00 9.00 -25.20
N LEU A 309 -39.25 8.01 -26.07
CA LEU A 309 -38.69 6.69 -25.86
C LEU A 309 -37.16 6.74 -25.79
N LYS A 310 -36.52 7.56 -26.62
CA LYS A 310 -35.07 7.71 -26.55
C LYS A 310 -34.65 8.38 -25.25
N GLU A 311 -35.38 9.42 -24.83
CA GLU A 311 -35.07 10.10 -23.57
C GLU A 311 -35.24 9.15 -22.39
N LEU A 312 -36.27 8.33 -22.44
CA LEU A 312 -36.49 7.32 -21.41
C LEU A 312 -35.29 6.37 -21.33
N LEU A 313 -34.82 5.90 -22.48
CA LEU A 313 -33.65 5.02 -22.51
C LEU A 313 -32.40 5.73 -22.03
N GLU A 314 -32.19 6.99 -22.46
CA GLU A 314 -31.08 7.75 -21.90
C GLU A 314 -31.18 7.82 -20.38
N SER A 315 -32.39 8.06 -19.86
CA SER A 315 -32.53 8.13 -18.41
C SER A 315 -32.22 6.79 -17.75
N LEU A 316 -32.53 5.69 -18.44
CA LEU A 316 -32.24 4.36 -17.90
C LEU A 316 -30.73 4.11 -17.87
N TRP A 317 -30.02 4.58 -18.88
CA TRP A 317 -28.55 4.53 -18.84
C TRP A 317 -28.01 5.28 -17.62
N VAL A 318 -28.59 6.44 -17.30
CA VAL A 318 -28.17 7.18 -16.11
C VAL A 318 -28.40 6.35 -14.85
N LYS A 319 -29.56 5.67 -14.77
CA LYS A 319 -29.88 4.82 -13.61
C LYS A 319 -28.78 3.81 -13.34
N CYS A 320 -28.22 3.22 -14.40
CA CYS A 320 -27.17 2.23 -14.26
C CYS A 320 -25.94 2.78 -13.54
N ASN A 321 -25.73 4.08 -13.58
CA ASN A 321 -24.55 4.67 -12.96
C ASN A 321 -24.74 5.00 -11.49
N ASP A 322 -25.87 4.67 -10.90
CA ASP A 322 -26.02 4.88 -9.47
C ASP A 322 -25.36 3.78 -8.64
N ILE A 323 -24.92 2.69 -9.27
CA ILE A 323 -24.50 1.49 -8.56
C ILE A 323 -22.97 1.38 -8.64
N VAL A 324 -22.31 1.47 -7.50
CA VAL A 324 -20.88 1.23 -7.37
C VAL A 324 -20.69 0.25 -6.22
N LEU A 325 -19.75 -0.67 -6.36
CA LEU A 325 -19.58 -1.72 -5.35
C LEU A 325 -18.41 -1.38 -4.42
N LEU A 326 -18.61 -1.68 -3.14
CA LEU A 326 -17.62 -1.41 -2.10
C LEU A 326 -16.64 -2.58 -1.99
N ARG A 327 -15.34 -2.26 -1.94
CA ARG A 327 -14.32 -3.30 -1.82
C ARG A 327 -13.17 -2.80 -0.98
N SER A 328 -12.36 -3.74 -0.49
CA SER A 328 -11.22 -3.42 0.35
C SER A 328 -10.12 -2.73 -0.44
N THR A 329 -9.17 -2.16 0.31
CA THR A 329 -8.06 -1.46 -0.34
C THR A 329 -7.22 -2.40 -1.20
N SER A 330 -6.93 -3.62 -0.71
CA SER A 330 -6.20 -4.55 -1.56
C SER A 330 -7.04 -4.99 -2.75
N SER A 331 -8.34 -5.25 -2.53
CA SER A 331 -9.23 -5.62 -3.63
C SER A 331 -9.29 -4.52 -4.69
N ALA A 332 -9.30 -3.25 -4.28
CA ALA A 332 -9.41 -2.14 -5.22
C ALA A 332 -8.18 -1.99 -6.08
N ARG A 333 -7.05 -2.60 -5.70
CA ARG A 333 -5.90 -2.64 -6.61
C ARG A 333 -6.21 -3.49 -7.84
N TYR A 334 -6.97 -4.57 -7.65
CA TYR A 334 -7.31 -5.50 -8.71
C TYR A 334 -8.55 -5.09 -9.49
N PHE A 335 -9.44 -4.32 -8.87
CA PHE A 335 -10.74 -4.00 -9.44
C PHE A 335 -11.05 -2.51 -9.24
N ALA A 336 -10.16 -1.65 -9.71
CA ALA A 336 -10.17 -0.23 -9.37
C ALA A 336 -11.18 0.57 -10.17
N GLY A 337 -11.78 1.58 -9.53
CA GLY A 337 -12.57 2.55 -10.27
C GLY A 337 -13.97 2.11 -10.64
N PHE A 338 -14.52 1.10 -9.96
CA PHE A 338 -15.92 0.69 -10.01
C PHE A 338 -16.29 -0.02 -11.31
N PRO A 339 -15.74 -1.20 -11.56
CA PRO A 339 -16.17 -2.02 -12.73
C PRO A 339 -17.52 -2.69 -12.46
N THR A 340 -18.58 -1.87 -12.44
CA THR A 340 -19.89 -2.33 -12.00
C THR A 340 -20.44 -3.44 -12.89
N GLY A 341 -20.16 -3.39 -14.18
CA GLY A 341 -20.59 -4.47 -15.07
C GLY A 341 -22.07 -4.54 -15.42
N TYR A 342 -22.74 -3.40 -15.57
CA TYR A 342 -24.05 -3.43 -16.22
C TYR A 342 -23.83 -3.49 -17.73
N THR A 343 -23.40 -4.67 -18.14
CA THR A 343 -22.92 -4.95 -19.50
C THR A 343 -24.07 -5.45 -20.35
N ALA A 344 -24.32 -4.77 -21.48
CA ALA A 344 -25.35 -5.20 -22.41
C ALA A 344 -24.72 -5.32 -23.79
N LEU A 345 -25.03 -6.39 -24.50
CA LEU A 345 -24.51 -6.57 -25.84
C LEU A 345 -25.60 -6.33 -26.88
N LEU A 346 -25.18 -5.89 -28.05
CA LEU A 346 -26.07 -5.44 -29.10
C LEU A 346 -25.73 -6.18 -30.38
N GLY A 347 -26.75 -6.38 -31.22
CA GLY A 347 -26.52 -7.09 -32.48
C GLY A 347 -26.29 -8.57 -32.24
N GLY A 348 -25.49 -9.17 -33.12
CA GLY A 348 -25.18 -10.58 -33.00
C GLY A 348 -25.91 -11.44 -33.99
N LEU A 349 -26.26 -12.65 -33.57
CA LEU A 349 -26.92 -13.62 -34.43
C LEU A 349 -28.32 -13.93 -33.89
N THR A 350 -29.20 -14.31 -34.80
CA THR A 350 -30.48 -14.90 -34.45
C THR A 350 -30.31 -16.39 -34.25
N GLU A 351 -31.41 -17.07 -33.94
CA GLU A 351 -31.38 -18.49 -33.67
C GLU A 351 -30.87 -19.31 -34.85
N ASN A 352 -31.17 -18.88 -36.08
CA ASN A 352 -30.75 -19.60 -37.27
C ASN A 352 -29.40 -19.09 -37.81
N GLY A 353 -28.71 -18.23 -37.07
CA GLY A 353 -27.42 -17.77 -37.49
C GLY A 353 -27.42 -16.59 -38.43
N ARG A 354 -28.54 -15.90 -38.59
CA ARG A 354 -28.60 -14.70 -39.40
C ARG A 354 -28.40 -13.48 -38.50
N SER A 355 -28.34 -12.28 -39.09
CA SER A 355 -28.01 -11.09 -38.31
C SER A 355 -29.15 -10.65 -37.40
N ALA A 356 -28.80 -10.30 -36.16
CA ALA A 356 -29.77 -9.89 -35.16
C ALA A 356 -29.85 -8.38 -34.97
N VAL A 357 -29.13 -7.60 -35.78
CA VAL A 357 -29.15 -6.15 -35.66
C VAL A 357 -30.58 -5.64 -35.86
N ASN A 358 -31.04 -4.76 -34.98
CA ASN A 358 -32.38 -4.22 -35.09
C ASN A 358 -32.37 -2.75 -34.70
N VAL A 359 -33.56 -2.14 -34.67
CA VAL A 359 -33.65 -0.70 -34.45
C VAL A 359 -33.12 -0.31 -33.08
N LEU A 360 -33.28 -1.20 -32.07
CA LEU A 360 -32.76 -0.90 -30.73
C LEU A 360 -31.25 -1.04 -30.64
N SER A 361 -30.64 -1.86 -31.50
CA SER A 361 -29.18 -1.92 -31.54
C SER A 361 -28.63 -0.53 -31.77
N PHE A 362 -29.19 0.19 -32.74
CA PHE A 362 -28.78 1.55 -33.04
C PHE A 362 -29.16 2.50 -31.91
N LEU A 363 -30.42 2.44 -31.48
CA LEU A 363 -30.91 3.37 -30.46
C LEU A 363 -30.09 3.27 -29.18
N CYS A 364 -29.69 2.05 -28.79
CA CYS A 364 -28.88 1.89 -27.59
C CYS A 364 -27.58 2.69 -27.71
N LEU A 365 -26.96 2.68 -28.89
CA LEU A 365 -25.74 3.44 -29.11
C LEU A 365 -26.03 4.93 -29.18
N ASP A 366 -27.14 5.33 -29.81
CA ASP A 366 -27.44 6.76 -29.86
C ASP A 366 -27.75 7.31 -28.47
N ALA A 367 -28.48 6.54 -27.66
CA ALA A 367 -28.75 6.98 -26.30
C ALA A 367 -27.46 7.05 -25.49
N TYR A 368 -26.53 6.11 -25.75
CA TYR A 368 -25.26 6.16 -25.04
C TYR A 368 -24.47 7.42 -25.39
N GLN A 369 -24.52 7.84 -26.66
CA GLN A 369 -23.80 9.05 -27.07
C GLN A 369 -24.28 10.28 -26.31
N SER A 370 -25.53 10.28 -25.83
CA SER A 370 -26.03 11.39 -25.01
C SER A 370 -25.55 11.31 -23.57
N VAL A 371 -25.15 10.14 -23.10
CA VAL A 371 -24.83 9.94 -21.69
C VAL A 371 -23.34 9.90 -21.45
N GLN A 372 -22.62 9.04 -22.17
CA GLN A 372 -21.15 9.01 -22.11
C GLN A 372 -20.63 8.79 -20.70
N LEU A 373 -21.27 7.89 -19.94
CA LEU A 373 -20.83 7.49 -18.61
C LEU A 373 -20.25 6.08 -18.63
N PRO A 374 -19.60 5.65 -17.54
CA PRO A 374 -19.05 4.27 -17.53
C PRO A 374 -20.09 3.17 -17.70
N GLN A 375 -21.35 3.43 -17.32
CA GLN A 375 -22.41 2.46 -17.51
C GLN A 375 -23.46 3.04 -18.46
N PRO A 376 -24.19 2.19 -19.20
CA PRO A 376 -23.98 0.75 -19.30
C PRO A 376 -22.70 0.43 -20.05
N ASN A 377 -22.06 -0.69 -19.69
CA ASN A 377 -20.87 -1.18 -20.39
C ASN A 377 -21.31 -1.90 -21.67
N LEU A 378 -21.62 -1.11 -22.70
CA LEU A 378 -22.20 -1.69 -23.91
C LEU A 378 -21.14 -2.41 -24.73
N GLY A 379 -21.55 -3.49 -25.37
CA GLY A 379 -20.71 -4.18 -26.31
C GLY A 379 -21.49 -4.45 -27.58
N VAL A 380 -20.78 -4.48 -28.70
CA VAL A 380 -21.37 -4.82 -29.99
C VAL A 380 -20.87 -6.20 -30.39
N ARG A 381 -21.79 -7.11 -30.71
CA ARG A 381 -21.41 -8.42 -31.22
C ARG A 381 -21.15 -8.29 -32.73
N THR A 382 -19.92 -8.55 -33.15
CA THR A 382 -19.60 -8.52 -34.57
C THR A 382 -19.66 -9.94 -35.12
N ASN A 383 -19.78 -10.03 -36.43
CA ASN A 383 -19.69 -11.31 -37.11
C ASN A 383 -19.54 -11.00 -38.61
N ALA A 384 -19.47 -12.06 -39.41
CA ALA A 384 -19.27 -11.86 -40.84
C ALA A 384 -20.46 -11.19 -41.52
N LEU A 385 -21.62 -11.13 -40.85
CA LEU A 385 -22.84 -10.58 -41.41
C LEU A 385 -23.09 -9.13 -41.04
N ILE A 386 -22.28 -8.54 -40.16
CA ILE A 386 -22.62 -7.21 -39.65
C ILE A 386 -22.65 -6.19 -40.79
N ASP A 387 -23.68 -5.34 -40.78
CA ASP A 387 -23.91 -4.38 -41.85
C ASP A 387 -23.09 -3.11 -41.67
N THR A 388 -22.82 -2.43 -42.78
CA THR A 388 -22.01 -1.22 -42.71
C THR A 388 -22.66 -0.10 -41.89
N PRO A 389 -23.97 0.18 -42.00
CA PRO A 389 -24.52 1.24 -41.12
C PRO A 389 -24.31 0.99 -39.63
N PHE A 390 -24.50 -0.25 -39.17
CA PHE A 390 -24.33 -0.53 -37.75
C PHE A 390 -22.86 -0.50 -37.38
N LEU A 391 -21.98 -1.01 -38.26
CA LEU A 391 -20.55 -0.90 -38.05
C LEU A 391 -20.12 0.56 -37.95
N MET A 392 -20.67 1.42 -38.80
CA MET A 392 -20.27 2.82 -38.69
C MET A 392 -20.88 3.52 -37.49
N LYS A 393 -22.10 3.15 -37.08
CA LYS A 393 -22.62 3.69 -35.82
C LYS A 393 -21.74 3.25 -34.65
N THR A 394 -21.29 2.00 -34.68
CA THR A 394 -20.37 1.49 -33.66
C THR A 394 -19.08 2.30 -33.64
N ALA A 395 -18.48 2.50 -34.82
CA ALA A 395 -17.24 3.27 -34.91
C ALA A 395 -17.44 4.70 -34.44
N GLU A 396 -18.56 5.31 -34.82
CA GLU A 396 -18.89 6.67 -34.39
C GLU A 396 -18.96 6.77 -32.87
N THR A 397 -19.60 5.80 -32.23
CA THR A 397 -19.72 5.83 -30.78
C THR A 397 -18.35 5.66 -30.11
N ILE A 398 -17.55 4.71 -30.61
CA ILE A 398 -16.19 4.49 -30.10
C ILE A 398 -15.38 5.79 -30.13
N ARG A 399 -15.56 6.60 -31.18
CA ARG A 399 -14.76 7.81 -31.35
C ARG A 399 -15.01 8.85 -30.26
N PHE A 400 -16.12 8.76 -29.51
CA PHE A 400 -16.30 9.70 -28.40
C PHE A 400 -15.28 9.50 -27.30
N GLY A 401 -14.60 8.35 -27.27
CA GLY A 401 -13.47 8.18 -26.39
C GLY A 401 -13.74 7.65 -25.00
N THR A 402 -14.97 7.20 -24.70
CA THR A 402 -15.19 6.63 -23.37
C THR A 402 -14.76 5.17 -23.27
N GLY A 403 -14.46 4.52 -24.40
CA GLY A 403 -14.15 3.11 -24.40
C GLY A 403 -15.33 2.21 -24.73
N ILE A 404 -16.52 2.78 -24.85
CA ILE A 404 -17.76 2.04 -25.04
C ILE A 404 -18.34 2.43 -26.39
N PRO A 405 -18.76 1.49 -27.25
CA PRO A 405 -18.85 0.05 -26.98
C PRO A 405 -17.55 -0.70 -27.20
N GLN A 406 -17.36 -1.77 -26.44
CA GLN A 406 -16.38 -2.79 -26.77
C GLN A 406 -16.98 -3.76 -27.80
N ILE A 407 -16.14 -4.65 -28.32
CA ILE A 407 -16.48 -5.53 -29.45
C ILE A 407 -16.25 -6.99 -29.07
N PHE A 408 -17.23 -7.85 -29.38
CA PHE A 408 -17.07 -9.29 -29.21
C PHE A 408 -17.37 -9.98 -30.53
N ASN A 409 -16.63 -11.04 -30.82
CA ASN A 409 -16.65 -11.65 -32.15
C ASN A 409 -17.38 -12.99 -32.12
N ASP A 410 -18.62 -13.01 -32.63
CA ASP A 410 -19.39 -14.25 -32.72
C ASP A 410 -18.62 -15.37 -33.43
N GLU A 411 -17.75 -15.02 -34.38
CA GLU A 411 -17.12 -16.03 -35.23
C GLU A 411 -16.25 -16.98 -34.42
N VAL A 412 -15.70 -16.52 -33.29
CA VAL A 412 -14.94 -17.41 -32.43
C VAL A 412 -15.66 -17.73 -31.12
N VAL A 413 -16.52 -16.82 -30.62
CA VAL A 413 -17.20 -17.10 -29.35
C VAL A 413 -18.16 -18.29 -29.48
N VAL A 414 -18.89 -18.38 -30.58
CA VAL A 414 -19.85 -19.49 -30.71
C VAL A 414 -19.13 -20.84 -30.73
N PRO A 415 -18.09 -21.07 -31.53
CA PRO A 415 -17.34 -22.34 -31.42
C PRO A 415 -16.76 -22.56 -30.04
N ALA A 416 -16.27 -21.50 -29.38
CA ALA A 416 -15.76 -21.69 -28.02
C ALA A 416 -16.83 -22.29 -27.11
N PHE A 417 -18.08 -21.83 -27.24
CA PHE A 417 -19.16 -22.37 -26.43
C PHE A 417 -19.56 -23.77 -26.86
N LEU A 418 -19.57 -24.03 -28.18
CA LEU A 418 -19.93 -25.36 -28.66
C LEU A 418 -18.96 -26.40 -28.11
N ASN A 419 -17.68 -26.02 -28.00
CA ASN A 419 -16.67 -26.92 -27.45
C ASN A 419 -16.91 -27.24 -25.98
N ARG A 420 -17.68 -26.40 -25.27
CA ARG A 420 -18.00 -26.64 -23.87
C ARG A 420 -19.37 -27.30 -23.68
N GLY A 421 -19.98 -27.80 -24.74
CA GLY A 421 -21.24 -28.51 -24.61
C GLY A 421 -22.46 -27.63 -24.63
N VAL A 422 -22.33 -26.37 -24.98
CA VAL A 422 -23.47 -25.47 -25.06
C VAL A 422 -24.20 -25.74 -26.37
N SER A 423 -25.52 -25.72 -26.33
CA SER A 423 -26.28 -25.99 -27.53
C SER A 423 -26.06 -24.87 -28.56
N LEU A 424 -26.30 -25.19 -29.82
CA LEU A 424 -26.09 -24.21 -30.88
C LEU A 424 -26.93 -22.97 -30.64
N GLU A 425 -28.20 -23.15 -30.30
CA GLU A 425 -29.08 -22.01 -30.12
C GLU A 425 -28.72 -21.23 -28.86
N ASP A 426 -28.33 -21.93 -27.79
CA ASP A 426 -27.86 -21.23 -26.59
C ASP A 426 -26.58 -20.46 -26.87
N ALA A 427 -25.65 -21.06 -27.61
CA ALA A 427 -24.40 -20.38 -27.91
C ALA A 427 -24.62 -19.13 -28.75
N ARG A 428 -25.51 -19.22 -29.75
CA ARG A 428 -25.76 -18.05 -30.58
C ARG A 428 -26.41 -16.92 -29.80
N ASP A 429 -27.01 -17.24 -28.66
CA ASP A 429 -27.67 -16.27 -27.80
C ASP A 429 -26.75 -15.74 -26.69
N TYR A 430 -25.43 -15.85 -26.84
CA TYR A 430 -24.53 -15.48 -25.74
C TYR A 430 -24.55 -13.97 -25.47
N SER A 431 -24.10 -13.62 -24.28
CA SER A 431 -23.74 -12.25 -23.99
C SER A 431 -22.51 -12.28 -23.10
N VAL A 432 -22.27 -11.19 -22.36
CA VAL A 432 -21.04 -11.05 -21.58
C VAL A 432 -21.38 -10.64 -20.14
N VAL A 433 -20.77 -11.34 -19.19
CA VAL A 433 -20.80 -10.97 -17.78
C VAL A 433 -19.62 -10.07 -17.47
N GLY A 434 -19.88 -8.93 -16.82
CA GLY A 434 -18.78 -8.10 -16.34
C GLY A 434 -17.97 -7.47 -17.46
N CYS A 435 -16.65 -7.64 -17.40
CA CYS A 435 -15.76 -7.06 -18.40
C CYS A 435 -15.84 -7.79 -19.73
N VAL A 436 -15.45 -9.08 -19.75
CA VAL A 436 -15.35 -9.80 -21.03
C VAL A 436 -15.75 -11.26 -20.90
N GLU A 437 -16.43 -11.62 -19.81
CA GLU A 437 -16.65 -13.03 -19.50
C GLU A 437 -17.84 -13.56 -20.29
N LEU A 438 -17.53 -14.43 -21.24
CA LEU A 438 -18.54 -14.99 -22.12
C LEU A 438 -19.51 -15.86 -21.32
N SER A 439 -20.80 -15.62 -21.49
CA SER A 439 -21.80 -16.33 -20.69
C SER A 439 -23.07 -16.53 -21.52
N ILE A 440 -23.89 -17.50 -21.12
CA ILE A 440 -25.17 -17.74 -21.78
C ILE A 440 -26.26 -17.16 -20.88
N PRO A 441 -26.92 -16.07 -21.28
CA PRO A 441 -27.82 -15.36 -20.37
C PRO A 441 -28.98 -16.22 -19.90
N GLY A 442 -29.30 -16.11 -18.61
CA GLY A 442 -30.35 -16.88 -18.00
C GLY A 442 -30.12 -18.36 -17.93
N ARG A 443 -28.91 -18.84 -18.24
CA ARG A 443 -28.64 -20.28 -18.31
C ARG A 443 -27.31 -20.69 -17.69
N THR A 444 -26.57 -19.78 -17.06
CA THR A 444 -25.18 -20.03 -16.73
C THR A 444 -24.87 -19.59 -15.30
N TYR A 445 -24.12 -20.42 -14.60
CA TYR A 445 -23.42 -20.01 -13.39
C TYR A 445 -21.96 -20.31 -13.65
N GLY A 446 -21.20 -19.29 -14.03
CA GLY A 446 -19.84 -19.49 -14.50
C GLY A 446 -18.72 -19.21 -13.52
N LEU A 447 -19.02 -18.74 -12.30
CA LEU A 447 -17.97 -18.20 -11.42
C LEU A 447 -16.92 -17.47 -12.25
N HIS A 448 -17.36 -16.45 -12.98
CA HIS A 448 -16.63 -15.98 -14.14
C HIS A 448 -15.34 -15.25 -13.81
N ASP A 449 -15.12 -14.85 -12.56
CA ASP A 449 -13.85 -14.26 -12.17
C ASP A 449 -13.40 -14.79 -10.82
N ILE A 450 -13.36 -16.11 -10.68
CA ILE A 450 -13.09 -16.70 -9.37
C ILE A 450 -11.61 -16.66 -9.01
N ALA A 451 -10.70 -16.61 -9.99
CA ALA A 451 -9.28 -16.55 -9.63
C ALA A 451 -8.46 -15.96 -10.77
N MET A 452 -7.31 -15.39 -10.41
CA MET A 452 -6.38 -14.81 -11.39
C MET A 452 -5.00 -15.42 -11.16
N PHE A 453 -4.37 -15.86 -12.26
CA PHE A 453 -3.15 -16.66 -12.26
C PHE A 453 -2.02 -15.83 -12.86
N ASN A 454 -0.94 -15.65 -12.09
CA ASN A 454 0.17 -14.76 -12.46
C ASN A 454 1.23 -15.59 -13.19
N LEU A 455 1.09 -15.66 -14.53
CA LEU A 455 2.02 -16.45 -15.33
C LEU A 455 3.47 -15.96 -15.17
N LEU A 456 3.66 -14.63 -15.10
CA LEU A 456 5.05 -14.14 -15.04
C LEU A 456 5.71 -14.48 -13.71
N LYS A 457 4.93 -14.51 -12.62
CA LYS A 457 5.52 -14.90 -11.33
C LYS A 457 5.96 -16.36 -11.35
N VAL A 458 5.17 -17.24 -12.00
CA VAL A 458 5.57 -18.63 -12.16
C VAL A 458 6.92 -18.72 -12.86
N MET A 459 7.06 -17.97 -13.95
CA MET A 459 8.32 -17.95 -14.69
C MET A 459 9.46 -17.43 -13.81
N GLU A 460 9.21 -16.34 -13.09
CA GLU A 460 10.28 -15.74 -12.29
C GLU A 460 10.80 -16.71 -11.24
N ILE A 461 9.90 -17.40 -10.54
CA ILE A 461 10.34 -18.36 -9.54
C ILE A 461 11.15 -19.48 -10.18
N CYS A 462 10.70 -19.97 -11.34
CA CYS A 462 11.47 -20.99 -12.05
C CYS A 462 12.88 -20.50 -12.37
N LEU A 463 13.01 -19.27 -12.86
CA LEU A 463 14.34 -18.73 -13.16
C LEU A 463 15.26 -18.84 -11.95
N HIS A 464 14.82 -18.33 -10.79
CA HIS A 464 15.71 -18.25 -9.64
C HIS A 464 15.89 -19.60 -8.97
N GLU A 465 14.98 -20.56 -9.23
CA GLU A 465 15.20 -21.93 -8.79
C GLU A 465 16.38 -22.56 -9.50
N ASN A 466 16.79 -22.01 -10.64
CA ASN A 466 17.85 -22.62 -11.43
C ASN A 466 19.15 -21.82 -11.38
N GLU A 467 19.31 -20.96 -10.38
CA GLU A 467 20.61 -20.35 -10.10
C GLU A 467 21.61 -21.44 -9.74
N GLY A 468 22.80 -21.36 -10.33
CA GLY A 468 23.82 -22.34 -10.04
C GLY A 468 23.57 -23.71 -10.62
N ASN A 469 22.62 -23.83 -11.56
CA ASN A 469 22.35 -25.09 -12.24
C ASN A 469 23.20 -25.13 -13.51
N ALA A 470 24.32 -25.84 -13.46
CA ALA A 470 25.21 -25.92 -14.63
C ALA A 470 24.59 -26.67 -15.79
N ALA A 471 23.65 -27.60 -15.52
CA ALA A 471 23.06 -28.43 -16.55
C ALA A 471 21.87 -27.80 -17.24
N LEU A 472 21.53 -26.55 -16.91
CA LEU A 472 20.29 -25.96 -17.42
C LEU A 472 20.36 -25.75 -18.93
N THR A 473 19.33 -26.17 -19.63
CA THR A 473 19.12 -25.82 -21.03
C THR A 473 17.80 -25.07 -21.16
N TYR A 474 17.64 -24.39 -22.29
CA TYR A 474 16.40 -23.66 -22.53
C TYR A 474 15.19 -24.60 -22.51
N GLU A 475 15.30 -25.75 -23.18
CA GLU A 475 14.13 -26.64 -23.24
C GLU A 475 13.83 -27.22 -21.86
N GLY A 476 14.86 -27.45 -21.06
CA GLY A 476 14.64 -27.92 -19.70
C GLY A 476 13.98 -26.87 -18.83
N LEU A 477 14.41 -25.61 -18.97
CA LEU A 477 13.72 -24.51 -18.29
C LEU A 477 12.26 -24.44 -18.71
N LEU A 478 12.00 -24.56 -20.01
CA LEU A 478 10.64 -24.55 -20.52
C LEU A 478 9.80 -25.66 -19.89
N GLU A 479 10.34 -26.86 -19.80
CA GLU A 479 9.59 -27.96 -19.18
C GLU A 479 9.31 -27.66 -17.70
N GLN A 480 10.27 -27.04 -17.00
CA GLN A 480 10.04 -26.70 -15.61
C GLN A 480 8.91 -25.68 -15.47
N ILE A 481 8.86 -24.70 -16.38
CA ILE A 481 7.82 -23.68 -16.32
C ILE A 481 6.45 -24.31 -16.57
N ARG A 482 6.35 -25.17 -17.59
CA ARG A 482 5.09 -25.88 -17.81
C ARG A 482 4.68 -26.69 -16.59
N ALA A 483 5.65 -27.37 -15.95
CA ALA A 483 5.33 -28.20 -14.80
C ALA A 483 4.86 -27.36 -13.61
N LYS A 484 5.47 -26.20 -13.39
CA LYS A 484 5.04 -25.38 -12.27
C LYS A 484 3.68 -24.74 -12.55
N ILE A 485 3.41 -24.38 -13.82
CA ILE A 485 2.08 -23.92 -14.18
C ILE A 485 1.04 -25.00 -13.84
N SER A 486 1.32 -26.24 -14.25
CA SER A 486 0.37 -27.33 -13.99
C SER A 486 0.16 -27.53 -12.50
N HIS A 487 1.25 -27.49 -11.73
CA HIS A 487 1.17 -27.72 -10.29
C HIS A 487 0.30 -26.66 -9.62
N TYR A 488 0.53 -25.38 -9.94
CA TYR A 488 -0.23 -24.34 -9.28
C TYR A 488 -1.65 -24.21 -9.80
N ILE A 489 -1.93 -24.63 -11.05
CA ILE A 489 -3.32 -24.67 -11.50
C ILE A 489 -4.13 -25.58 -10.59
N THR A 490 -3.57 -26.72 -10.20
CA THR A 490 -4.27 -27.61 -9.28
C THR A 490 -4.67 -26.88 -8.00
N LEU A 491 -3.78 -26.06 -7.47
CA LEU A 491 -4.05 -25.37 -6.22
C LEU A 491 -5.02 -24.20 -6.41
N MET A 492 -4.92 -23.50 -7.55
CA MET A 492 -5.94 -22.52 -7.90
C MET A 492 -7.31 -23.13 -7.84
N VAL A 493 -7.45 -24.30 -8.46
CA VAL A 493 -8.72 -25.01 -8.51
C VAL A 493 -9.20 -25.31 -7.11
N GLU A 494 -8.30 -25.83 -6.27
CA GLU A 494 -8.66 -26.12 -4.89
C GLU A 494 -9.16 -24.87 -4.17
N GLY A 495 -8.43 -23.76 -4.29
CA GLY A 495 -8.87 -22.53 -3.63
C GLY A 495 -10.18 -21.99 -4.20
N SER A 496 -10.36 -22.11 -5.51
CA SER A 496 -11.59 -21.65 -6.16
C SER A 496 -12.80 -22.48 -5.72
N ASN A 497 -12.64 -23.80 -5.64
CA ASN A 497 -13.73 -24.66 -5.18
C ASN A 497 -14.10 -24.37 -3.72
N ILE A 498 -13.12 -24.02 -2.89
CA ILE A 498 -13.40 -23.64 -1.51
C ILE A 498 -14.29 -22.40 -1.48
N CYS A 499 -14.00 -21.40 -2.33
CA CYS A 499 -14.84 -20.21 -2.32
C CYS A 499 -16.22 -20.50 -2.90
N ASP A 500 -16.28 -21.31 -3.95
CA ASP A 500 -17.53 -21.84 -4.50
C ASP A 500 -18.42 -22.40 -3.38
N ILE A 501 -17.84 -23.27 -2.55
CA ILE A 501 -18.59 -23.89 -1.44
C ILE A 501 -18.97 -22.87 -0.38
N GLY A 502 -18.08 -21.91 -0.11
CA GLY A 502 -18.44 -20.84 0.81
C GLY A 502 -19.68 -20.08 0.37
N HIS A 503 -19.79 -19.79 -0.94
CA HIS A 503 -21.00 -19.14 -1.42
C HIS A 503 -22.21 -20.06 -1.31
N ARG A 504 -22.02 -21.36 -1.55
CA ARG A 504 -23.14 -22.30 -1.40
C ARG A 504 -23.63 -22.36 0.04
N ASP A 505 -22.70 -22.49 0.98
CA ASP A 505 -23.06 -22.71 2.38
C ASP A 505 -23.55 -21.45 3.08
N TRP A 506 -23.05 -20.29 2.66
CA TRP A 506 -23.38 -19.03 3.31
C TRP A 506 -24.32 -18.14 2.52
N ALA A 507 -24.29 -18.20 1.18
CA ALA A 507 -24.91 -17.12 0.40
C ALA A 507 -25.67 -17.60 -0.82
N PRO A 508 -26.65 -18.52 -0.69
CA PRO A 508 -27.52 -18.82 -1.82
C PRO A 508 -28.26 -17.56 -2.25
N VAL A 509 -28.69 -17.55 -3.51
CA VAL A 509 -29.38 -16.37 -4.07
C VAL A 509 -30.69 -16.85 -4.71
N PRO A 510 -31.71 -17.19 -3.90
CA PRO A 510 -32.89 -17.88 -4.48
C PRO A 510 -33.69 -17.07 -5.47
N LEU A 511 -33.84 -15.75 -5.26
CA LEU A 511 -34.61 -15.00 -6.24
C LEU A 511 -33.89 -14.97 -7.59
N LEU A 512 -32.62 -14.59 -7.58
CA LEU A 512 -31.80 -14.67 -8.80
C LEU A 512 -31.92 -16.04 -9.45
N SER A 513 -31.74 -17.10 -8.67
CA SER A 513 -31.74 -18.46 -9.20
C SER A 513 -33.07 -18.81 -9.84
N SER A 514 -34.17 -18.27 -9.33
CA SER A 514 -35.47 -18.54 -9.96
C SER A 514 -35.54 -18.00 -11.39
N PHE A 515 -34.64 -17.07 -11.77
CA PHE A 515 -34.55 -16.58 -13.14
C PHE A 515 -33.37 -17.21 -13.90
N ILE A 516 -32.90 -18.38 -13.49
CA ILE A 516 -31.79 -19.05 -14.16
C ILE A 516 -32.24 -20.46 -14.52
N SER A 517 -32.27 -20.77 -15.81
CA SER A 517 -32.45 -22.16 -16.24
C SER A 517 -31.20 -22.96 -15.90
N ASP A 518 -31.34 -24.15 -15.29
CA ASP A 518 -32.61 -24.87 -15.10
C ASP A 518 -32.90 -25.10 -13.63
N CYS A 519 -32.82 -24.03 -12.84
CA CYS A 519 -32.95 -24.15 -11.40
C CYS A 519 -34.33 -24.65 -10.98
N LEU A 520 -35.39 -24.14 -11.60
CA LEU A 520 -36.74 -24.56 -11.20
C LEU A 520 -37.00 -26.01 -11.55
N GLU A 521 -36.45 -26.47 -12.68
CA GLU A 521 -36.62 -27.85 -13.08
C GLU A 521 -35.89 -28.78 -12.13
N LYS A 522 -34.63 -28.46 -11.80
CA LYS A 522 -33.86 -29.27 -10.86
C LYS A 522 -34.28 -29.08 -9.40
N GLY A 523 -34.93 -27.95 -9.08
CA GLY A 523 -35.27 -27.66 -7.71
C GLY A 523 -34.13 -27.16 -6.83
N ARG A 524 -33.13 -26.48 -7.41
CA ARG A 524 -31.93 -26.12 -6.67
C ARG A 524 -31.43 -24.73 -7.06
N ASP A 525 -30.90 -24.01 -6.08
CA ASP A 525 -30.22 -22.73 -6.27
C ASP A 525 -29.02 -22.89 -7.19
N ILE A 526 -28.61 -21.79 -7.83
CA ILE A 526 -27.39 -21.86 -8.66
C ILE A 526 -26.19 -22.30 -7.83
N THR A 527 -26.12 -21.92 -6.55
CA THR A 527 -24.95 -22.30 -5.77
C THR A 527 -24.89 -23.80 -5.49
N ASP A 528 -25.98 -24.53 -5.72
CA ASP A 528 -25.95 -25.98 -5.65
C ASP A 528 -26.15 -26.61 -7.02
N GLY A 529 -25.89 -25.86 -8.09
CA GLY A 529 -25.79 -26.46 -9.42
C GLY A 529 -27.05 -26.46 -10.26
N GLY A 530 -28.05 -25.65 -9.90
CA GLY A 530 -29.28 -25.58 -10.69
C GLY A 530 -29.11 -25.09 -12.11
N ALA A 531 -28.05 -24.33 -12.41
CA ALA A 531 -27.90 -23.73 -13.73
C ALA A 531 -27.67 -24.80 -14.78
N ARG A 532 -28.11 -24.48 -16.00
CA ARG A 532 -27.91 -25.39 -17.11
C ARG A 532 -26.42 -25.62 -17.37
N TYR A 533 -25.64 -24.55 -17.33
CA TYR A 533 -24.21 -24.58 -17.60
C TYR A 533 -23.50 -24.10 -16.34
N ASN A 534 -22.50 -24.87 -15.90
CA ASN A 534 -21.78 -24.59 -14.66
C ASN A 534 -20.29 -24.58 -14.97
N PHE A 535 -19.70 -23.40 -15.01
CA PHE A 535 -18.27 -23.23 -15.21
C PHE A 535 -17.65 -22.64 -13.96
N SER A 536 -16.31 -22.63 -13.93
CA SER A 536 -15.54 -21.80 -13.01
C SER A 536 -14.43 -21.13 -13.82
N GLY A 537 -14.42 -19.81 -13.88
CA GLY A 537 -13.58 -19.08 -14.83
C GLY A 537 -12.33 -18.53 -14.21
N VAL A 538 -11.16 -18.98 -14.69
CA VAL A 538 -9.88 -18.62 -14.10
C VAL A 538 -8.96 -18.01 -15.16
N GLN A 539 -8.32 -16.89 -14.82
CA GLN A 539 -7.67 -15.99 -15.79
C GLN A 539 -6.16 -16.15 -15.77
N GLY A 540 -5.58 -16.44 -16.93
CA GLY A 540 -4.12 -16.44 -17.06
C GLY A 540 -3.60 -15.09 -17.53
N ILE A 541 -2.80 -14.42 -16.70
CA ILE A 541 -2.40 -13.03 -16.89
C ILE A 541 -0.88 -12.97 -17.07
N GLY A 542 -0.43 -12.07 -17.95
CA GLY A 542 1.00 -11.89 -18.21
C GLY A 542 1.56 -12.60 -19.42
N ILE A 543 0.73 -13.03 -20.37
CA ILE A 543 1.27 -13.86 -21.45
C ILE A 543 2.24 -13.08 -22.31
N ALA A 544 1.98 -11.79 -22.54
CA ALA A 544 2.93 -10.99 -23.33
C ALA A 544 4.31 -10.95 -22.67
N ASN A 545 4.34 -10.74 -21.35
CA ASN A 545 5.61 -10.68 -20.64
C ASN A 545 6.28 -12.06 -20.59
N LEU A 546 5.49 -13.12 -20.45
CA LEU A 546 6.06 -14.45 -20.41
C LEU A 546 6.78 -14.76 -21.72
N SER A 547 6.10 -14.52 -22.85
CA SER A 547 6.71 -14.84 -24.13
C SER A 547 7.88 -13.89 -24.45
N ASP A 548 7.72 -12.60 -24.18
CA ASP A 548 8.84 -11.67 -24.39
C ASP A 548 10.05 -12.07 -23.58
N SER A 549 9.83 -12.47 -22.31
CA SER A 549 10.95 -12.84 -21.43
C SER A 549 11.67 -14.08 -21.94
N LEU A 550 10.91 -15.12 -22.32
CA LEU A 550 11.56 -16.37 -22.71
C LEU A 550 12.28 -16.20 -24.03
N HIS A 551 11.73 -15.39 -24.94
CA HIS A 551 12.37 -15.20 -26.23
C HIS A 551 13.67 -14.43 -26.10
N ALA A 552 13.69 -13.38 -25.28
CA ALA A 552 14.91 -12.60 -25.10
C ALA A 552 15.95 -13.40 -24.33
N LEU A 553 15.51 -14.17 -23.33
CA LEU A 553 16.44 -15.01 -22.58
C LEU A 553 17.05 -16.10 -23.46
N LYS A 554 16.22 -16.75 -24.29
CA LYS A 554 16.74 -17.76 -25.20
C LYS A 554 17.85 -17.22 -26.09
N GLY A 555 17.66 -16.01 -26.61
CA GLY A 555 18.63 -15.39 -27.50
C GLY A 555 19.84 -14.83 -26.78
N MET A 556 19.60 -14.06 -25.72
CA MET A 556 20.67 -13.46 -24.94
C MET A 556 21.60 -14.51 -24.35
N VAL A 557 21.04 -15.50 -23.69
CA VAL A 557 21.81 -16.43 -22.87
C VAL A 557 22.14 -17.71 -23.62
N PHE A 558 21.14 -18.39 -24.17
CA PHE A 558 21.40 -19.72 -24.71
C PHE A 558 21.87 -19.71 -26.16
N GLU A 559 21.39 -18.77 -26.97
CA GLU A 559 21.80 -18.73 -28.37
C GLU A 559 23.08 -17.93 -28.57
N GLN A 560 23.03 -16.63 -28.25
CA GLN A 560 24.18 -15.77 -28.45
C GLN A 560 25.21 -15.87 -27.32
N GLN A 561 24.83 -16.40 -26.16
CA GLN A 561 25.73 -16.52 -25.00
C GLN A 561 26.39 -15.19 -24.63
N ARG A 562 25.63 -14.10 -24.73
CA ARG A 562 26.14 -12.82 -24.25
C ARG A 562 26.32 -12.79 -22.73
N LEU A 563 25.48 -13.55 -22.02
CA LEU A 563 25.59 -13.75 -20.57
C LEU A 563 25.32 -15.20 -20.28
N SER A 564 25.93 -15.70 -19.20
CA SER A 564 25.50 -16.97 -18.68
C SER A 564 24.13 -16.79 -18.02
N PHE A 565 23.46 -17.91 -17.74
CA PHE A 565 22.19 -17.81 -17.03
C PHE A 565 22.39 -17.17 -15.66
N ASP A 566 23.40 -17.61 -14.92
CA ASP A 566 23.66 -17.04 -13.60
C ASP A 566 23.99 -15.56 -13.69
N GLU A 567 24.67 -15.14 -14.77
CA GLU A 567 24.98 -13.72 -14.91
C GLU A 567 23.71 -12.92 -15.17
N LEU A 568 22.78 -13.50 -15.93
CA LEU A 568 21.50 -12.84 -16.14
C LEU A 568 20.71 -12.72 -14.83
N LEU A 569 20.63 -13.82 -14.08
CA LEU A 569 19.94 -13.78 -12.79
C LEU A 569 20.49 -12.66 -11.93
N SER A 570 21.82 -12.51 -11.89
CA SER A 570 22.44 -11.46 -11.10
C SER A 570 21.99 -10.08 -11.57
N VAL A 571 21.92 -9.86 -12.89
CA VAL A 571 21.45 -8.57 -13.38
C VAL A 571 20.00 -8.33 -12.98
N LEU A 572 19.17 -9.37 -13.02
CA LEU A 572 17.78 -9.21 -12.62
C LEU A 572 17.68 -8.84 -11.14
N LYS A 573 18.42 -9.57 -10.28
CA LYS A 573 18.42 -9.25 -8.85
C LYS A 573 18.83 -7.82 -8.58
N ALA A 574 19.72 -7.27 -9.40
CA ALA A 574 20.16 -5.89 -9.24
C ALA A 574 19.21 -4.90 -9.89
N ASN A 575 18.09 -5.38 -10.46
CA ASN A 575 17.07 -4.52 -11.08
C ASN A 575 17.67 -3.64 -12.17
N PHE A 576 18.63 -4.20 -12.91
CA PHE A 576 19.29 -3.54 -14.05
C PHE A 576 20.04 -2.27 -13.64
N ALA A 577 20.32 -2.09 -12.36
CA ALA A 577 20.71 -0.77 -11.87
C ALA A 577 22.14 -0.39 -12.27
N THR A 578 23.01 -1.38 -12.44
CA THR A 578 24.43 -1.11 -12.72
C THR A 578 24.59 -0.49 -14.11
N PRO A 579 25.75 0.08 -14.41
CA PRO A 579 25.97 0.60 -15.77
C PRO A 579 25.83 -0.47 -16.82
N GLU A 580 26.47 -1.62 -16.62
CA GLU A 580 26.24 -2.74 -17.52
C GLU A 580 24.82 -3.26 -17.43
N GLY A 581 24.15 -3.09 -16.28
CA GLY A 581 22.78 -3.53 -16.15
C GLY A 581 21.84 -2.77 -17.07
N GLU A 582 21.96 -1.44 -17.06
CA GLU A 582 21.10 -0.62 -17.91
C GLU A 582 21.35 -0.91 -19.39
N LYS A 583 22.56 -1.35 -19.74
CA LYS A 583 22.88 -1.71 -21.11
C LYS A 583 22.37 -3.10 -21.47
N VAL A 584 22.43 -4.03 -20.52
CA VAL A 584 21.81 -5.33 -20.74
C VAL A 584 20.30 -5.18 -20.91
N ARG A 585 19.69 -4.29 -20.13
CA ARG A 585 18.26 -4.03 -20.26
C ARG A 585 17.91 -3.53 -21.66
N ALA A 586 18.67 -2.55 -22.16
CA ALA A 586 18.40 -2.00 -23.48
C ALA A 586 18.50 -3.07 -24.55
N ARG A 587 19.42 -4.02 -24.38
CA ARG A 587 19.56 -5.08 -25.36
C ARG A 587 18.39 -6.05 -25.31
N LEU A 588 17.96 -6.40 -24.10
CA LEU A 588 16.78 -7.26 -23.94
C LEU A 588 15.54 -6.63 -24.55
N ILE A 589 15.35 -5.32 -24.32
CA ILE A 589 14.15 -4.65 -24.83
C ILE A 589 14.21 -4.49 -26.34
N ASN A 590 15.35 -4.02 -26.86
CA ASN A 590 15.40 -3.53 -28.23
C ASN A 590 15.96 -4.52 -29.24
N ARG A 591 16.83 -5.45 -28.83
CA ARG A 591 17.46 -6.35 -29.78
C ARG A 591 16.79 -7.71 -29.85
N PHE A 592 15.65 -7.87 -29.19
CA PHE A 592 14.88 -9.10 -29.28
C PHE A 592 13.42 -8.75 -29.52
N GLU A 593 12.78 -9.52 -30.40
CA GLU A 593 11.42 -9.24 -30.82
C GLU A 593 10.42 -9.45 -29.69
N LYS A 594 9.34 -8.67 -29.74
CA LYS A 594 8.31 -8.67 -28.71
C LYS A 594 6.97 -9.13 -29.28
N TYR A 595 6.16 -9.74 -28.43
CA TYR A 595 4.82 -10.13 -28.79
C TYR A 595 3.99 -8.89 -29.16
N GLY A 596 3.13 -9.03 -30.16
CA GLY A 596 2.35 -7.92 -30.65
C GLY A 596 2.89 -7.26 -31.90
N ASN A 597 3.87 -7.87 -32.56
CA ASN A 597 4.45 -7.34 -33.80
C ASN A 597 4.35 -8.34 -34.95
N ASP A 598 3.47 -9.33 -34.83
CA ASP A 598 3.27 -10.35 -35.87
C ASP A 598 4.56 -11.12 -36.16
N ILE A 599 5.36 -11.38 -35.13
CA ILE A 599 6.60 -12.12 -35.26
C ILE A 599 6.39 -13.50 -34.68
N ASP A 600 6.43 -14.52 -35.55
CA ASP A 600 6.02 -15.87 -35.17
C ASP A 600 6.86 -16.44 -34.04
N GLU A 601 8.17 -16.18 -34.05
CA GLU A 601 9.05 -16.89 -33.14
C GLU A 601 8.76 -16.52 -31.69
N VAL A 602 8.41 -15.27 -31.42
CA VAL A 602 7.98 -14.91 -30.07
C VAL A 602 6.48 -15.17 -29.88
N ASP A 603 5.65 -14.89 -30.90
CA ASP A 603 4.22 -15.12 -30.77
C ASP A 603 3.91 -16.58 -30.50
N ASN A 604 4.66 -17.51 -31.13
CA ASN A 604 4.41 -18.93 -30.92
C ASN A 604 4.68 -19.36 -29.49
N ILE A 605 5.53 -18.64 -28.75
CA ILE A 605 5.70 -18.94 -27.34
C ILE A 605 4.44 -18.61 -26.57
N SER A 606 3.86 -17.44 -26.83
CA SER A 606 2.64 -17.06 -26.12
C SER A 606 1.50 -18.03 -26.44
N ALA A 607 1.39 -18.44 -27.71
CA ALA A 607 0.38 -19.41 -28.09
C ALA A 607 0.59 -20.75 -27.37
N GLU A 608 1.82 -21.28 -27.41
CA GLU A 608 2.09 -22.56 -26.77
C GLU A 608 1.82 -22.53 -25.27
N LEU A 609 2.39 -21.55 -24.58
CA LEU A 609 2.26 -21.54 -23.13
C LEU A 609 0.83 -21.26 -22.69
N LEU A 610 0.14 -20.34 -23.35
CA LEU A 610 -1.26 -20.11 -23.01
C LEU A 610 -2.14 -21.31 -23.35
N ARG A 611 -1.82 -22.05 -24.43
CA ARG A 611 -2.58 -23.26 -24.68
C ARG A 611 -2.33 -24.32 -23.61
N HIS A 612 -1.11 -24.39 -23.08
CA HIS A 612 -0.84 -25.32 -21.99
C HIS A 612 -1.64 -24.97 -20.75
N TYR A 613 -1.63 -23.69 -20.37
CA TYR A 613 -2.52 -23.19 -19.32
C TYR A 613 -3.96 -23.66 -19.56
N CYS A 614 -4.47 -23.43 -20.78
CA CYS A 614 -5.86 -23.75 -21.09
C CYS A 614 -6.15 -25.23 -20.97
N LYS A 615 -5.24 -26.09 -21.46
CA LYS A 615 -5.54 -27.51 -21.47
C LYS A 615 -5.46 -28.10 -20.07
N GLU A 616 -4.63 -27.51 -19.19
CA GLU A 616 -4.60 -27.95 -17.80
C GLU A 616 -5.88 -27.54 -17.07
N VAL A 617 -6.32 -26.29 -17.26
CA VAL A 617 -7.45 -25.76 -16.51
C VAL A 617 -8.70 -26.60 -16.74
N GLU A 618 -8.95 -26.99 -18.00
CA GLU A 618 -10.18 -27.68 -18.36
C GLU A 618 -10.24 -29.10 -17.83
N LYS A 619 -9.14 -29.62 -17.25
CA LYS A 619 -9.17 -30.95 -16.65
C LYS A 619 -10.01 -31.01 -15.37
N TYR A 620 -10.25 -29.90 -14.71
CA TYR A 620 -10.72 -29.92 -13.33
C TYR A 620 -12.21 -29.63 -13.22
N GLN A 621 -12.85 -30.29 -12.27
CA GLN A 621 -14.28 -30.12 -12.00
C GLN A 621 -14.48 -29.16 -10.84
N ASN A 622 -15.59 -28.42 -10.91
CA ASN A 622 -16.09 -27.67 -9.76
C ASN A 622 -17.13 -28.53 -9.05
N PRO A 623 -17.59 -28.12 -7.87
CA PRO A 623 -18.57 -28.94 -7.14
C PRO A 623 -19.99 -28.89 -7.68
N ARG A 624 -20.21 -28.28 -8.83
CA ARG A 624 -21.55 -28.16 -9.40
C ARG A 624 -21.72 -29.02 -10.65
N GLY A 625 -20.89 -30.03 -10.84
CA GLY A 625 -21.06 -30.90 -11.99
C GLY A 625 -20.59 -30.29 -13.30
N GLY A 626 -19.79 -29.23 -13.23
CA GLY A 626 -19.20 -28.68 -14.43
C GLY A 626 -17.69 -28.65 -14.32
N TYR A 627 -17.04 -27.95 -15.25
CA TYR A 627 -15.59 -27.92 -15.34
C TYR A 627 -15.08 -26.48 -15.30
N PHE A 628 -13.81 -26.35 -14.91
CA PHE A 628 -13.17 -25.04 -15.01
C PHE A 628 -12.96 -24.65 -16.47
N THR A 629 -12.99 -23.35 -16.73
CA THR A 629 -12.75 -22.81 -18.05
C THR A 629 -11.69 -21.73 -17.98
N PRO A 630 -10.81 -21.64 -18.98
CA PRO A 630 -9.76 -20.62 -18.92
C PRO A 630 -10.19 -19.33 -19.60
N GLY A 631 -9.74 -18.22 -19.03
CA GLY A 631 -9.83 -16.93 -19.67
C GLY A 631 -8.48 -16.21 -19.60
N SER A 632 -8.44 -15.05 -20.24
CA SER A 632 -7.23 -14.23 -20.15
C SER A 632 -7.66 -12.75 -20.14
N TYR A 633 -7.91 -12.23 -18.94
CA TYR A 633 -8.23 -10.82 -18.78
C TYR A 633 -7.83 -10.37 -17.38
N THR A 634 -7.76 -9.05 -17.18
CA THR A 634 -7.09 -8.50 -16.00
C THR A 634 -7.96 -7.65 -15.09
N VAL A 635 -9.01 -6.99 -15.60
CA VAL A 635 -9.59 -5.83 -14.91
C VAL A 635 -8.39 -4.91 -14.67
N SER A 636 -8.15 -4.42 -13.45
CA SER A 636 -6.92 -3.65 -13.23
C SER A 636 -5.82 -4.49 -12.57
N ALA A 637 -5.95 -5.83 -12.57
CA ALA A 637 -5.04 -6.63 -11.76
C ALA A 637 -3.63 -6.75 -12.32
N HIS A 638 -3.38 -6.34 -13.56
CA HIS A 638 -2.00 -6.37 -14.06
C HIS A 638 -1.08 -5.46 -13.27
N VAL A 639 -1.62 -4.46 -12.58
CA VAL A 639 -0.78 -3.54 -11.80
C VAL A 639 -0.33 -4.23 -10.51
N PRO A 640 -1.23 -4.70 -9.62
CA PRO A 640 -0.74 -5.37 -8.41
C PRO A 640 -0.05 -6.69 -8.70
N LEU A 641 -0.45 -7.40 -9.77
CA LEU A 641 0.27 -8.63 -10.10
C LEU A 641 1.70 -8.32 -10.57
N GLY A 642 1.88 -7.28 -11.38
CA GLY A 642 3.21 -6.86 -11.75
C GLY A 642 4.01 -6.31 -10.58
N SER A 643 3.33 -5.74 -9.59
CA SER A 643 3.99 -5.15 -8.43
C SER A 643 4.68 -6.18 -7.55
N VAL A 644 4.42 -7.48 -7.75
CA VAL A 644 5.03 -8.53 -6.96
C VAL A 644 5.95 -9.42 -7.81
N VAL A 645 6.27 -9.02 -9.04
CA VAL A 645 7.22 -9.74 -9.88
C VAL A 645 8.48 -8.89 -10.03
N GLY A 646 9.63 -9.49 -9.73
CA GLY A 646 10.91 -8.80 -9.87
C GLY A 646 11.23 -8.49 -11.32
N ALA A 647 12.44 -7.96 -11.53
CA ALA A 647 12.90 -7.69 -12.88
C ALA A 647 12.90 -8.97 -13.72
N THR A 648 12.47 -8.87 -14.98
CA THR A 648 12.36 -10.03 -15.84
C THR A 648 13.08 -9.80 -17.17
N PRO A 649 13.44 -10.88 -17.87
CA PRO A 649 14.27 -10.73 -19.09
C PRO A 649 13.60 -10.01 -20.25
N ASP A 650 12.30 -9.67 -20.17
CA ASP A 650 11.75 -8.79 -21.18
C ASP A 650 12.16 -7.33 -21.01
N GLY A 651 12.87 -6.99 -19.93
CA GLY A 651 13.22 -5.62 -19.68
C GLY A 651 12.37 -4.92 -18.64
N ARG A 652 11.37 -5.59 -18.09
CA ARG A 652 10.59 -5.04 -16.99
C ARG A 652 11.50 -4.77 -15.78
N PHE A 653 11.39 -3.57 -15.23
CA PHE A 653 11.93 -3.35 -13.89
C PHE A 653 11.10 -4.11 -12.86
N ALA A 654 11.71 -4.34 -11.70
CA ALA A 654 11.00 -4.94 -10.58
C ALA A 654 9.75 -4.13 -10.26
N GLY A 655 8.65 -4.82 -9.96
CA GLY A 655 7.43 -4.15 -9.58
C GLY A 655 6.64 -3.53 -10.72
N GLU A 656 7.19 -3.52 -11.93
CA GLU A 656 6.50 -2.92 -13.07
C GLU A 656 5.23 -3.71 -13.39
N GLN A 657 4.23 -3.02 -13.92
CA GLN A 657 2.97 -3.69 -14.24
C GLN A 657 3.23 -4.83 -15.24
N LEU A 658 2.32 -5.80 -15.22
CA LEU A 658 2.25 -6.74 -16.33
C LEU A 658 1.54 -6.06 -17.50
N ALA A 659 1.62 -6.69 -18.67
CA ALA A 659 0.87 -6.17 -19.82
C ALA A 659 -0.60 -6.01 -19.47
N ASP A 660 -1.18 -4.88 -19.88
CA ASP A 660 -2.56 -4.58 -19.54
C ASP A 660 -3.53 -5.55 -20.23
N GLY A 661 -4.73 -5.60 -19.69
CA GLY A 661 -5.86 -6.23 -20.37
C GLY A 661 -5.97 -7.73 -20.34
N GLY A 662 -4.91 -8.42 -20.74
CA GLY A 662 -4.93 -9.87 -20.84
C GLY A 662 -4.15 -10.36 -22.04
N LEU A 663 -4.61 -10.00 -23.24
CA LEU A 663 -3.93 -10.34 -24.49
C LEU A 663 -3.20 -9.17 -25.13
N SER A 664 -3.17 -8.00 -24.48
CA SER A 664 -2.49 -6.85 -25.06
C SER A 664 -0.96 -7.03 -25.05
N PRO A 665 -0.26 -6.38 -25.99
CA PRO A 665 1.20 -6.32 -25.92
C PRO A 665 1.64 -5.54 -24.68
N MET A 666 2.87 -5.78 -24.25
CA MET A 666 3.34 -5.01 -23.12
C MET A 666 3.55 -3.57 -23.57
N LEU A 667 3.37 -2.62 -22.65
CA LEU A 667 3.43 -1.19 -22.93
C LEU A 667 4.54 -0.80 -23.89
N GLY A 668 4.17 -0.12 -24.98
CA GLY A 668 5.14 0.42 -25.91
C GLY A 668 5.93 -0.59 -26.72
N GLN A 669 5.69 -1.89 -26.55
CA GLN A 669 6.45 -2.90 -27.29
C GLN A 669 5.86 -3.21 -28.66
N ASP A 670 4.65 -2.75 -28.96
CA ASP A 670 4.03 -2.97 -30.26
C ASP A 670 4.48 -1.86 -31.18
N ALA A 671 5.52 -2.14 -31.98
CA ALA A 671 6.17 -1.13 -32.82
C ALA A 671 5.75 -1.22 -34.28
N GLN A 672 4.89 -2.17 -34.65
CA GLN A 672 4.59 -2.38 -36.06
C GLN A 672 3.13 -2.07 -36.41
N GLY A 673 2.45 -1.24 -35.61
CA GLY A 673 1.12 -0.80 -35.95
C GLY A 673 0.01 -1.69 -35.41
N PRO A 674 -1.24 -1.24 -35.55
CA PRO A 674 -2.35 -1.90 -34.85
C PRO A 674 -2.79 -3.20 -35.50
N THR A 675 -2.58 -3.35 -36.81
CA THR A 675 -2.95 -4.63 -37.43
C THR A 675 -1.99 -5.75 -37.05
N ALA A 676 -0.70 -5.42 -36.88
CA ALA A 676 0.25 -6.41 -36.41
C ALA A 676 -0.14 -6.94 -35.03
N VAL A 677 -0.71 -6.09 -34.18
CA VAL A 677 -1.22 -6.53 -32.89
C VAL A 677 -2.31 -7.58 -33.08
N LEU A 678 -3.31 -7.27 -33.93
CA LEU A 678 -4.36 -8.24 -34.24
C LEU A 678 -3.77 -9.58 -34.66
N LYS A 679 -2.78 -9.54 -35.56
CA LYS A 679 -2.24 -10.78 -36.10
C LYS A 679 -1.52 -11.59 -35.03
N SER A 680 -0.76 -10.94 -34.14
CA SER A 680 -0.15 -11.68 -33.04
C SER A 680 -1.23 -12.37 -32.19
N VAL A 681 -2.27 -11.64 -31.79
CA VAL A 681 -3.31 -12.22 -30.94
C VAL A 681 -4.06 -13.32 -31.68
N SER A 682 -4.23 -13.19 -33.00
CA SER A 682 -4.94 -14.20 -33.77
C SER A 682 -4.25 -15.56 -33.75
N LYS A 683 -2.95 -15.63 -33.44
CA LYS A 683 -2.24 -16.90 -33.43
C LYS A 683 -2.50 -17.74 -32.20
N LEU A 684 -3.02 -17.16 -31.11
CA LEU A 684 -3.41 -17.93 -29.94
C LEU A 684 -4.58 -18.85 -30.27
N ASP A 685 -4.73 -19.93 -29.50
CA ASP A 685 -5.88 -20.82 -29.66
C ASP A 685 -7.04 -20.19 -28.93
N ASN A 686 -7.68 -19.22 -29.59
CA ASN A 686 -8.71 -18.43 -28.93
C ASN A 686 -9.99 -19.22 -28.69
N THR A 687 -10.20 -20.33 -29.43
CA THR A 687 -11.39 -21.15 -29.23
C THR A 687 -11.42 -21.78 -27.83
N LEU A 688 -10.25 -22.08 -27.26
CA LEU A 688 -10.21 -22.70 -25.94
C LEU A 688 -10.53 -21.73 -24.80
N LEU A 689 -10.30 -20.44 -25.01
CA LEU A 689 -10.39 -19.45 -23.92
C LEU A 689 -11.84 -19.02 -23.69
N SER A 690 -12.67 -19.99 -23.34
CA SER A 690 -14.11 -19.79 -23.37
C SER A 690 -14.62 -18.94 -22.23
N ASN A 691 -13.81 -18.66 -21.22
CA ASN A 691 -14.25 -17.72 -20.18
C ASN A 691 -14.06 -16.27 -20.61
N GLY A 692 -13.39 -16.04 -21.73
CA GLY A 692 -13.28 -14.72 -22.32
C GLY A 692 -11.86 -14.17 -22.26
N THR A 693 -11.57 -13.25 -23.17
CA THR A 693 -10.26 -12.62 -23.28
C THR A 693 -10.45 -11.12 -23.51
N LEU A 694 -9.33 -10.39 -23.47
CA LEU A 694 -9.37 -8.95 -23.49
C LEU A 694 -8.16 -8.40 -24.21
N LEU A 695 -8.41 -7.51 -25.16
CA LEU A 695 -7.38 -6.79 -25.89
C LEU A 695 -7.69 -5.31 -25.87
N ASN A 696 -6.72 -4.50 -25.41
CA ASN A 696 -6.81 -3.04 -25.45
C ASN A 696 -5.99 -2.51 -26.63
N VAL A 697 -6.57 -1.58 -27.39
CA VAL A 697 -5.87 -0.83 -28.43
C VAL A 697 -6.26 0.64 -28.27
N LYS A 698 -5.30 1.54 -28.47
CA LYS A 698 -5.57 2.97 -28.37
C LYS A 698 -5.28 3.65 -29.70
N PHE A 699 -6.17 4.55 -30.12
CA PHE A 699 -5.99 5.36 -31.31
C PHE A 699 -5.88 6.83 -30.93
N THR A 700 -5.13 7.59 -31.73
CA THR A 700 -5.18 9.03 -31.56
C THR A 700 -6.53 9.55 -32.05
N PRO A 701 -7.05 10.60 -31.43
CA PRO A 701 -8.27 11.21 -31.99
C PRO A 701 -8.10 11.65 -33.43
N ALA A 702 -6.90 12.12 -33.80
CA ALA A 702 -6.66 12.63 -35.15
C ALA A 702 -6.87 11.55 -36.21
N THR A 703 -6.42 10.32 -35.95
CA THR A 703 -6.50 9.31 -37.00
C THR A 703 -7.94 8.88 -37.29
N LEU A 704 -8.90 9.19 -36.41
CA LEU A 704 -10.28 8.80 -36.59
C LEU A 704 -11.19 9.94 -37.08
N GLU A 705 -10.62 11.10 -37.40
CA GLU A 705 -11.44 12.24 -37.82
C GLU A 705 -12.18 11.98 -39.14
N GLY A 706 -13.38 12.55 -39.25
CA GLY A 706 -14.15 12.52 -40.47
C GLY A 706 -14.79 11.19 -40.79
N GLU A 707 -15.66 11.16 -41.80
CA GLU A 707 -16.24 9.90 -42.25
C GLU A 707 -15.16 8.91 -42.68
N ALA A 708 -14.06 9.41 -43.25
CA ALA A 708 -12.97 8.52 -43.62
C ALA A 708 -12.37 7.85 -42.40
N GLY A 709 -12.27 8.58 -41.28
CA GLY A 709 -11.78 7.97 -40.06
C GLY A 709 -12.69 6.84 -39.57
N LEU A 710 -14.00 7.07 -39.61
CA LEU A 710 -14.95 6.00 -39.27
C LEU A 710 -14.80 4.79 -40.19
N ARG A 711 -14.65 5.02 -41.51
CA ARG A 711 -14.49 3.89 -42.42
C ARG A 711 -13.22 3.11 -42.12
N LYS A 712 -12.12 3.81 -41.79
CA LYS A 712 -10.90 3.13 -41.38
C LYS A 712 -11.15 2.22 -40.18
N LEU A 713 -11.80 2.76 -39.15
CA LEU A 713 -12.14 1.96 -37.97
C LEU A 713 -13.04 0.79 -38.34
N ALA A 714 -14.09 1.06 -39.14
CA ALA A 714 -14.98 -0.02 -39.56
C ALA A 714 -14.21 -1.12 -40.30
N ASP A 715 -13.28 -0.73 -41.18
CA ASP A 715 -12.47 -1.72 -41.86
C ASP A 715 -11.58 -2.49 -40.89
N PHE A 716 -10.99 -1.80 -39.92
CA PHE A 716 -10.22 -2.46 -38.87
C PHE A 716 -11.07 -3.50 -38.14
N LEU A 717 -12.34 -3.16 -37.87
CA LEU A 717 -13.19 -4.09 -37.14
C LEU A 717 -13.57 -5.28 -38.01
N ARG A 718 -13.70 -5.10 -39.32
CA ARG A 718 -13.87 -6.26 -40.19
C ARG A 718 -12.61 -7.12 -40.21
N ALA A 719 -11.42 -6.50 -40.21
CA ALA A 719 -10.19 -7.29 -40.14
C ALA A 719 -10.13 -8.08 -38.85
N PHE A 720 -10.46 -7.43 -37.73
CA PHE A 720 -10.52 -8.10 -36.43
C PHE A 720 -11.48 -9.28 -36.45
N THR A 721 -12.67 -9.09 -37.02
CA THR A 721 -13.64 -10.17 -37.12
C THR A 721 -13.06 -11.37 -37.86
N GLN A 722 -12.45 -11.11 -39.03
CA GLN A 722 -11.99 -12.21 -39.86
C GLN A 722 -10.79 -12.93 -39.23
N LEU A 723 -10.01 -12.22 -38.41
CA LEU A 723 -8.87 -12.81 -37.73
C LEU A 723 -9.27 -13.65 -36.53
N LYS A 724 -10.55 -13.64 -36.16
CA LYS A 724 -11.11 -14.52 -35.14
C LYS A 724 -10.52 -14.29 -33.75
N LEU A 725 -10.16 -13.03 -33.46
CA LEU A 725 -9.99 -12.60 -32.08
C LEU A 725 -11.33 -12.55 -31.39
N GLN A 726 -11.34 -12.82 -30.08
CA GLN A 726 -12.59 -12.78 -29.32
C GLN A 726 -13.09 -11.35 -29.08
N HIS A 727 -12.18 -10.43 -28.75
CA HIS A 727 -12.57 -9.17 -28.15
C HIS A 727 -11.56 -8.08 -28.47
N ILE A 728 -12.04 -6.84 -28.60
CA ILE A 728 -11.20 -5.66 -28.70
C ILE A 728 -11.99 -4.46 -28.16
N GLN A 729 -11.28 -3.48 -27.61
CA GLN A 729 -11.88 -2.24 -27.15
C GLN A 729 -10.85 -1.13 -27.25
N PHE A 730 -11.32 0.12 -27.30
CA PHE A 730 -10.48 1.22 -27.73
C PHE A 730 -10.51 2.40 -26.76
N ASN A 731 -9.34 2.91 -26.43
CA ASN A 731 -9.22 4.29 -25.98
C ASN A 731 -8.99 5.16 -27.19
N VAL A 732 -9.55 6.38 -27.15
CA VAL A 732 -9.33 7.38 -28.19
C VAL A 732 -9.08 8.69 -27.48
N VAL A 733 -7.80 9.02 -27.26
CA VAL A 733 -7.46 10.16 -26.41
C VAL A 733 -6.00 10.51 -26.65
N ASN A 734 -5.67 11.79 -26.54
CA ASN A 734 -4.28 12.24 -26.64
C ASN A 734 -3.60 12.15 -25.28
N ALA A 735 -2.34 11.73 -25.30
CA ALA A 735 -1.59 11.66 -24.05
C ALA A 735 -1.52 13.02 -23.36
N ASP A 736 -1.56 14.11 -24.12
CA ASP A 736 -1.54 15.46 -23.55
C ASP A 736 -2.77 15.72 -22.69
N THR A 737 -3.94 15.29 -23.13
CA THR A 737 -5.15 15.43 -22.33
C THR A 737 -5.00 14.71 -20.99
N LEU A 738 -4.50 13.48 -21.01
CA LEU A 738 -4.37 12.70 -19.79
C LEU A 738 -3.38 13.35 -18.82
N ARG A 739 -2.25 13.84 -19.34
CA ARG A 739 -1.29 14.52 -18.46
C ARG A 739 -1.88 15.78 -17.89
N GLU A 740 -2.65 16.52 -18.69
CA GLU A 740 -3.31 17.71 -18.18
C GLU A 740 -4.30 17.36 -17.08
N ALA A 741 -4.99 16.22 -17.20
CA ALA A 741 -5.91 15.79 -16.14
C ALA A 741 -5.15 15.38 -14.88
N GLN A 742 -3.92 14.93 -15.02
CA GLN A 742 -3.12 14.66 -13.83
C GLN A 742 -2.72 15.96 -13.14
N GLN A 743 -2.43 17.00 -13.91
CA GLN A 743 -1.99 18.27 -13.32
C GLN A 743 -3.14 19.03 -12.70
N ARG A 744 -4.32 19.00 -13.33
CA ARG A 744 -5.49 19.75 -12.86
C ARG A 744 -6.70 18.83 -12.84
N PRO A 745 -6.72 17.85 -11.93
CA PRO A 745 -7.89 16.94 -11.89
C PRO A 745 -9.19 17.64 -11.64
N GLN A 746 -9.18 18.82 -11.00
CA GLN A 746 -10.42 19.53 -10.76
C GLN A 746 -11.08 20.04 -12.04
N ASP A 747 -10.35 20.03 -13.16
CA ASP A 747 -10.91 20.43 -14.44
C ASP A 747 -11.28 19.24 -15.32
N TYR A 748 -11.18 18.01 -14.79
CA TYR A 748 -11.38 16.81 -15.60
C TYR A 748 -12.19 15.75 -14.86
N ALA A 749 -13.05 16.17 -13.94
CA ALA A 749 -13.80 15.22 -13.13
C ALA A 749 -14.69 14.29 -13.95
N GLY A 750 -15.09 14.72 -15.15
CA GLY A 750 -15.94 13.92 -16.02
C GLY A 750 -15.24 13.14 -17.10
N LEU A 751 -13.90 13.23 -17.20
CA LEU A 751 -13.16 12.51 -18.23
C LEU A 751 -13.21 11.00 -17.98
N VAL A 752 -13.74 10.25 -18.94
CA VAL A 752 -13.87 8.80 -18.86
C VAL A 752 -12.82 8.13 -19.76
N VAL A 753 -12.19 7.06 -19.25
CA VAL A 753 -11.22 6.29 -20.01
C VAL A 753 -11.56 4.81 -19.91
N ARG A 754 -11.02 4.03 -20.85
CA ARG A 754 -11.18 2.59 -20.83
C ARG A 754 -10.00 1.98 -20.08
N VAL A 755 -10.29 1.23 -19.02
CA VAL A 755 -9.26 0.57 -18.24
C VAL A 755 -9.01 -0.82 -18.80
N ALA A 756 -9.89 -1.78 -18.50
CA ALA A 756 -9.76 -3.13 -19.06
C ALA A 756 -11.10 -3.86 -18.94
N GLY A 757 -11.91 -3.75 -19.97
CA GLY A 757 -13.24 -4.34 -19.96
C GLY A 757 -14.28 -3.49 -19.28
N TYR A 758 -13.90 -2.29 -18.84
CA TYR A 758 -14.78 -1.35 -18.17
C TYR A 758 -14.16 0.03 -18.29
N SER A 759 -15.00 1.05 -18.16
CA SER A 759 -14.60 2.45 -18.19
C SER A 759 -14.71 3.07 -16.80
N ALA A 760 -13.97 4.15 -16.60
CA ALA A 760 -13.85 4.76 -15.28
C ALA A 760 -13.47 6.22 -15.46
N PHE A 761 -13.64 6.99 -14.38
CA PHE A 761 -13.22 8.39 -14.38
C PHE A 761 -11.72 8.45 -14.13
N PHE A 762 -10.99 9.00 -15.11
CA PHE A 762 -9.53 8.99 -15.09
C PHE A 762 -8.96 9.56 -13.78
N VAL A 763 -9.55 10.65 -13.29
CA VAL A 763 -8.99 11.30 -12.10
C VAL A 763 -9.24 10.51 -10.82
N GLU A 764 -10.12 9.51 -10.87
CA GLU A 764 -10.35 8.63 -9.73
C GLU A 764 -9.50 7.36 -9.78
N LEU A 765 -8.74 7.16 -10.84
CA LEU A 765 -7.82 6.02 -10.90
C LEU A 765 -6.50 6.39 -10.25
N SER A 766 -5.89 5.42 -9.60
CA SER A 766 -4.57 5.61 -9.01
C SER A 766 -3.54 5.99 -10.08
N LYS A 767 -2.47 6.65 -9.62
CA LYS A 767 -1.43 7.13 -10.52
C LYS A 767 -0.91 6.00 -11.40
N GLU A 768 -0.76 4.81 -10.83
CA GLU A 768 -0.16 3.72 -11.59
C GLU A 768 -1.09 3.23 -12.69
N ILE A 769 -2.40 3.27 -12.48
CA ILE A 769 -3.30 2.92 -13.56
C ILE A 769 -3.34 4.02 -14.61
N GLN A 770 -3.36 5.28 -14.17
CA GLN A 770 -3.29 6.41 -15.09
C GLN A 770 -2.08 6.28 -16.00
N ASP A 771 -0.92 5.94 -15.43
CA ASP A 771 0.28 5.81 -16.25
C ASP A 771 0.22 4.61 -17.19
N ASP A 772 -0.43 3.52 -16.76
CA ASP A 772 -0.72 2.41 -17.67
C ASP A 772 -1.41 2.93 -18.93
N ILE A 773 -2.53 3.62 -18.76
CA ILE A 773 -3.30 4.11 -19.90
C ILE A 773 -2.47 5.07 -20.75
N ILE A 774 -1.75 6.00 -20.09
CA ILE A 774 -0.92 6.96 -20.82
C ILE A 774 0.15 6.26 -21.64
N ARG A 775 0.76 5.21 -21.07
CA ARG A 775 1.92 4.59 -21.74
C ARG A 775 1.53 3.60 -22.84
N ARG A 776 0.27 3.19 -22.94
CA ARG A 776 -0.13 2.35 -24.05
C ARG A 776 0.12 3.07 -25.38
N THR A 777 0.53 2.32 -26.40
CA THR A 777 0.85 2.91 -27.69
C THR A 777 -0.37 3.58 -28.31
N ALA A 778 -0.22 4.82 -28.76
CA ALA A 778 -1.30 5.50 -29.48
C ALA A 778 -1.11 5.24 -30.96
N HIS A 779 -2.00 4.43 -31.53
CA HIS A 779 -1.86 3.96 -32.90
C HIS A 779 -2.56 4.90 -33.89
N GLN A 780 -2.05 4.89 -35.12
CA GLN A 780 -2.71 5.45 -36.28
C GLN A 780 -3.33 4.33 -37.10
N LEU A 781 -4.36 4.65 -37.87
CA LEU A 781 -4.95 3.69 -38.81
C LEU A 781 -4.66 4.11 -40.25
N THR B 18 41.42 9.16 0.34
CA THR B 18 42.40 8.22 -0.22
C THR B 18 41.71 7.17 -1.09
N ASN B 19 42.50 6.52 -1.96
CA ASN B 19 41.90 5.52 -2.84
C ASN B 19 41.37 4.34 -2.03
N ARG B 20 42.02 3.97 -0.92
CA ARG B 20 41.51 2.85 -0.13
C ARG B 20 40.11 3.15 0.40
N ILE B 21 39.89 4.36 0.91
CA ILE B 21 38.58 4.72 1.45
C ILE B 21 37.52 4.65 0.35
N SER B 22 37.85 5.17 -0.83
CA SER B 22 36.93 5.08 -1.97
C SER B 22 36.61 3.63 -2.31
N ARG B 23 37.61 2.75 -2.30
CA ARG B 23 37.34 1.35 -2.63
C ARG B 23 36.54 0.67 -1.53
N LEU B 24 36.83 1.01 -0.26
CA LEU B 24 36.03 0.47 0.85
C LEU B 24 34.57 0.89 0.72
N LYS B 25 34.31 2.13 0.30
CA LYS B 25 32.94 2.59 0.11
C LYS B 25 32.27 1.84 -1.03
N THR B 26 32.98 1.73 -2.15
CA THR B 26 32.42 1.06 -3.32
C THR B 26 32.02 -0.37 -3.00
N ALA B 27 32.83 -1.07 -2.20
CA ALA B 27 32.53 -2.47 -1.90
C ALA B 27 31.19 -2.63 -1.17
N LEU B 28 30.79 -1.65 -0.37
CA LEU B 28 29.52 -1.75 0.35
C LEU B 28 28.36 -1.90 -0.62
N PHE B 29 28.45 -1.26 -1.77
CA PHE B 29 27.33 -1.14 -2.70
C PHE B 29 27.54 -1.92 -3.99
N ALA B 30 28.63 -2.71 -4.05
CA ALA B 30 28.97 -3.43 -5.29
C ALA B 30 27.90 -4.46 -5.66
N ASN B 31 27.29 -5.10 -4.67
CA ASN B 31 26.35 -6.21 -4.90
C ASN B 31 24.99 -5.90 -4.29
N THR B 32 23.98 -6.63 -4.75
CA THR B 32 22.62 -6.42 -4.26
C THR B 32 22.51 -6.92 -2.82
N ARG B 33 21.96 -6.07 -1.94
CA ARG B 33 21.64 -6.48 -0.57
C ARG B 33 20.79 -7.74 -0.55
N GLU B 34 21.11 -8.63 0.39
CA GLU B 34 20.37 -9.87 0.57
C GLU B 34 19.80 -9.97 1.96
N ILE B 35 18.59 -10.55 2.06
CA ILE B 35 18.12 -11.08 3.32
C ILE B 35 19.11 -12.11 3.83
N SER B 36 19.41 -12.05 5.14
CA SER B 36 20.25 -13.04 5.79
C SER B 36 19.45 -13.78 6.84
N LEU B 37 19.45 -15.11 6.74
CA LEU B 37 18.86 -16.01 7.72
C LEU B 37 19.84 -16.42 8.81
N GLU B 38 21.11 -16.01 8.71
CA GLU B 38 22.17 -16.61 9.52
C GLU B 38 21.92 -16.40 11.01
N ARG B 39 21.70 -15.15 11.43
CA ARG B 39 21.43 -14.92 12.85
C ARG B 39 20.23 -15.73 13.32
N ALA B 40 19.15 -15.76 12.52
CA ALA B 40 17.93 -16.44 12.92
C ALA B 40 18.17 -17.94 13.11
N LEU B 41 18.95 -18.54 12.21
CA LEU B 41 19.23 -19.96 12.30
C LEU B 41 20.06 -20.29 13.53
N LEU B 42 21.07 -19.47 13.81
CA LEU B 42 21.91 -19.73 14.98
C LEU B 42 21.15 -19.45 16.26
N TYR B 43 20.44 -18.32 16.32
CA TYR B 43 19.57 -18.01 17.45
C TYR B 43 18.63 -19.18 17.73
N THR B 44 17.97 -19.68 16.68
CA THR B 44 17.01 -20.76 16.86
C THR B 44 17.71 -22.04 17.34
N ALA B 45 18.89 -22.35 16.78
CA ALA B 45 19.62 -23.54 17.21
C ALA B 45 19.90 -23.51 18.71
N SER B 46 20.28 -22.36 19.25
CA SER B 46 20.47 -22.24 20.70
C SER B 46 19.14 -22.33 21.44
N HIS B 47 18.12 -21.60 20.96
CA HIS B 47 16.85 -21.55 21.66
C HIS B 47 16.27 -22.95 21.85
N ARG B 48 16.44 -23.82 20.86
CA ARG B 48 15.98 -25.20 20.98
C ARG B 48 16.59 -25.91 22.18
N GLN B 49 17.79 -25.52 22.58
CA GLN B 49 18.51 -26.23 23.63
C GLN B 49 18.30 -25.65 25.02
N THR B 50 17.59 -24.53 25.17
CA THR B 50 17.54 -23.84 26.46
C THR B 50 16.13 -23.78 27.02
N GLU B 51 15.27 -24.74 26.62
CA GLU B 51 13.91 -24.76 27.12
C GLU B 51 13.89 -24.83 28.64
N GLY B 52 13.01 -24.05 29.24
CA GLY B 52 12.87 -24.04 30.69
C GLY B 52 13.87 -23.18 31.44
N GLU B 53 14.86 -22.59 30.76
CA GLU B 53 15.82 -21.72 31.45
C GLU B 53 15.30 -20.28 31.54
N PRO B 54 15.80 -19.50 32.50
CA PRO B 54 15.36 -18.09 32.61
C PRO B 54 15.54 -17.37 31.29
N VAL B 55 14.56 -16.52 30.95
CA VAL B 55 14.56 -15.90 29.61
C VAL B 55 15.86 -15.17 29.35
N ILE B 56 16.37 -14.42 30.34
CA ILE B 56 17.57 -13.61 30.07
C ILE B 56 18.77 -14.51 29.80
N LEU B 57 18.75 -15.74 30.35
CA LEU B 57 19.79 -16.71 30.03
C LEU B 57 19.57 -17.37 28.67
N ARG B 58 18.32 -17.61 28.26
CA ARG B 58 18.12 -18.08 26.88
C ARG B 58 18.58 -17.03 25.87
N ARG B 59 18.31 -15.76 26.16
CA ARG B 59 18.77 -14.68 25.30
C ARG B 59 20.29 -14.68 25.21
N ALA B 60 20.98 -14.68 26.37
CA ALA B 60 22.43 -14.62 26.36
C ALA B 60 23.06 -15.84 25.70
N LYS B 61 22.51 -17.03 25.97
CA LYS B 61 23.08 -18.22 25.33
C LYS B 61 22.87 -18.19 23.82
N ALA B 62 21.75 -17.65 23.35
CA ALA B 62 21.56 -17.47 21.92
C ALA B 62 22.60 -16.50 21.34
N THR B 63 22.84 -15.38 22.00
CA THR B 63 23.87 -14.45 21.55
C THR B 63 25.25 -15.12 21.52
N ALA B 64 25.58 -15.88 22.57
CA ALA B 64 26.88 -16.55 22.60
C ALA B 64 26.98 -17.58 21.49
N TYR B 65 25.90 -18.30 21.22
CA TYR B 65 25.89 -19.24 20.11
C TYR B 65 26.15 -18.52 18.78
N ILE B 66 25.52 -17.36 18.58
CA ILE B 66 25.79 -16.58 17.38
C ILE B 66 27.26 -16.20 17.32
N LEU B 67 27.80 -15.69 18.43
CA LEU B 67 29.20 -15.26 18.45
C LEU B 67 30.14 -16.40 18.09
N GLU B 68 29.81 -17.62 18.54
CA GLU B 68 30.70 -18.75 18.33
C GLU B 68 30.66 -19.25 16.88
N HIS B 69 29.49 -19.20 16.24
CA HIS B 69 29.31 -19.89 14.96
C HIS B 69 29.09 -18.98 13.76
N VAL B 70 28.87 -17.68 13.94
CA VAL B 70 28.60 -16.83 12.78
C VAL B 70 29.83 -16.85 11.86
N GLU B 71 29.59 -16.83 10.55
CA GLU B 71 30.70 -16.75 9.61
C GLU B 71 31.27 -15.32 9.59
N ILE B 72 32.60 -15.21 9.60
CA ILE B 72 33.25 -13.91 9.62
C ILE B 72 34.28 -13.83 8.52
N SER B 73 34.63 -12.60 8.15
CA SER B 73 35.74 -12.34 7.26
C SER B 73 36.30 -10.96 7.58
N ILE B 74 37.49 -10.69 7.04
CA ILE B 74 38.05 -9.35 7.01
C ILE B 74 38.07 -8.94 5.55
N ARG B 75 37.26 -7.93 5.22
CA ARG B 75 37.05 -7.57 3.82
C ARG B 75 38.27 -6.83 3.27
N ASP B 76 38.45 -6.92 1.96
CA ASP B 76 39.58 -6.31 1.27
C ASP B 76 39.88 -4.92 1.79
N GLU B 77 41.12 -4.69 2.24
CA GLU B 77 41.66 -3.40 2.67
C GLU B 77 41.07 -2.85 3.97
N GLU B 78 40.20 -3.59 4.67
CA GLU B 78 39.68 -3.05 5.93
C GLU B 78 40.80 -2.88 6.96
N LEU B 79 40.78 -1.74 7.66
CA LEU B 79 41.66 -1.49 8.79
C LEU B 79 41.00 -1.81 10.13
N ILE B 80 39.67 -1.74 10.18
CA ILE B 80 38.90 -2.10 11.37
C ILE B 80 38.12 -3.36 11.04
N ALA B 81 38.41 -4.45 11.76
CA ALA B 81 37.70 -5.71 11.53
C ALA B 81 36.35 -5.72 12.23
N GLY B 82 35.47 -6.60 11.75
CA GLY B 82 34.18 -6.80 12.38
C GLY B 82 33.03 -6.35 11.50
N ASN B 83 32.16 -7.28 11.11
CA ASN B 83 30.95 -6.98 10.38
C ASN B 83 29.91 -8.00 10.83
N ARG B 84 28.63 -7.58 10.85
CA ARG B 84 27.55 -8.50 11.23
C ARG B 84 27.50 -9.74 10.35
N THR B 85 27.71 -9.54 9.05
CA THR B 85 27.65 -10.58 8.03
C THR B 85 28.82 -10.40 7.08
N VAL B 86 29.18 -11.49 6.40
CA VAL B 86 30.26 -11.37 5.42
C VAL B 86 29.80 -10.51 4.24
N LYS B 87 28.57 -10.74 3.75
CA LYS B 87 28.09 -9.89 2.66
C LYS B 87 27.59 -8.55 3.20
N PRO B 88 27.81 -7.47 2.47
CA PRO B 88 27.49 -6.15 3.02
C PRO B 88 26.00 -5.84 3.08
N ARG B 89 25.64 -5.04 4.08
CA ARG B 89 24.32 -4.41 4.20
C ARG B 89 23.19 -5.44 4.14
N ALA B 90 23.34 -6.49 4.94
CA ALA B 90 22.38 -7.59 4.95
C ALA B 90 21.09 -7.20 5.67
N GLY B 91 19.98 -7.80 5.23
CA GLY B 91 18.73 -7.66 5.93
C GLY B 91 18.55 -8.81 6.90
N ILE B 92 18.91 -8.60 8.17
CA ILE B 92 18.97 -9.67 9.15
C ILE B 92 17.58 -9.84 9.75
N MET B 93 16.95 -10.99 9.47
CA MET B 93 15.56 -11.19 9.86
C MET B 93 15.46 -11.70 11.29
N SER B 94 14.38 -11.31 11.99
CA SER B 94 14.14 -11.63 13.40
C SER B 94 12.79 -12.30 13.59
N PRO B 95 12.66 -13.57 13.17
CA PRO B 95 11.39 -14.28 13.41
C PRO B 95 11.09 -14.49 14.90
N GLU B 96 12.11 -14.43 15.77
CA GLU B 96 11.87 -14.51 17.20
C GLU B 96 11.10 -13.30 17.72
N MET B 97 11.14 -12.18 16.99
CA MET B 97 10.36 -10.99 17.31
C MET B 97 9.03 -10.96 16.58
N ASP B 98 9.01 -11.22 15.26
CA ASP B 98 7.76 -11.33 14.50
C ASP B 98 8.00 -12.21 13.28
N PRO B 99 7.49 -13.44 13.29
CA PRO B 99 7.64 -14.31 12.13
C PRO B 99 6.57 -14.11 11.07
N TYR B 100 5.50 -13.39 11.38
CA TYR B 100 4.34 -13.35 10.52
C TYR B 100 4.56 -12.42 9.32
N TRP B 101 5.06 -11.21 9.56
CA TRP B 101 5.25 -10.33 8.42
C TRP B 101 6.32 -10.87 7.48
N LEU B 102 7.33 -11.54 8.03
CA LEU B 102 8.37 -12.14 7.18
C LEU B 102 7.76 -13.18 6.24
N LEU B 103 6.86 -14.01 6.75
CA LEU B 103 6.21 -15.00 5.90
C LEU B 103 5.37 -14.33 4.81
N LYS B 104 4.59 -13.30 5.17
CA LYS B 104 3.74 -12.63 4.18
C LYS B 104 4.57 -12.01 3.05
N GLU B 105 5.74 -11.45 3.36
CA GLU B 105 6.49 -10.68 2.39
C GLU B 105 7.62 -11.47 1.74
N LEU B 106 7.68 -12.78 2.02
CA LEU B 106 8.78 -13.63 1.59
C LEU B 106 9.03 -13.57 0.08
N ASP B 107 7.96 -13.51 -0.72
CA ASP B 107 8.13 -13.42 -2.17
C ASP B 107 7.94 -11.99 -2.69
N GLN B 108 8.15 -10.98 -1.83
CA GLN B 108 7.99 -9.58 -2.19
C GLN B 108 9.20 -8.71 -1.85
N PHE B 109 10.27 -9.28 -1.32
CA PHE B 109 11.38 -8.43 -0.89
C PHE B 109 12.07 -7.68 -2.03
N PRO B 110 12.25 -8.24 -3.23
CA PRO B 110 12.85 -7.44 -4.32
C PRO B 110 11.89 -6.44 -4.96
N THR B 111 10.60 -6.46 -4.64
CA THR B 111 9.63 -5.63 -5.34
C THR B 111 8.89 -4.62 -4.48
N ARG B 112 8.85 -4.80 -3.16
CA ARG B 112 8.10 -3.90 -2.28
C ARG B 112 8.56 -2.46 -2.48
N PRO B 113 7.67 -1.49 -2.21
CA PRO B 113 7.98 -0.10 -2.58
C PRO B 113 9.09 0.56 -1.75
N GLN B 114 9.42 0.04 -0.58
CA GLN B 114 10.45 0.65 0.25
C GLN B 114 11.37 -0.42 0.85
N ASP B 115 12.69 -0.20 0.74
CA ASP B 115 13.71 -1.09 1.33
C ASP B 115 13.75 -2.48 0.71
N ARG B 116 14.16 -2.59 -0.55
CA ARG B 116 14.19 -3.89 -1.22
C ARG B 116 15.43 -4.71 -0.85
N PHE B 117 15.26 -6.03 -0.85
CA PHE B 117 16.33 -6.99 -0.62
C PHE B 117 16.11 -8.19 -1.54
N ALA B 118 17.20 -8.84 -1.92
CA ALA B 118 17.13 -10.12 -2.60
C ALA B 118 17.11 -11.26 -1.59
N ILE B 119 16.43 -12.34 -1.94
CA ILE B 119 16.45 -13.55 -1.12
C ILE B 119 16.40 -14.75 -2.04
N SER B 120 17.23 -15.75 -1.75
CA SER B 120 17.32 -16.92 -2.59
C SER B 120 16.11 -17.83 -2.41
N GLU B 121 15.83 -18.65 -3.44
CA GLU B 121 14.73 -19.58 -3.33
C GLU B 121 14.96 -20.57 -2.19
N GLU B 122 16.22 -20.95 -1.98
CA GLU B 122 16.53 -21.89 -0.91
C GLU B 122 16.28 -21.27 0.46
N ASP B 123 16.68 -20.02 0.65
CA ASP B 123 16.44 -19.36 1.93
C ASP B 123 14.94 -19.19 2.19
N LYS B 124 14.16 -18.90 1.15
CA LYS B 124 12.71 -18.86 1.31
C LYS B 124 12.18 -20.21 1.78
N ARG B 125 12.69 -21.30 1.20
CA ARG B 125 12.27 -22.63 1.64
C ARG B 125 12.65 -22.87 3.10
N ILE B 126 13.89 -22.51 3.48
CA ILE B 126 14.30 -22.67 4.87
C ILE B 126 13.38 -21.88 5.80
N TYR B 127 13.01 -20.67 5.40
CA TYR B 127 12.09 -19.91 6.24
C TYR B 127 10.76 -20.62 6.37
N ARG B 128 10.17 -21.01 5.23
CA ARG B 128 8.84 -21.60 5.27
C ARG B 128 8.84 -22.93 6.03
N GLU B 129 9.89 -23.72 5.88
CA GLU B 129 9.89 -25.10 6.35
C GLU B 129 10.43 -25.25 7.76
N GLU B 130 11.33 -24.36 8.18
CA GLU B 130 12.04 -24.48 9.44
C GLU B 130 11.78 -23.32 10.38
N LEU B 131 12.07 -22.08 9.96
CA LEU B 131 12.05 -20.98 10.91
C LEU B 131 10.64 -20.57 11.27
N PHE B 132 9.75 -20.40 10.27
CA PHE B 132 8.40 -19.97 10.62
C PHE B 132 7.66 -20.96 11.50
N PRO B 133 7.59 -22.27 11.16
CA PRO B 133 6.88 -23.19 12.08
C PRO B 133 7.40 -23.15 13.50
N TYR B 134 8.71 -22.97 13.69
CA TYR B 134 9.26 -22.91 15.04
C TYR B 134 8.78 -21.66 15.78
N TRP B 135 8.86 -20.49 15.13
CA TRP B 135 8.64 -19.24 15.85
C TRP B 135 7.17 -18.85 15.95
N GLU B 136 6.33 -19.41 15.09
CA GLU B 136 4.89 -19.19 15.19
C GLU B 136 4.38 -19.57 16.57
N LYS B 137 3.62 -18.67 17.18
CA LYS B 137 3.02 -18.74 18.51
C LYS B 137 4.01 -18.59 19.67
N ARG B 138 5.32 -18.38 19.42
CA ARG B 138 6.22 -18.12 20.55
C ARG B 138 7.14 -16.93 20.28
N SER B 139 6.74 -16.02 19.41
CA SER B 139 7.50 -14.80 19.18
C SER B 139 7.07 -13.70 20.14
N MET B 140 7.90 -12.66 20.26
CA MET B 140 7.51 -11.52 21.08
C MET B 140 6.23 -10.89 20.56
N LYS B 141 6.06 -10.85 19.22
CA LYS B 141 4.84 -10.30 18.64
C LYS B 141 3.60 -11.08 19.10
N ASP B 142 3.73 -12.40 19.23
CA ASP B 142 2.63 -13.21 19.74
C ASP B 142 2.22 -12.75 21.13
N PHE B 143 3.21 -12.57 22.01
CA PHE B 143 2.90 -12.27 23.39
C PHE B 143 2.40 -10.84 23.54
N ILE B 144 2.96 -9.91 22.78
CA ILE B 144 2.44 -8.54 22.77
C ILE B 144 1.01 -8.51 22.23
N ASN B 145 0.76 -9.23 21.12
CA ASN B 145 -0.60 -9.34 20.59
C ASN B 145 -1.59 -9.84 21.65
N GLY B 146 -1.17 -10.82 22.44
CA GLY B 146 -2.05 -11.37 23.45
C GLY B 146 -2.37 -10.40 24.56
N GLN B 147 -1.43 -9.50 24.89
CA GLN B 147 -1.61 -8.55 25.97
C GLN B 147 -2.30 -7.25 25.55
N MET B 148 -2.31 -6.92 24.26
CA MET B 148 -2.99 -5.70 23.81
C MET B 148 -4.47 -5.76 24.18
N THR B 149 -4.97 -4.67 24.77
CA THR B 149 -6.35 -4.60 25.22
C THR B 149 -7.27 -4.12 24.09
N ASP B 150 -8.56 -4.40 24.24
CA ASP B 150 -9.53 -3.96 23.23
C ASP B 150 -9.48 -2.45 23.02
N GLU B 151 -9.36 -1.71 24.11
CA GLU B 151 -9.35 -0.24 24.01
C GLU B 151 -8.14 0.27 23.24
N VAL B 152 -6.97 -0.33 23.44
CA VAL B 152 -5.79 0.11 22.68
C VAL B 152 -5.94 -0.27 21.21
N LYS B 153 -6.42 -1.49 20.93
CA LYS B 153 -6.62 -1.92 19.56
C LYS B 153 -7.60 -1.02 18.83
N ALA B 154 -8.70 -0.66 19.48
CA ALA B 154 -9.66 0.25 18.86
C ALA B 154 -9.03 1.62 18.61
N ALA B 155 -8.23 2.10 19.56
CA ALA B 155 -7.60 3.41 19.41
C ALA B 155 -6.67 3.44 18.20
N THR B 156 -5.85 2.39 18.02
CA THR B 156 -4.96 2.42 16.85
C THR B 156 -5.75 2.28 15.55
N ASN B 157 -6.94 1.66 15.59
CA ASN B 157 -7.80 1.60 14.41
C ASN B 157 -8.30 2.99 14.01
N THR B 158 -8.47 3.90 14.97
CA THR B 158 -8.84 5.27 14.62
C THR B 158 -7.72 6.02 13.91
N GLN B 159 -6.50 5.46 13.89
CA GLN B 159 -5.29 6.09 13.36
C GLN B 159 -4.79 7.24 14.24
N ILE B 160 -5.29 7.38 15.46
CA ILE B 160 -4.82 8.50 16.28
C ILE B 160 -3.39 8.26 16.77
N PHE B 161 -3.00 7.01 17.02
CA PHE B 161 -1.60 6.76 17.35
C PHE B 161 -1.19 5.37 16.89
N SER B 162 0.13 5.15 16.91
CA SER B 162 0.77 3.90 16.54
C SER B 162 1.77 3.50 17.61
N ILE B 163 1.90 2.21 17.89
CA ILE B 163 2.88 1.71 18.85
C ILE B 163 4.02 1.07 18.08
N ASN B 164 5.25 1.42 18.43
CA ASN B 164 6.42 0.96 17.69
C ASN B 164 7.12 -0.20 18.40
N GLN B 165 8.07 -0.82 17.69
CA GLN B 165 8.89 -1.92 18.21
C GLN B 165 8.07 -3.07 18.80
N THR B 166 6.86 -3.33 18.31
CA THR B 166 6.18 -4.56 18.73
C THR B 166 6.69 -5.79 17.99
N ASP B 167 7.58 -5.60 17.01
CA ASP B 167 7.93 -6.67 16.09
C ASP B 167 9.43 -6.76 15.81
N LYS B 168 10.26 -6.18 16.67
CA LYS B 168 11.69 -6.09 16.37
C LYS B 168 12.39 -5.69 17.66
N GLY B 169 13.72 -5.82 17.67
CA GLY B 169 14.49 -5.39 18.82
C GLY B 169 14.25 -3.93 19.17
N GLN B 170 14.44 -3.60 20.44
CA GLN B 170 14.14 -2.24 20.90
C GLN B 170 15.22 -1.25 20.47
N GLY B 171 16.49 -1.62 20.59
CA GLY B 171 17.56 -0.66 20.31
C GLY B 171 17.35 0.66 21.03
N HIS B 172 17.61 1.75 20.32
CA HIS B 172 17.36 3.12 20.79
C HIS B 172 18.05 3.40 22.13
N ILE B 173 19.37 3.25 22.16
CA ILE B 173 20.11 3.39 23.42
C ILE B 173 21.59 3.56 23.09
N ILE B 174 22.29 4.32 23.93
CA ILE B 174 23.74 4.50 23.86
C ILE B 174 24.40 3.81 25.04
N ILE B 175 25.36 2.93 24.80
CA ILE B 175 26.04 2.30 25.93
C ILE B 175 27.07 3.25 26.52
N ASP B 176 27.67 2.83 27.63
CA ASP B 176 28.71 3.57 28.36
C ASP B 176 30.06 3.28 27.71
N TYR B 177 30.44 4.08 26.70
CA TYR B 177 31.72 3.83 26.05
C TYR B 177 32.92 4.10 26.97
N PRO B 178 32.91 5.14 27.83
CA PRO B 178 34.01 5.25 28.79
C PRO B 178 34.23 4.00 29.64
N ARG B 179 33.16 3.33 30.06
CA ARG B 179 33.31 2.09 30.80
C ARG B 179 34.07 1.04 29.99
N LEU B 180 33.65 0.83 28.74
CA LEU B 180 34.33 -0.13 27.86
C LEU B 180 35.79 0.25 27.66
N LEU B 181 36.05 1.47 27.20
CA LEU B 181 37.37 1.80 26.69
C LEU B 181 38.36 2.16 27.80
N ASN B 182 37.88 2.56 28.97
CA ASN B 182 38.79 2.89 30.06
C ASN B 182 39.11 1.70 30.94
N HIS B 183 38.44 0.56 30.73
CA HIS B 183 38.66 -0.63 31.54
C HIS B 183 39.14 -1.82 30.74
N GLY B 184 38.60 -2.06 29.55
CA GLY B 184 38.93 -3.25 28.81
C GLY B 184 38.17 -4.46 29.31
N LEU B 185 38.16 -5.51 28.47
CA LEU B 185 37.31 -6.66 28.75
C LEU B 185 37.85 -7.52 29.88
N GLY B 186 39.17 -7.58 30.07
CA GLY B 186 39.70 -8.34 31.19
C GLY B 186 39.21 -7.83 32.53
N GLU B 187 39.25 -6.51 32.73
CA GLU B 187 38.80 -5.98 34.02
C GLU B 187 37.30 -6.12 34.18
N LEU B 188 36.53 -5.99 33.09
CA LEU B 188 35.08 -6.05 33.22
C LEU B 188 34.63 -7.48 33.52
N VAL B 189 35.29 -8.46 32.90
CA VAL B 189 35.04 -9.86 33.24
C VAL B 189 35.30 -10.09 34.73
N ALA B 190 36.42 -9.58 35.23
CA ALA B 190 36.77 -9.79 36.64
C ALA B 190 35.74 -9.16 37.56
N GLN B 191 35.29 -7.94 37.23
CA GLN B 191 34.26 -7.30 38.05
C GLN B 191 32.94 -8.06 37.98
N MET B 192 32.60 -8.62 36.82
CA MET B 192 31.37 -9.40 36.72
C MET B 192 31.48 -10.74 37.43
N GLN B 193 32.67 -11.36 37.42
CA GLN B 193 32.85 -12.57 38.24
C GLN B 193 32.60 -12.29 39.71
N GLN B 194 33.06 -11.14 40.21
CA GLN B 194 32.78 -10.79 41.60
C GLN B 194 31.27 -10.65 41.83
N HIS B 195 30.57 -9.94 40.95
CA HIS B 195 29.12 -9.83 41.09
C HIS B 195 28.46 -11.20 41.15
N CYS B 196 28.85 -12.11 40.26
CA CYS B 196 28.21 -13.43 40.22
C CYS B 196 28.51 -14.24 41.48
N GLN B 197 29.73 -14.09 42.02
CA GLN B 197 30.10 -14.70 43.30
C GLN B 197 29.25 -14.17 44.44
N GLN B 198 29.01 -12.86 44.45
CA GLN B 198 28.27 -12.24 45.55
C GLN B 198 26.77 -12.47 45.40
N GLN B 199 26.26 -12.55 44.18
CA GLN B 199 24.84 -12.79 43.92
C GLN B 199 24.67 -13.90 42.89
N PRO B 200 24.89 -15.15 43.29
CA PRO B 200 24.78 -16.27 42.32
C PRO B 200 23.38 -16.54 41.83
N GLU B 201 22.36 -16.02 42.52
CA GLU B 201 20.98 -16.14 42.07
C GLU B 201 20.66 -15.22 40.89
N ASN B 202 21.52 -14.23 40.62
CA ASN B 202 21.17 -13.16 39.69
C ASN B 202 21.43 -13.62 38.26
N HIS B 203 20.35 -13.87 37.50
CA HIS B 203 20.52 -14.35 36.13
C HIS B 203 21.08 -13.27 35.21
N PHE B 204 20.81 -12.00 35.50
CA PHE B 204 21.35 -10.91 34.69
C PHE B 204 22.88 -10.87 34.79
N TYR B 205 23.42 -10.92 36.01
CA TYR B 205 24.87 -10.99 36.19
C TYR B 205 25.45 -12.20 35.46
N GLN B 206 24.80 -13.36 35.63
CA GLN B 206 25.29 -14.58 34.99
C GLN B 206 25.30 -14.43 33.47
N ALA B 207 24.23 -13.86 32.91
CA ALA B 207 24.17 -13.67 31.47
C ALA B 207 25.22 -12.66 31.00
N ALA B 208 25.38 -11.55 31.73
CA ALA B 208 26.37 -10.55 31.37
C ALA B 208 27.78 -11.12 31.38
N LEU B 209 28.10 -11.92 32.41
CA LEU B 209 29.43 -12.52 32.48
C LEU B 209 29.68 -13.44 31.28
N LEU B 210 28.73 -14.31 30.96
CA LEU B 210 29.01 -15.26 29.89
C LEU B 210 29.17 -14.53 28.55
N LEU B 211 28.48 -13.39 28.38
CA LEU B 211 28.58 -12.64 27.13
C LEU B 211 29.84 -11.79 27.05
N LEU B 212 30.34 -11.31 28.19
CA LEU B 212 31.67 -10.69 28.18
C LEU B 212 32.74 -11.72 27.83
N GLU B 213 32.64 -12.93 28.40
CA GLU B 213 33.59 -13.98 28.04
C GLU B 213 33.44 -14.40 26.58
N ALA B 214 32.20 -14.44 26.07
CA ALA B 214 32.03 -14.81 24.67
C ALA B 214 32.47 -13.69 23.74
N SER B 215 32.35 -12.43 24.17
CA SER B 215 32.90 -11.31 23.40
C SER B 215 34.41 -11.47 23.23
N GLN B 216 35.11 -11.78 24.32
CA GLN B 216 36.54 -12.04 24.25
C GLN B 216 36.85 -13.11 23.19
N LYS B 217 36.10 -14.21 23.20
CA LYS B 217 36.42 -15.27 22.26
C LYS B 217 36.07 -14.89 20.83
N HIS B 218 34.99 -14.12 20.64
CA HIS B 218 34.65 -13.66 19.30
C HIS B 218 35.75 -12.77 18.74
N ILE B 219 36.28 -11.88 19.57
CA ILE B 219 37.39 -11.04 19.16
C ILE B 219 38.61 -11.89 18.82
N LEU B 220 38.84 -12.97 19.56
CA LEU B 220 39.99 -13.81 19.26
C LEU B 220 39.79 -14.59 17.96
N ARG B 221 38.53 -14.86 17.56
CA ARG B 221 38.31 -15.45 16.24
C ARG B 221 38.85 -14.55 15.15
N TYR B 222 38.55 -13.24 15.24
CA TYR B 222 39.11 -12.30 14.29
C TYR B 222 40.63 -12.22 14.39
N ALA B 223 41.17 -12.31 15.62
CA ALA B 223 42.62 -12.22 15.78
C ALA B 223 43.32 -13.36 15.04
N GLU B 224 42.84 -14.59 15.23
CA GLU B 224 43.39 -15.74 14.54
C GLU B 224 43.20 -15.63 13.03
N LEU B 225 42.05 -15.10 12.60
CA LEU B 225 41.81 -14.95 11.17
C LEU B 225 42.78 -13.96 10.56
N ALA B 226 42.96 -12.80 11.20
CA ALA B 226 43.89 -11.79 10.70
C ALA B 226 45.30 -12.36 10.61
N GLU B 227 45.71 -13.09 11.64
CA GLU B 227 47.03 -13.69 11.66
C GLU B 227 47.19 -14.71 10.53
N THR B 228 46.18 -15.56 10.34
CA THR B 228 46.22 -16.52 9.24
C THR B 228 46.31 -15.82 7.89
N MET B 229 45.52 -14.76 7.71
CA MET B 229 45.48 -14.00 6.48
C MET B 229 46.85 -13.40 6.19
N ALA B 230 47.50 -12.83 7.21
CA ALA B 230 48.81 -12.20 7.05
C ALA B 230 49.86 -13.21 6.61
N ALA B 231 49.86 -14.41 7.22
CA ALA B 231 50.80 -15.46 6.86
C ALA B 231 50.60 -15.95 5.43
N ASN B 232 49.43 -15.71 4.84
CA ASN B 232 49.16 -16.03 3.45
C ASN B 232 49.24 -14.81 2.54
N CYS B 233 49.75 -13.68 3.03
CA CYS B 233 49.76 -12.45 2.27
C CYS B 233 51.20 -12.07 1.96
N THR B 234 51.53 -11.96 0.67
CA THR B 234 52.88 -11.58 0.25
C THR B 234 53.04 -10.08 0.04
N ASP B 235 51.96 -9.31 0.07
CA ASP B 235 52.05 -7.85 -0.06
C ASP B 235 52.49 -7.27 1.28
N ALA B 236 53.66 -6.62 1.30
CA ALA B 236 54.23 -6.19 2.57
C ALA B 236 53.34 -5.20 3.31
N GLN B 237 52.72 -4.27 2.59
CA GLN B 237 51.94 -3.26 3.30
C GLN B 237 50.67 -3.84 3.90
N ARG B 238 49.96 -4.66 3.12
CA ARG B 238 48.72 -5.26 3.62
C ARG B 238 49.00 -6.29 4.71
N ARG B 239 50.07 -7.08 4.56
CA ARG B 239 50.38 -8.06 5.60
C ARG B 239 50.69 -7.39 6.92
N GLU B 240 51.30 -6.20 6.89
CA GLU B 240 51.59 -5.49 8.14
C GLU B 240 50.32 -4.96 8.78
N GLU B 241 49.36 -4.51 7.94
CA GLU B 241 48.06 -4.11 8.47
C GLU B 241 47.36 -5.29 9.12
N LEU B 242 47.39 -6.46 8.47
CA LEU B 242 46.75 -7.66 9.02
C LEU B 242 47.44 -8.08 10.32
N LEU B 243 48.77 -8.04 10.36
CA LEU B 243 49.47 -8.33 11.62
C LEU B 243 49.04 -7.38 12.72
N THR B 244 48.91 -6.10 12.40
CA THR B 244 48.49 -5.14 13.41
C THR B 244 47.07 -5.41 13.87
N ILE B 245 46.17 -5.75 12.94
CA ILE B 245 44.80 -6.09 13.33
C ILE B 245 44.79 -7.29 14.27
N ALA B 246 45.60 -8.32 13.96
CA ALA B 246 45.72 -9.47 14.86
C ALA B 246 46.24 -9.07 16.23
N GLU B 247 47.31 -8.29 16.29
CA GLU B 247 47.89 -7.91 17.56
C GLU B 247 46.93 -7.04 18.37
N ILE B 248 46.26 -6.10 17.71
CA ILE B 248 45.29 -5.26 18.40
C ILE B 248 44.12 -6.10 18.92
N SER B 249 43.67 -7.06 18.11
CA SER B 249 42.55 -7.91 18.52
C SER B 249 42.91 -8.75 19.74
N ARG B 250 44.10 -9.34 19.75
CA ARG B 250 44.56 -10.03 20.95
C ARG B 250 44.57 -9.09 22.16
N HIS B 251 45.05 -7.86 21.95
CA HIS B 251 45.02 -6.84 23.00
C HIS B 251 43.60 -6.54 23.44
N ASN B 252 42.71 -6.30 22.48
CA ASN B 252 41.29 -6.02 22.75
C ASN B 252 40.63 -7.09 23.60
N ALA B 253 41.03 -8.35 23.41
CA ALA B 253 40.40 -9.44 24.15
C ALA B 253 40.70 -9.38 25.65
N GLN B 254 41.70 -8.60 26.09
CA GLN B 254 42.03 -8.60 27.50
C GLN B 254 42.30 -7.24 28.14
N HIS B 255 42.96 -6.33 27.44
CA HIS B 255 43.54 -5.14 28.05
C HIS B 255 42.75 -3.88 27.70
N LYS B 256 42.85 -2.87 28.57
CA LYS B 256 42.25 -1.58 28.24
C LYS B 256 43.01 -0.97 27.06
N PRO B 257 42.30 -0.37 26.10
CA PRO B 257 42.97 0.26 24.96
C PRO B 257 43.96 1.32 25.39
N GLN B 258 45.00 1.48 24.58
CA GLN B 258 45.96 2.56 24.76
C GLN B 258 45.97 3.48 23.55
N THR B 259 46.08 2.93 22.34
CA THR B 259 46.21 3.71 21.12
C THR B 259 44.84 3.95 20.49
N PHE B 260 44.84 4.89 19.54
CA PHE B 260 43.61 5.21 18.80
C PHE B 260 43.10 4.00 18.04
N TRP B 261 44.01 3.23 17.42
CA TRP B 261 43.58 2.05 16.69
C TRP B 261 43.06 0.97 17.63
N GLN B 262 43.72 0.76 18.77
CA GLN B 262 43.19 -0.20 19.75
C GLN B 262 41.79 0.18 20.20
N ALA B 263 41.58 1.45 20.51
CA ALA B 263 40.26 1.90 20.99
C ALA B 263 39.21 1.80 19.89
N CYS B 264 39.54 2.22 18.67
CA CYS B 264 38.58 2.12 17.57
C CYS B 264 38.19 0.66 17.30
N GLN B 265 39.14 -0.26 17.44
CA GLN B 265 38.84 -1.66 17.14
C GLN B 265 37.99 -2.30 18.23
N LEU B 266 38.32 -2.06 19.50
CA LEU B 266 37.47 -2.55 20.59
C LEU B 266 36.08 -1.96 20.48
N PHE B 267 36.00 -0.65 20.26
CA PHE B 267 34.75 0.05 19.99
C PHE B 267 33.92 -0.66 18.92
N TRP B 268 34.54 -0.97 17.77
CA TRP B 268 33.75 -1.55 16.69
C TRP B 268 33.38 -3.00 16.96
N TYR B 269 34.30 -3.78 17.54
CA TYR B 269 33.95 -5.16 17.87
C TYR B 269 32.73 -5.20 18.78
N MET B 270 32.69 -4.34 19.80
CA MET B 270 31.58 -4.38 20.72
C MET B 270 30.30 -3.89 20.07
N ASN B 271 30.39 -2.96 19.12
CA ASN B 271 29.19 -2.49 18.42
C ASN B 271 28.58 -3.60 17.58
N ILE B 272 29.42 -4.42 16.94
CA ILE B 272 28.90 -5.56 16.16
C ILE B 272 28.30 -6.61 17.09
N ILE B 273 28.98 -6.90 18.19
CA ILE B 273 28.46 -7.86 19.15
C ILE B 273 27.12 -7.39 19.74
N LEU B 274 26.99 -6.09 20.01
CA LEU B 274 25.70 -5.57 20.49
C LEU B 274 24.61 -5.74 19.44
N GLN B 275 24.96 -5.64 18.17
CA GLN B 275 23.99 -5.91 17.11
C GLN B 275 23.60 -7.38 17.08
N TYR B 276 24.54 -8.30 17.31
CA TYR B 276 24.16 -9.71 17.42
C TYR B 276 23.17 -9.93 18.56
N GLU B 277 23.41 -9.29 19.71
CA GLU B 277 22.47 -9.43 20.83
C GLU B 277 21.10 -8.87 20.49
N SER B 278 21.06 -7.66 19.92
CA SER B 278 19.83 -6.88 19.83
C SER B 278 19.16 -6.90 18.46
N ASN B 279 19.95 -6.88 17.37
CA ASN B 279 19.46 -6.72 16.00
C ASN B 279 18.43 -5.59 15.92
N ALA B 280 18.86 -4.34 16.13
CA ALA B 280 17.92 -3.25 16.32
C ALA B 280 18.51 -1.94 15.82
N SER B 281 17.63 -0.94 15.69
CA SER B 281 18.00 0.39 15.24
C SER B 281 18.52 1.23 16.40
N SER B 282 19.34 2.22 16.03
CA SER B 282 19.71 3.32 16.91
C SER B 282 20.42 2.83 18.17
N LEU B 283 21.40 1.94 17.98
CA LEU B 283 22.40 1.67 19.01
C LEU B 283 23.47 2.75 18.85
N SER B 284 23.15 3.95 19.31
CA SER B 284 23.89 5.14 18.93
C SER B 284 25.22 5.25 19.69
N LEU B 285 26.03 6.22 19.28
CA LEU B 285 27.45 6.22 19.61
C LEU B 285 27.86 7.22 20.67
N GLY B 286 26.99 8.15 21.06
CA GLY B 286 27.39 9.03 22.14
C GLY B 286 28.36 10.11 21.68
N ARG B 287 29.16 10.60 22.63
CA ARG B 287 30.06 11.72 22.39
C ARG B 287 31.44 11.21 21.99
N PHE B 288 31.51 10.70 20.74
CA PHE B 288 32.71 10.05 20.23
C PHE B 288 33.95 10.93 20.35
N ASP B 289 33.83 12.24 20.05
CA ASP B 289 35.01 13.10 20.10
C ASP B 289 35.51 13.29 21.53
N GLN B 290 34.68 13.02 22.53
CA GLN B 290 35.10 13.16 23.92
C GLN B 290 35.78 11.90 24.43
N TYR B 291 35.12 10.75 24.30
CA TYR B 291 35.69 9.56 24.92
C TYR B 291 36.83 8.98 24.11
N MET B 292 36.95 9.33 22.83
CA MET B 292 38.03 8.81 21.99
C MET B 292 39.29 9.68 22.10
N LEU B 293 39.16 10.87 22.70
CA LEU B 293 40.27 11.83 22.72
C LEU B 293 41.53 11.30 23.39
N PRO B 294 41.49 10.66 24.56
CA PRO B 294 42.75 10.20 25.17
C PRO B 294 43.53 9.24 24.29
N PHE B 295 42.82 8.39 23.55
CA PHE B 295 43.48 7.41 22.71
C PHE B 295 44.08 8.09 21.48
N TYR B 296 43.38 9.07 20.91
CA TYR B 296 43.95 9.83 19.79
C TYR B 296 45.21 10.57 20.22
N GLN B 297 45.19 11.21 21.40
CA GLN B 297 46.34 11.96 21.87
C GLN B 297 47.52 11.05 22.18
N THR B 298 47.25 9.88 22.76
CA THR B 298 48.33 8.93 23.04
C THR B 298 49.02 8.49 21.75
N SER B 299 48.22 8.17 20.72
CA SER B 299 48.81 7.78 19.45
C SER B 299 49.70 8.89 18.89
N LEU B 300 49.25 10.14 18.99
CA LEU B 300 50.04 11.26 18.49
C LEU B 300 51.33 11.43 19.29
N THR B 301 51.23 11.41 20.62
CA THR B 301 52.45 11.58 21.40
C THR B 301 53.38 10.38 21.25
N GLN B 302 52.87 9.21 20.89
CA GLN B 302 53.73 8.08 20.61
C GLN B 302 54.25 8.06 19.17
N GLY B 303 53.98 9.12 18.41
CA GLY B 303 54.60 9.30 17.11
C GLY B 303 53.84 8.79 15.90
N GLU B 304 52.62 8.26 16.07
CA GLU B 304 51.92 7.77 14.89
C GLU B 304 51.52 8.91 13.97
N ASP B 305 51.42 8.58 12.68
CA ASP B 305 51.12 9.54 11.62
C ASP B 305 49.71 10.08 11.73
N ALA B 306 49.57 11.41 11.84
CA ALA B 306 48.23 11.99 11.90
C ALA B 306 47.41 11.66 10.65
N ALA B 307 48.06 11.61 9.49
CA ALA B 307 47.35 11.32 8.25
C ALA B 307 46.74 9.91 8.30
N PHE B 308 47.48 8.96 8.87
CA PHE B 308 46.94 7.60 8.95
C PHE B 308 45.82 7.51 9.98
N LEU B 309 45.96 8.21 11.11
CA LEU B 309 44.87 8.24 12.08
C LEU B 309 43.58 8.76 11.44
N LYS B 310 43.71 9.75 10.55
CA LYS B 310 42.53 10.26 9.85
C LYS B 310 41.97 9.20 8.89
N GLU B 311 42.85 8.51 8.15
CA GLU B 311 42.38 7.44 7.25
C GLU B 311 41.72 6.31 8.03
N LEU B 312 42.26 5.99 9.21
CA LEU B 312 41.61 5.00 10.08
C LEU B 312 40.19 5.43 10.43
N LEU B 313 40.03 6.69 10.83
CA LEU B 313 38.71 7.21 11.17
C LEU B 313 37.77 7.17 9.97
N GLU B 314 38.24 7.60 8.80
CA GLU B 314 37.42 7.52 7.61
C GLU B 314 36.94 6.09 7.38
N SER B 315 37.82 5.11 7.59
CA SER B 315 37.46 3.72 7.37
C SER B 315 36.43 3.24 8.39
N LEU B 316 36.50 3.77 9.62
CA LEU B 316 35.51 3.47 10.64
C LEU B 316 34.15 4.06 10.28
N TRP B 317 34.14 5.28 9.72
CA TRP B 317 32.89 5.83 9.19
C TRP B 317 32.30 4.93 8.12
N VAL B 318 33.14 4.37 7.25
CA VAL B 318 32.63 3.42 6.26
C VAL B 318 32.00 2.22 6.95
N LYS B 319 32.65 1.71 8.02
CA LYS B 319 32.15 0.53 8.72
C LYS B 319 30.71 0.73 9.22
N CYS B 320 30.38 1.94 9.69
CA CYS B 320 29.04 2.23 10.16
C CYS B 320 27.99 2.01 9.10
N ASN B 321 28.36 2.10 7.82
CA ASN B 321 27.41 1.98 6.73
C ASN B 321 27.17 0.55 6.28
N ASP B 322 27.77 -0.44 6.94
CA ASP B 322 27.45 -1.81 6.62
C ASP B 322 26.13 -2.28 7.24
N ILE B 323 25.53 -1.48 8.12
CA ILE B 323 24.42 -1.93 8.96
C ILE B 323 23.15 -1.23 8.48
N VAL B 324 22.20 -2.03 8.01
CA VAL B 324 20.85 -1.57 7.69
C VAL B 324 19.89 -2.56 8.33
N LEU B 325 18.78 -2.05 8.86
CA LEU B 325 17.84 -2.87 9.61
C LEU B 325 16.64 -3.25 8.74
N LEU B 326 16.14 -4.47 8.95
CA LEU B 326 15.04 -5.03 8.18
C LEU B 326 13.71 -4.70 8.86
N ARG B 327 12.75 -4.20 8.10
CA ARG B 327 11.41 -3.93 8.63
C ARG B 327 10.34 -4.30 7.61
N SER B 328 9.11 -4.41 8.12
CA SER B 328 7.97 -4.75 7.28
C SER B 328 7.65 -3.60 6.32
N THR B 329 6.83 -3.91 5.32
CA THR B 329 6.43 -2.89 4.35
C THR B 329 5.65 -1.75 5.01
N SER B 330 4.76 -2.06 5.97
CA SER B 330 4.09 -0.97 6.68
C SER B 330 5.07 -0.19 7.54
N SER B 331 5.98 -0.89 8.22
CA SER B 331 6.96 -0.21 9.07
C SER B 331 7.84 0.70 8.23
N ALA B 332 8.22 0.23 7.04
CA ALA B 332 9.08 0.99 6.14
C ALA B 332 8.44 2.31 5.71
N ARG B 333 7.10 2.42 5.73
CA ARG B 333 6.47 3.71 5.44
C ARG B 333 6.82 4.74 6.52
N TYR B 334 6.93 4.29 7.76
CA TYR B 334 7.19 5.17 8.91
C TYR B 334 8.67 5.44 9.08
N PHE B 335 9.54 4.52 8.65
CA PHE B 335 10.98 4.53 8.94
C PHE B 335 11.78 4.16 7.68
N ALA B 336 11.62 4.93 6.61
CA ALA B 336 12.04 4.55 5.26
C ALA B 336 13.51 4.84 4.97
N GLY B 337 14.14 3.93 4.20
CA GLY B 337 15.48 4.21 3.70
C GLY B 337 16.62 4.06 4.68
N PHE B 338 16.42 3.26 5.74
CA PHE B 338 17.47 2.78 6.65
C PHE B 338 17.97 3.85 7.61
N PRO B 339 17.14 4.31 8.53
CA PRO B 339 17.60 5.24 9.58
C PRO B 339 18.36 4.48 10.66
N THR B 340 19.59 4.06 10.34
CA THR B 340 20.30 3.12 11.21
C THR B 340 20.64 3.76 12.56
N GLY B 341 20.93 5.04 12.58
CA GLY B 341 21.14 5.73 13.84
C GLY B 341 22.47 5.48 14.52
N TYR B 342 23.56 5.37 13.76
CA TYR B 342 24.89 5.43 14.36
C TYR B 342 25.24 6.91 14.56
N THR B 343 24.54 7.49 15.53
CA THR B 343 24.53 8.93 15.77
C THR B 343 25.61 9.30 16.80
N ALA B 344 26.52 10.19 16.42
CA ALA B 344 27.57 10.68 17.31
C ALA B 344 27.53 12.20 17.34
N LEU B 345 27.61 12.77 18.54
CA LEU B 345 27.56 14.22 18.70
C LEU B 345 28.97 14.73 19.01
N LEU B 346 29.22 15.97 18.60
CA LEU B 346 30.54 16.57 18.66
C LEU B 346 30.46 17.90 19.39
N GLY B 347 31.55 18.27 20.07
CA GLY B 347 31.55 19.53 20.80
C GLY B 347 30.65 19.48 22.03
N GLY B 348 30.06 20.63 22.37
CA GLY B 348 29.18 20.72 23.52
C GLY B 348 29.84 21.35 24.74
N LEU B 349 29.54 20.80 25.92
CA LEU B 349 30.01 21.33 27.19
C LEU B 349 30.83 20.28 27.93
N THR B 350 31.78 20.76 28.72
CA THR B 350 32.48 19.92 29.67
C THR B 350 31.68 19.88 30.97
N GLU B 351 32.18 19.13 31.95
CA GLU B 351 31.44 18.94 33.19
C GLU B 351 31.19 20.26 33.91
N ASN B 352 32.06 21.25 33.78
CA ASN B 352 31.90 22.53 34.45
C ASN B 352 31.22 23.57 33.56
N GLY B 353 30.66 23.17 32.43
CA GLY B 353 29.95 24.12 31.59
C GLY B 353 30.79 24.93 30.63
N ARG B 354 32.06 24.58 30.44
CA ARG B 354 32.86 25.26 29.44
C ARG B 354 32.81 24.48 28.12
N SER B 355 33.47 25.00 27.09
CA SER B 355 33.32 24.41 25.76
C SER B 355 34.10 23.10 25.65
N ALA B 356 33.47 22.09 25.07
CA ALA B 356 34.09 20.77 24.90
C ALA B 356 34.69 20.55 23.52
N VAL B 357 34.72 21.57 22.66
CA VAL B 357 35.29 21.42 21.33
C VAL B 357 36.75 21.01 21.44
N ASN B 358 37.17 20.01 20.65
CA ASN B 358 38.55 19.56 20.69
C ASN B 358 38.99 19.15 19.28
N VAL B 359 40.21 18.62 19.18
CA VAL B 359 40.78 18.28 17.85
C VAL B 359 39.95 17.19 17.16
N LEU B 360 39.35 16.29 17.93
CA LEU B 360 38.52 15.24 17.34
C LEU B 360 37.17 15.76 16.86
N SER B 361 36.68 16.83 17.48
CA SER B 361 35.46 17.47 16.97
C SER B 361 35.67 17.90 15.52
N PHE B 362 36.81 18.54 15.25
CA PHE B 362 37.18 18.89 13.88
C PHE B 362 37.42 17.65 13.03
N LEU B 363 38.19 16.69 13.56
CA LEU B 363 38.63 15.57 12.74
C LEU B 363 37.44 14.71 12.33
N CYS B 364 36.46 14.55 13.22
CA CYS B 364 35.29 13.76 12.86
C CYS B 364 34.57 14.37 11.66
N LEU B 365 34.49 15.70 11.60
CA LEU B 365 33.83 16.35 10.47
C LEU B 365 34.67 16.25 9.21
N ASP B 366 35.99 16.45 9.34
CA ASP B 366 36.88 16.35 8.18
C ASP B 366 36.88 14.94 7.62
N ALA B 367 36.95 13.93 8.50
CA ALA B 367 36.81 12.55 8.05
C ALA B 367 35.46 12.32 7.40
N TYR B 368 34.40 12.93 7.94
CA TYR B 368 33.09 12.75 7.31
C TYR B 368 33.08 13.31 5.89
N GLN B 369 33.81 14.41 5.67
CA GLN B 369 33.83 15.00 4.33
C GLN B 369 34.44 14.05 3.29
N SER B 370 35.29 13.13 3.71
CA SER B 370 35.85 12.17 2.75
C SER B 370 34.88 11.05 2.41
N VAL B 371 33.89 10.79 3.26
CA VAL B 371 33.04 9.62 3.17
C VAL B 371 31.67 9.98 2.61
N GLN B 372 30.99 10.96 3.22
CA GLN B 372 29.74 11.54 2.70
C GLN B 372 28.65 10.48 2.53
N LEU B 373 28.51 9.60 3.51
CA LEU B 373 27.50 8.55 3.50
C LEU B 373 26.46 8.82 4.58
N PRO B 374 25.35 8.07 4.58
CA PRO B 374 24.32 8.32 5.61
C PRO B 374 24.82 8.10 7.02
N GLN B 375 25.81 7.23 7.21
CA GLN B 375 26.41 7.03 8.52
C GLN B 375 27.87 7.48 8.50
N PRO B 376 28.43 7.90 9.65
CA PRO B 376 27.69 8.10 10.91
C PRO B 376 26.79 9.34 10.82
N ASN B 377 25.70 9.31 11.58
CA ASN B 377 24.75 10.43 11.64
C ASN B 377 25.28 11.45 12.65
N LEU B 378 26.20 12.30 12.19
CA LEU B 378 26.89 13.21 13.10
C LEU B 378 26.02 14.41 13.46
N GLY B 379 26.10 14.82 14.72
CA GLY B 379 25.49 16.05 15.15
C GLY B 379 26.52 16.91 15.84
N VAL B 380 26.36 18.22 15.70
CA VAL B 380 27.17 19.19 16.43
C VAL B 380 26.31 19.81 17.52
N ARG B 381 26.81 19.77 18.76
CA ARG B 381 26.17 20.43 19.89
C ARG B 381 26.59 21.90 19.91
N THR B 382 25.63 22.80 19.74
CA THR B 382 25.94 24.22 19.80
C THR B 382 25.56 24.77 21.17
N ASN B 383 26.12 25.94 21.48
CA ASN B 383 25.85 26.64 22.73
C ASN B 383 26.41 28.04 22.57
N ALA B 384 26.20 28.87 23.60
CA ALA B 384 26.68 30.25 23.50
C ALA B 384 28.20 30.33 23.44
N LEU B 385 28.90 29.25 23.80
CA LEU B 385 30.36 29.25 23.84
C LEU B 385 31.02 28.79 22.55
N ILE B 386 30.27 28.32 21.55
CA ILE B 386 30.89 27.67 20.42
C ILE B 386 31.77 28.66 19.66
N ASP B 387 32.94 28.22 19.24
CA ASP B 387 33.91 29.10 18.62
C ASP B 387 33.67 29.18 17.12
N THR B 388 34.06 30.30 16.53
CA THR B 388 33.81 30.50 15.10
C THR B 388 34.53 29.50 14.21
N PRO B 389 35.80 29.13 14.45
CA PRO B 389 36.40 28.11 13.56
C PRO B 389 35.62 26.81 13.52
N PHE B 390 35.13 26.33 14.66
CA PHE B 390 34.38 25.08 14.67
C PHE B 390 33.02 25.25 14.00
N LEU B 391 32.35 26.37 14.29
CA LEU B 391 31.09 26.69 13.62
C LEU B 391 31.26 26.77 12.11
N MET B 392 32.37 27.35 11.65
CA MET B 392 32.62 27.43 10.21
C MET B 392 32.90 26.05 9.62
N LYS B 393 33.62 25.20 10.35
CA LYS B 393 33.83 23.84 9.91
C LYS B 393 32.51 23.08 9.84
N THR B 394 31.63 23.29 10.83
CA THR B 394 30.30 22.70 10.81
C THR B 394 29.53 23.16 9.57
N ALA B 395 29.52 24.47 9.30
CA ALA B 395 28.83 25.00 8.12
C ALA B 395 29.43 24.45 6.83
N GLU B 396 30.77 24.38 6.76
CA GLU B 396 31.42 23.83 5.56
C GLU B 396 30.98 22.39 5.31
N THR B 397 30.86 21.59 6.37
CA THR B 397 30.43 20.20 6.17
C THR B 397 28.97 20.13 5.73
N ILE B 398 28.11 20.93 6.37
CA ILE B 398 26.70 20.97 5.98
C ILE B 398 26.56 21.28 4.49
N ARG B 399 27.45 22.12 3.95
CA ARG B 399 27.34 22.56 2.57
C ARG B 399 27.56 21.43 1.56
N PHE B 400 28.17 20.30 1.96
CA PHE B 400 28.24 19.16 1.04
C PHE B 400 26.87 18.58 0.72
N GLY B 401 25.85 18.92 1.51
CA GLY B 401 24.48 18.56 1.13
C GLY B 401 24.03 17.16 1.48
N THR B 402 24.78 16.41 2.30
CA THR B 402 24.26 15.11 2.71
C THR B 402 23.26 15.22 3.85
N GLY B 403 23.13 16.39 4.46
CA GLY B 403 22.32 16.58 5.63
C GLY B 403 23.06 16.44 6.93
N ILE B 404 24.34 16.11 6.90
CA ILE B 404 25.13 15.83 8.09
C ILE B 404 26.28 16.84 8.13
N PRO B 405 26.56 17.47 9.28
CA PRO B 405 25.96 17.26 10.62
C PRO B 405 24.64 17.97 10.84
N GLN B 406 23.77 17.37 11.66
CA GLN B 406 22.65 18.08 12.25
C GLN B 406 23.13 18.83 13.50
N ILE B 407 22.24 19.65 14.07
CA ILE B 407 22.61 20.58 15.15
C ILE B 407 21.67 20.39 16.35
N PHE B 408 22.25 20.35 17.56
CA PHE B 408 21.52 20.26 18.82
C PHE B 408 21.98 21.36 19.76
N ASN B 409 21.04 21.99 20.46
CA ASN B 409 21.32 23.22 21.18
C ASN B 409 21.34 22.97 22.68
N ASP B 410 22.56 22.96 23.26
CA ASP B 410 22.73 22.75 24.69
C ASP B 410 21.94 23.74 25.52
N GLU B 411 21.70 24.94 25.00
CA GLU B 411 21.09 26.00 25.80
C GLU B 411 19.69 25.61 26.24
N VAL B 412 18.98 24.80 25.45
CA VAL B 412 17.64 24.37 25.85
C VAL B 412 17.69 22.91 26.28
N VAL B 413 18.57 22.10 25.68
CA VAL B 413 18.57 20.67 26.00
C VAL B 413 18.96 20.45 27.47
N VAL B 414 19.96 21.15 27.97
CA VAL B 414 20.36 20.91 29.37
C VAL B 414 19.24 21.26 30.33
N PRO B 415 18.57 22.43 30.24
CA PRO B 415 17.39 22.65 31.10
C PRO B 415 16.30 21.60 30.92
N ALA B 416 16.08 21.11 29.69
CA ALA B 416 15.05 20.09 29.51
C ALA B 416 15.33 18.85 30.36
N PHE B 417 16.60 18.43 30.43
CA PHE B 417 16.97 17.27 31.24
C PHE B 417 16.91 17.58 32.73
N LEU B 418 17.43 18.74 33.14
CA LEU B 418 17.33 19.14 34.54
C LEU B 418 15.89 19.06 35.02
N ASN B 419 14.95 19.45 34.15
CA ASN B 419 13.54 19.39 34.52
C ASN B 419 13.05 17.97 34.73
N ARG B 420 13.72 16.97 34.14
CA ARG B 420 13.35 15.57 34.29
C ARG B 420 14.15 14.87 35.39
N GLY B 421 14.86 15.61 36.24
CA GLY B 421 15.58 15.01 37.35
C GLY B 421 16.96 14.51 37.02
N VAL B 422 17.48 14.81 35.84
CA VAL B 422 18.85 14.43 35.47
C VAL B 422 19.81 15.37 36.19
N SER B 423 20.86 14.81 36.78
CA SER B 423 21.89 15.62 37.42
C SER B 423 22.55 16.59 36.42
N LEU B 424 23.14 17.67 36.97
CA LEU B 424 23.76 18.70 36.12
C LEU B 424 24.87 18.11 35.26
N GLU B 425 25.73 17.29 35.86
CA GLU B 425 26.86 16.76 35.10
C GLU B 425 26.40 15.73 34.09
N ASP B 426 25.38 14.93 34.45
CA ASP B 426 24.79 14.02 33.46
C ASP B 426 24.17 14.79 32.31
N ALA B 427 23.39 15.82 32.61
CA ALA B 427 22.69 16.56 31.57
C ALA B 427 23.65 17.26 30.63
N ARG B 428 24.73 17.84 31.17
CA ARG B 428 25.75 18.43 30.30
C ARG B 428 26.41 17.38 29.42
N ASP B 429 26.37 16.10 29.80
CA ASP B 429 27.01 15.04 29.03
C ASP B 429 26.05 14.38 28.01
N TYR B 430 24.96 15.04 27.63
CA TYR B 430 23.95 14.37 26.81
C TYR B 430 24.44 14.12 25.38
N SER B 431 23.79 13.17 24.73
CA SER B 431 23.94 12.96 23.29
C SER B 431 22.56 12.60 22.74
N VAL B 432 22.52 12.01 21.55
CA VAL B 432 21.26 11.79 20.85
C VAL B 432 21.15 10.33 20.45
N VAL B 433 20.01 9.72 20.73
CA VAL B 433 19.69 8.38 20.24
C VAL B 433 18.96 8.53 18.92
N GLY B 434 19.41 7.80 17.90
CA GLY B 434 18.70 7.75 16.63
C GLY B 434 18.70 9.10 15.92
N CYS B 435 17.49 9.56 15.58
CA CYS B 435 17.31 10.82 14.86
C CYS B 435 17.57 12.04 15.73
N VAL B 436 16.73 12.27 16.74
CA VAL B 436 16.80 13.51 17.52
C VAL B 436 16.52 13.22 18.98
N GLU B 437 16.50 11.95 19.37
CA GLU B 437 16.04 11.58 20.72
C GLU B 437 17.12 11.88 21.75
N LEU B 438 16.89 12.94 22.52
CA LEU B 438 17.83 13.37 23.55
C LEU B 438 17.97 12.29 24.62
N SER B 439 19.21 11.98 24.98
CA SER B 439 19.45 10.86 25.89
C SER B 439 20.76 11.09 26.64
N ILE B 440 20.87 10.44 27.81
CA ILE B 440 22.10 10.53 28.60
C ILE B 440 22.91 9.27 28.38
N PRO B 441 24.03 9.32 27.65
CA PRO B 441 24.71 8.11 27.19
C PRO B 441 25.19 7.26 28.35
N GLY B 442 25.01 5.94 28.22
CA GLY B 442 25.41 5.01 29.24
C GLY B 442 24.58 5.05 30.51
N ARG B 443 23.52 5.87 30.57
CA ARG B 443 22.74 6.04 31.80
C ARG B 443 21.22 6.01 31.59
N THR B 444 20.72 5.75 30.37
CA THR B 444 19.33 6.01 30.03
C THR B 444 18.70 4.81 29.34
N TYR B 445 17.48 4.47 29.74
CA TYR B 445 16.59 3.63 28.92
C TYR B 445 15.37 4.47 28.65
N GLY B 446 15.25 4.98 27.42
CA GLY B 446 14.27 6.01 27.14
C GLY B 446 13.00 5.56 26.42
N LEU B 447 12.94 4.31 25.94
CA LEU B 447 11.90 3.93 24.97
C LEU B 447 11.64 5.08 24.02
N HIS B 448 12.73 5.52 23.38
CA HIS B 448 12.76 6.85 22.79
C HIS B 448 11.83 7.03 21.59
N ASP B 449 11.35 5.96 20.98
CA ASP B 449 10.40 6.10 19.89
C ASP B 449 9.30 5.06 20.02
N ILE B 450 8.74 4.95 21.23
CA ILE B 450 7.79 3.87 21.48
C ILE B 450 6.43 4.13 20.82
N ALA B 451 6.08 5.39 20.55
CA ALA B 451 4.77 5.62 19.94
C ALA B 451 4.75 6.98 19.23
N MET B 452 3.86 7.10 18.24
CA MET B 452 3.68 8.32 17.47
C MET B 452 2.21 8.72 17.44
N PHE B 453 1.95 9.98 17.75
CA PHE B 453 0.61 10.50 18.04
C PHE B 453 0.23 11.47 16.93
N ASN B 454 -0.87 11.14 16.21
CA ASN B 454 -1.29 11.91 15.04
C ASN B 454 -2.21 13.03 15.53
N LEU B 455 -1.62 14.21 15.76
CA LEU B 455 -2.40 15.33 16.27
C LEU B 455 -3.48 15.76 15.28
N LEU B 456 -3.19 15.71 13.98
CA LEU B 456 -4.17 16.20 13.01
C LEU B 456 -5.36 15.25 12.88
N LYS B 457 -5.16 13.95 13.08
CA LYS B 457 -6.28 13.01 13.05
C LYS B 457 -7.23 13.27 14.21
N VAL B 458 -6.69 13.61 15.37
CA VAL B 458 -7.53 13.94 16.51
C VAL B 458 -8.44 15.10 16.16
N MET B 459 -7.87 16.15 15.55
CA MET B 459 -8.69 17.31 15.24
C MET B 459 -9.69 16.96 14.14
N GLU B 460 -9.27 16.15 13.15
CA GLU B 460 -10.19 15.74 12.09
C GLU B 460 -11.42 15.03 12.64
N ILE B 461 -11.19 14.03 13.50
CA ILE B 461 -12.33 13.31 14.08
C ILE B 461 -13.19 14.26 14.90
N CYS B 462 -12.57 15.20 15.62
CA CYS B 462 -13.36 16.16 16.39
C CYS B 462 -14.24 17.01 15.48
N LEU B 463 -13.70 17.45 14.35
CA LEU B 463 -14.49 18.27 13.44
C LEU B 463 -15.73 17.51 12.97
N HIS B 464 -15.55 16.27 12.51
CA HIS B 464 -16.68 15.53 11.96
C HIS B 464 -17.62 15.02 13.04
N GLU B 465 -17.15 14.91 14.28
CA GLU B 465 -18.07 14.64 15.38
C GLU B 465 -19.04 15.78 15.61
N ASN B 466 -18.77 16.99 15.11
CA ASN B 466 -19.63 18.14 15.38
C ASN B 466 -20.46 18.55 14.17
N GLU B 467 -20.64 17.66 13.20
CA GLU B 467 -21.55 17.92 12.11
C GLU B 467 -22.98 17.97 12.64
N GLY B 468 -23.73 19.00 12.23
CA GLY B 468 -25.08 19.19 12.71
C GLY B 468 -25.17 19.77 14.10
N ASN B 469 -24.06 20.21 14.69
CA ASN B 469 -24.05 20.81 16.02
C ASN B 469 -24.28 22.31 15.86
N ALA B 470 -25.52 22.73 16.11
CA ALA B 470 -25.89 24.14 15.95
C ALA B 470 -25.23 25.03 17.00
N ALA B 471 -24.94 24.49 18.19
CA ALA B 471 -24.37 25.26 19.28
C ALA B 471 -22.85 25.30 19.28
N LEU B 472 -22.20 24.77 18.25
CA LEU B 472 -20.74 24.71 18.23
C LEU B 472 -20.13 26.12 18.20
N THR B 473 -19.18 26.38 19.10
CA THR B 473 -18.33 27.55 19.06
C THR B 473 -16.88 27.13 18.83
N TYR B 474 -16.06 28.10 18.44
CA TYR B 474 -14.63 27.81 18.29
C TYR B 474 -14.02 27.33 19.60
N GLU B 475 -14.30 28.04 20.69
CA GLU B 475 -13.73 27.67 21.98
C GLU B 475 -14.23 26.31 22.44
N GLY B 476 -15.51 26.00 22.18
CA GLY B 476 -16.01 24.68 22.49
C GLY B 476 -15.35 23.60 21.65
N LEU B 477 -15.09 23.89 20.37
CA LEU B 477 -14.32 22.96 19.54
C LEU B 477 -12.93 22.74 20.12
N LEU B 478 -12.27 23.82 20.53
CA LEU B 478 -10.92 23.70 21.05
C LEU B 478 -10.88 22.82 22.29
N GLU B 479 -11.85 22.99 23.20
CA GLU B 479 -11.90 22.15 24.40
C GLU B 479 -12.14 20.69 24.04
N GLN B 480 -13.01 20.44 23.07
CA GLN B 480 -13.22 19.07 22.60
C GLN B 480 -11.92 18.45 22.08
N ILE B 481 -11.13 19.25 21.36
CA ILE B 481 -9.86 18.77 20.81
C ILE B 481 -8.87 18.49 21.95
N ARG B 482 -8.75 19.41 22.91
CA ARG B 482 -7.91 19.14 24.07
C ARG B 482 -8.37 17.89 24.80
N ALA B 483 -9.69 17.73 24.98
CA ALA B 483 -10.20 16.56 25.67
C ALA B 483 -9.86 15.27 24.92
N LYS B 484 -10.01 15.28 23.60
CA LYS B 484 -9.71 14.06 22.85
C LYS B 484 -8.22 13.76 22.86
N ILE B 485 -7.38 14.79 22.75
CA ILE B 485 -5.94 14.58 22.93
C ILE B 485 -5.68 13.90 24.28
N SER B 486 -6.28 14.45 25.35
CA SER B 486 -6.04 13.89 26.68
C SER B 486 -6.51 12.44 26.76
N HIS B 487 -7.69 12.14 26.21
CA HIS B 487 -8.22 10.78 26.29
C HIS B 487 -7.30 9.79 25.58
N TYR B 488 -6.83 10.13 24.37
CA TYR B 488 -6.03 9.17 23.61
C TYR B 488 -4.59 9.07 24.10
N ILE B 489 -4.07 10.09 24.78
CA ILE B 489 -2.74 9.94 25.38
C ILE B 489 -2.76 8.83 26.42
N THR B 490 -3.84 8.73 27.20
CA THR B 490 -3.96 7.63 28.15
C THR B 490 -3.84 6.28 27.47
N LEU B 491 -4.47 6.14 26.30
CA LEU B 491 -4.42 4.88 25.58
C LEU B 491 -3.06 4.67 24.91
N MET B 492 -2.45 5.73 24.37
CA MET B 492 -1.06 5.64 23.92
C MET B 492 -0.17 5.07 25.02
N VAL B 493 -0.32 5.61 26.23
CA VAL B 493 0.50 5.16 27.34
C VAL B 493 0.23 3.69 27.65
N GLU B 494 -1.05 3.29 27.64
CA GLU B 494 -1.38 1.90 27.89
C GLU B 494 -0.71 0.97 26.87
N GLY B 495 -0.81 1.30 25.59
CA GLY B 495 -0.22 0.46 24.56
C GLY B 495 1.31 0.45 24.62
N SER B 496 1.91 1.61 24.92
CA SER B 496 3.36 1.66 25.06
C SER B 496 3.85 0.80 26.21
N ASN B 497 3.16 0.86 27.36
CA ASN B 497 3.55 0.04 28.50
C ASN B 497 3.44 -1.44 28.19
N ILE B 498 2.43 -1.85 27.42
CA ILE B 498 2.32 -3.25 27.05
C ILE B 498 3.54 -3.68 26.25
N CYS B 499 3.98 -2.84 25.31
CA CYS B 499 5.15 -3.19 24.52
C CYS B 499 6.41 -3.21 25.37
N ASP B 500 6.55 -2.22 26.25
CA ASP B 500 7.60 -2.17 27.25
C ASP B 500 7.73 -3.51 27.97
N ILE B 501 6.62 -4.01 28.52
CA ILE B 501 6.64 -5.28 29.23
C ILE B 501 6.92 -6.45 28.29
N GLY B 502 6.42 -6.39 27.06
CA GLY B 502 6.77 -7.41 26.07
C GLY B 502 8.28 -7.57 25.91
N HIS B 503 9.00 -6.45 25.85
CA HIS B 503 10.46 -6.50 25.75
C HIS B 503 11.09 -7.03 27.04
N ARG B 504 10.53 -6.65 28.19
CA ARG B 504 11.00 -7.18 29.47
C ARG B 504 10.81 -8.69 29.56
N ASP B 505 9.61 -9.19 29.25
CA ASP B 505 9.34 -10.62 29.42
C ASP B 505 10.04 -11.48 28.39
N TRP B 506 10.32 -10.96 27.20
CA TRP B 506 10.76 -11.83 26.12
C TRP B 506 12.04 -11.40 25.43
N ALA B 507 12.54 -10.18 25.68
CA ALA B 507 13.71 -9.71 24.96
C ALA B 507 14.65 -8.84 25.80
N PRO B 508 15.07 -9.27 26.99
CA PRO B 508 16.07 -8.49 27.72
C PRO B 508 17.40 -8.51 26.99
N VAL B 509 18.24 -7.53 27.30
CA VAL B 509 19.51 -7.39 26.58
C VAL B 509 20.64 -7.30 27.59
N PRO B 510 21.08 -8.45 28.16
CA PRO B 510 21.99 -8.38 29.32
C PRO B 510 23.35 -7.79 29.02
N LEU B 511 23.96 -8.09 27.87
CA LEU B 511 25.28 -7.52 27.61
C LEU B 511 25.19 -6.00 27.50
N LEU B 512 24.29 -5.51 26.64
CA LEU B 512 24.03 -4.07 26.56
C LEU B 512 23.81 -3.46 27.94
N SER B 513 22.96 -4.09 28.76
CA SER B 513 22.62 -3.51 30.06
C SER B 513 23.80 -3.43 31.00
N SER B 514 24.74 -4.38 30.93
CA SER B 514 25.93 -4.31 31.76
C SER B 514 26.78 -3.08 31.44
N PHE B 515 26.57 -2.46 30.29
CA PHE B 515 27.19 -1.18 29.95
C PHE B 515 26.24 0.01 30.17
N ILE B 516 25.23 -0.14 31.02
CA ILE B 516 24.28 0.94 31.32
C ILE B 516 24.23 1.11 32.84
N SER B 517 24.69 2.27 33.33
CA SER B 517 24.43 2.63 34.72
C SER B 517 22.92 2.88 34.88
N ASP B 518 22.33 2.38 35.97
CA ASP B 518 23.00 1.74 37.10
C ASP B 518 22.61 0.26 37.23
N CYS B 519 22.64 -0.45 36.09
CA CYS B 519 22.09 -1.80 36.06
C CYS B 519 22.85 -2.73 36.99
N LEU B 520 24.18 -2.59 37.04
CA LEU B 520 24.97 -3.46 37.90
C LEU B 520 24.70 -3.17 39.38
N GLU B 521 24.55 -1.89 39.73
CA GLU B 521 24.21 -1.53 41.10
C GLU B 521 22.86 -2.11 41.51
N LYS B 522 21.86 -1.95 40.64
CA LYS B 522 20.51 -2.42 40.91
C LYS B 522 20.33 -3.91 40.64
N GLY B 523 21.24 -4.52 39.89
CA GLY B 523 21.15 -5.93 39.56
C GLY B 523 20.04 -6.28 38.60
N ARG B 524 19.70 -5.40 37.67
CA ARG B 524 18.55 -5.59 36.80
C ARG B 524 18.89 -5.12 35.39
N ASP B 525 18.39 -5.85 34.40
CA ASP B 525 18.42 -5.45 32.99
C ASP B 525 17.71 -4.10 32.83
N ILE B 526 18.06 -3.39 31.74
CA ILE B 526 17.34 -2.16 31.43
C ILE B 526 15.84 -2.43 31.28
N THR B 527 15.47 -3.60 30.72
CA THR B 527 14.05 -3.88 30.54
C THR B 527 13.32 -4.06 31.86
N ASP B 528 14.02 -4.22 32.97
CA ASP B 528 13.40 -4.23 34.29
C ASP B 528 13.86 -3.03 35.13
N GLY B 529 14.22 -1.93 34.46
CA GLY B 529 14.41 -0.66 35.14
C GLY B 529 15.78 -0.39 35.70
N GLY B 530 16.80 -1.15 35.30
CA GLY B 530 18.14 -0.97 35.86
C GLY B 530 18.81 0.35 35.50
N ALA B 531 18.35 1.04 34.46
CA ALA B 531 19.02 2.27 34.04
C ALA B 531 18.78 3.37 35.05
N ARG B 532 19.75 4.29 35.13
CA ARG B 532 19.62 5.45 36.02
C ARG B 532 18.40 6.28 35.68
N TYR B 533 18.19 6.59 34.40
CA TYR B 533 17.06 7.37 33.94
C TYR B 533 16.15 6.50 33.09
N ASN B 534 14.84 6.51 33.40
CA ASN B 534 13.88 5.63 32.73
C ASN B 534 12.76 6.49 32.15
N PHE B 535 12.73 6.64 30.84
CA PHE B 535 11.69 7.42 30.19
C PHE B 535 10.87 6.51 29.28
N SER B 536 9.81 7.07 28.71
CA SER B 536 9.12 6.49 27.56
C SER B 536 8.76 7.64 26.65
N GLY B 537 9.34 7.68 25.45
CA GLY B 537 9.26 8.84 24.58
C GLY B 537 8.23 8.72 23.49
N VAL B 538 7.25 9.63 23.50
CA VAL B 538 6.08 9.55 22.62
C VAL B 538 5.96 10.85 21.82
N GLN B 539 5.78 10.72 20.50
CA GLN B 539 5.96 11.85 19.59
C GLN B 539 4.61 12.45 19.16
N GLY B 540 4.49 13.76 19.31
CA GLY B 540 3.33 14.48 18.82
C GLY B 540 3.59 15.07 17.44
N ILE B 541 2.88 14.58 16.41
CA ILE B 541 3.15 14.90 15.02
C ILE B 541 1.97 15.67 14.41
N GLY B 542 2.28 16.64 13.57
CA GLY B 542 1.26 17.44 12.90
C GLY B 542 1.00 18.82 13.48
N ILE B 543 1.90 19.37 14.31
CA ILE B 543 1.58 20.64 14.98
C ILE B 543 1.34 21.77 13.99
N ALA B 544 2.14 21.83 12.91
CA ALA B 544 1.95 22.90 11.93
C ALA B 544 0.55 22.84 11.33
N ASN B 545 0.11 21.63 10.95
CA ASN B 545 -1.20 21.49 10.31
C ASN B 545 -2.33 21.76 11.29
N LEU B 546 -2.15 21.34 12.54
CA LEU B 546 -3.18 21.60 13.56
C LEU B 546 -3.40 23.10 13.72
N SER B 547 -2.32 23.87 13.89
CA SER B 547 -2.47 25.30 14.11
C SER B 547 -2.94 26.01 12.84
N ASP B 548 -2.37 25.66 11.67
CA ASP B 548 -2.85 26.22 10.41
C ASP B 548 -4.35 25.94 10.21
N SER B 549 -4.78 24.72 10.53
CA SER B 549 -6.19 24.36 10.33
C SER B 549 -7.10 25.15 11.26
N LEU B 550 -6.74 25.19 12.55
CA LEU B 550 -7.58 25.87 13.53
C LEU B 550 -7.66 27.36 13.25
N HIS B 551 -6.53 27.97 12.87
CA HIS B 551 -6.53 29.40 12.60
C HIS B 551 -7.39 29.74 11.39
N ALA B 552 -7.26 28.96 10.31
CA ALA B 552 -8.05 29.24 9.10
C ALA B 552 -9.53 28.96 9.33
N LEU B 553 -9.84 27.93 10.11
CA LEU B 553 -11.22 27.62 10.46
C LEU B 553 -11.85 28.72 11.32
N LYS B 554 -11.12 29.20 12.33
CA LYS B 554 -11.61 30.32 13.12
C LYS B 554 -11.96 31.51 12.24
N GLY B 555 -11.08 31.87 11.31
CA GLY B 555 -11.31 33.03 10.47
C GLY B 555 -12.41 32.81 9.46
N MET B 556 -12.36 31.68 8.75
CA MET B 556 -13.31 31.40 7.69
C MET B 556 -14.72 31.25 8.21
N VAL B 557 -14.90 30.42 9.23
CA VAL B 557 -16.24 30.02 9.65
C VAL B 557 -16.75 30.90 10.80
N PHE B 558 -15.99 30.99 11.89
CA PHE B 558 -16.51 31.63 13.10
C PHE B 558 -16.37 33.15 13.07
N GLU B 559 -15.34 33.70 12.43
CA GLU B 559 -15.19 35.15 12.42
C GLU B 559 -15.85 35.77 11.19
N GLN B 560 -15.40 35.40 10.00
CA GLN B 560 -15.90 36.05 8.79
C GLN B 560 -17.23 35.46 8.32
N GLN B 561 -17.56 34.25 8.80
CA GLN B 561 -18.82 33.59 8.49
C GLN B 561 -19.05 33.46 6.98
N ARG B 562 -17.96 33.25 6.24
CA ARG B 562 -18.07 32.96 4.81
C ARG B 562 -18.68 31.59 4.57
N LEU B 563 -18.47 30.67 5.51
CA LEU B 563 -18.98 29.31 5.46
C LEU B 563 -19.52 28.97 6.82
N SER B 564 -20.66 28.28 6.86
CA SER B 564 -21.08 27.58 8.06
C SER B 564 -20.11 26.43 8.36
N PHE B 565 -20.12 25.98 9.62
CA PHE B 565 -19.27 24.86 9.98
C PHE B 565 -19.62 23.62 9.16
N ASP B 566 -20.91 23.34 9.04
CA ASP B 566 -21.34 22.18 8.27
C ASP B 566 -21.01 22.34 6.79
N GLU B 567 -21.11 23.57 6.27
CA GLU B 567 -20.71 23.79 4.88
C GLU B 567 -19.23 23.48 4.69
N LEU B 568 -18.39 23.91 5.64
CA LEU B 568 -16.97 23.59 5.54
C LEU B 568 -16.75 22.08 5.58
N LEU B 569 -17.39 21.39 6.53
CA LEU B 569 -17.28 19.94 6.62
C LEU B 569 -17.61 19.29 5.28
N SER B 570 -18.68 19.74 4.62
CA SER B 570 -19.03 19.21 3.31
C SER B 570 -17.94 19.47 2.28
N VAL B 571 -17.31 20.65 2.35
CA VAL B 571 -16.20 20.94 1.44
C VAL B 571 -15.04 19.98 1.68
N LEU B 572 -14.71 19.74 2.95
CA LEU B 572 -13.62 18.81 3.25
C LEU B 572 -13.97 17.39 2.78
N LYS B 573 -15.21 16.95 3.05
CA LYS B 573 -15.68 15.65 2.58
C LYS B 573 -15.50 15.49 1.07
N ALA B 574 -15.74 16.56 0.32
CA ALA B 574 -15.58 16.54 -1.13
C ALA B 574 -14.14 16.73 -1.59
N ASN B 575 -13.17 16.80 -0.67
CA ASN B 575 -11.76 16.95 -1.00
C ASN B 575 -11.50 18.14 -1.94
N PHE B 576 -12.25 19.22 -1.73
CA PHE B 576 -12.06 20.49 -2.46
C PHE B 576 -12.20 20.32 -3.97
N ALA B 577 -13.02 19.37 -4.44
CA ALA B 577 -13.04 19.11 -5.88
C ALA B 577 -13.99 20.04 -6.65
N THR B 578 -15.05 20.54 -6.00
CA THR B 578 -16.01 21.40 -6.67
C THR B 578 -15.38 22.77 -6.98
N PRO B 579 -15.93 23.50 -7.96
CA PRO B 579 -15.38 24.86 -8.23
C PRO B 579 -15.45 25.76 -7.01
N GLU B 580 -16.56 25.76 -6.26
CA GLU B 580 -16.55 26.44 -4.97
C GLU B 580 -15.46 25.88 -4.06
N GLY B 581 -15.20 24.56 -4.15
CA GLY B 581 -14.23 23.95 -3.26
C GLY B 581 -12.79 24.34 -3.57
N GLU B 582 -12.45 24.43 -4.85
CA GLU B 582 -11.14 24.96 -5.22
C GLU B 582 -10.97 26.40 -4.75
N LYS B 583 -12.04 27.20 -4.81
CA LYS B 583 -11.97 28.57 -4.32
C LYS B 583 -11.78 28.59 -2.81
N VAL B 584 -12.56 27.77 -2.11
CA VAL B 584 -12.42 27.69 -0.66
C VAL B 584 -11.01 27.24 -0.29
N ARG B 585 -10.47 26.25 -1.01
CA ARG B 585 -9.14 25.76 -0.71
C ARG B 585 -8.10 26.87 -0.87
N ALA B 586 -8.18 27.61 -1.97
CA ALA B 586 -7.26 28.71 -2.22
C ALA B 586 -7.38 29.79 -1.16
N ARG B 587 -8.61 30.11 -0.74
CA ARG B 587 -8.80 31.08 0.34
C ARG B 587 -8.24 30.58 1.66
N LEU B 588 -8.46 29.29 1.99
CA LEU B 588 -7.96 28.75 3.25
C LEU B 588 -6.43 28.80 3.29
N ILE B 589 -5.79 28.54 2.16
CA ILE B 589 -4.32 28.54 2.09
C ILE B 589 -3.78 29.97 2.10
N ASN B 590 -4.31 30.83 1.24
CA ASN B 590 -3.66 32.11 0.95
C ASN B 590 -4.13 33.29 1.80
N ARG B 591 -5.35 33.25 2.34
CA ARG B 591 -5.87 34.39 3.08
C ARG B 591 -5.85 34.19 4.59
N PHE B 592 -5.18 33.15 5.08
CA PHE B 592 -5.03 32.93 6.51
C PHE B 592 -3.56 32.64 6.80
N GLU B 593 -3.05 33.26 7.85
CA GLU B 593 -1.64 33.11 8.17
C GLU B 593 -1.31 31.67 8.55
N LYS B 594 -0.08 31.27 8.28
CA LYS B 594 0.39 29.92 8.53
C LYS B 594 1.56 29.94 9.52
N TYR B 595 1.67 28.87 10.30
CA TYR B 595 2.79 28.68 11.23
C TYR B 595 4.11 28.64 10.46
N GLY B 596 5.15 29.25 11.03
CA GLY B 596 6.42 29.33 10.37
C GLY B 596 6.72 30.63 9.66
N ASN B 597 5.89 31.65 9.86
CA ASN B 597 6.10 32.98 9.30
C ASN B 597 6.23 34.06 10.38
N ASP B 598 6.52 33.65 11.62
CA ASP B 598 6.64 34.55 12.75
C ASP B 598 5.37 35.36 12.98
N ILE B 599 4.21 34.71 12.83
CA ILE B 599 2.91 35.33 13.05
C ILE B 599 2.35 34.81 14.36
N ASP B 600 2.29 35.69 15.38
CA ASP B 600 1.93 35.26 16.73
C ASP B 600 0.58 34.55 16.80
N GLU B 601 -0.42 35.07 16.09
CA GLU B 601 -1.77 34.54 16.28
C GLU B 601 -1.85 33.06 15.94
N VAL B 602 -1.24 32.65 14.83
CA VAL B 602 -1.25 31.23 14.49
C VAL B 602 -0.20 30.47 15.29
N ASP B 603 1.00 31.06 15.49
CA ASP B 603 2.05 30.36 16.24
C ASP B 603 1.62 30.06 17.67
N ASN B 604 0.85 30.95 18.29
CA ASN B 604 0.43 30.71 19.67
C ASN B 604 -0.50 29.52 19.78
N ILE B 605 -1.24 29.19 18.72
CA ILE B 605 -2.04 27.97 18.72
C ILE B 605 -1.15 26.73 18.77
N SER B 606 -0.11 26.69 17.92
CA SER B 606 0.78 25.54 17.96
C SER B 606 1.47 25.44 19.33
N ALA B 607 1.87 26.57 19.92
CA ALA B 607 2.49 26.52 21.24
C ALA B 607 1.52 25.98 22.27
N GLU B 608 0.27 26.48 22.28
CA GLU B 608 -0.67 26.09 23.33
C GLU B 608 -1.04 24.60 23.25
N LEU B 609 -1.33 24.11 22.04
CA LEU B 609 -1.78 22.73 21.92
C LEU B 609 -0.63 21.75 22.09
N LEU B 610 0.58 22.10 21.61
CA LEU B 610 1.72 21.23 21.87
C LEU B 610 2.05 21.21 23.37
N ARG B 611 1.90 22.36 24.06
CA ARG B 611 2.11 22.35 25.52
C ARG B 611 1.08 21.50 26.22
N HIS B 612 -0.19 21.54 25.77
CA HIS B 612 -1.19 20.67 26.35
C HIS B 612 -0.82 19.20 26.17
N TYR B 613 -0.43 18.82 24.94
CA TYR B 613 0.10 17.47 24.70
C TYR B 613 1.22 17.13 25.68
N CYS B 614 2.20 18.03 25.84
CA CYS B 614 3.34 17.74 26.72
C CYS B 614 2.91 17.56 28.17
N LYS B 615 2.02 18.44 28.66
CA LYS B 615 1.68 18.40 30.08
C LYS B 615 0.83 17.18 30.41
N GLU B 616 0.03 16.68 29.45
CA GLU B 616 -0.66 15.42 29.66
C GLU B 616 0.32 14.26 29.68
N VAL B 617 1.22 14.21 28.68
CA VAL B 617 2.14 13.08 28.53
C VAL B 617 2.91 12.83 29.82
N GLU B 618 3.43 13.91 30.42
CA GLU B 618 4.33 13.76 31.57
C GLU B 618 3.62 13.29 32.83
N LYS B 619 2.28 13.16 32.83
CA LYS B 619 1.56 12.67 33.99
C LYS B 619 1.71 11.17 34.19
N TYR B 620 2.15 10.44 33.18
CA TYR B 620 2.00 8.99 33.17
C TYR B 620 3.31 8.27 33.46
N GLN B 621 3.21 7.16 34.19
CA GLN B 621 4.37 6.37 34.58
C GLN B 621 4.54 5.18 33.63
N ASN B 622 5.78 4.77 33.43
CA ASN B 622 6.07 3.49 32.79
C ASN B 622 6.31 2.44 33.85
N PRO B 623 6.36 1.15 33.47
CA PRO B 623 6.54 0.10 34.49
C PRO B 623 7.94 0.05 35.08
N ARG B 624 8.84 0.94 34.70
CA ARG B 624 10.20 0.95 35.21
C ARG B 624 10.45 2.04 36.26
N GLY B 625 9.40 2.68 36.78
CA GLY B 625 9.66 3.70 37.78
C GLY B 625 10.00 5.07 37.23
N GLY B 626 9.90 5.27 35.91
CA GLY B 626 10.04 6.57 35.32
C GLY B 626 8.73 7.08 34.75
N TYR B 627 8.83 8.20 34.05
CA TYR B 627 7.67 8.82 33.46
C TYR B 627 7.80 8.92 31.94
N PHE B 628 6.65 9.04 31.29
CA PHE B 628 6.64 9.35 29.86
C PHE B 628 7.17 10.74 29.62
N THR B 629 7.79 10.92 28.45
CA THR B 629 8.34 12.21 28.05
C THR B 629 7.87 12.52 26.64
N PRO B 630 7.53 13.78 26.36
CA PRO B 630 7.05 14.12 25.01
C PRO B 630 8.19 14.53 24.09
N GLY B 631 8.04 14.10 22.84
CA GLY B 631 8.88 14.56 21.75
C GLY B 631 8.01 15.08 20.62
N SER B 632 8.67 15.58 19.59
CA SER B 632 7.94 15.96 18.39
C SER B 632 8.90 15.78 17.20
N TYR B 633 8.91 14.55 16.67
CA TYR B 633 9.68 14.24 15.46
C TYR B 633 8.98 13.12 14.69
N THR B 634 9.36 12.94 13.43
CA THR B 634 8.59 12.11 12.51
C THR B 634 9.31 10.89 11.96
N VAL B 635 10.63 10.93 11.83
CA VAL B 635 11.33 10.05 10.90
C VAL B 635 10.64 10.26 9.55
N SER B 636 10.18 9.21 8.88
CA SER B 636 9.38 9.42 7.68
C SER B 636 7.87 9.32 7.93
N ALA B 637 7.44 9.28 9.20
CA ALA B 637 6.05 8.92 9.49
C ALA B 637 5.05 10.02 9.13
N HIS B 638 5.49 11.26 8.84
CA HIS B 638 4.52 12.27 8.40
C HIS B 638 3.80 11.85 7.12
N VAL B 639 4.38 10.95 6.34
CA VAL B 639 3.78 10.53 5.08
C VAL B 639 2.65 9.53 5.37
N PRO B 640 2.88 8.36 6.01
CA PRO B 640 1.72 7.50 6.32
C PRO B 640 0.71 8.15 7.24
N LEU B 641 1.16 8.96 8.21
CA LEU B 641 0.23 9.62 9.10
C LEU B 641 -0.69 10.57 8.34
N GLY B 642 -0.13 11.33 7.40
CA GLY B 642 -0.99 12.18 6.58
C GLY B 642 -1.86 11.36 5.64
N SER B 643 -1.38 10.19 5.22
CA SER B 643 -2.12 9.34 4.30
C SER B 643 -3.46 8.89 4.89
N VAL B 644 -3.65 8.99 6.21
CA VAL B 644 -4.87 8.54 6.85
C VAL B 644 -5.67 9.70 7.44
N VAL B 645 -5.35 10.95 7.06
CA VAL B 645 -6.13 12.12 7.46
C VAL B 645 -6.77 12.73 6.21
N GLY B 646 -8.09 12.93 6.25
CA GLY B 646 -8.79 13.54 5.14
C GLY B 646 -8.42 15.00 4.95
N ALA B 647 -9.15 15.66 4.06
CA ALA B 647 -8.91 17.09 3.80
C ALA B 647 -9.13 17.89 5.07
N THR B 648 -8.27 18.90 5.30
CA THR B 648 -8.35 19.69 6.51
C THR B 648 -8.38 21.18 6.19
N PRO B 649 -8.82 22.01 7.14
CA PRO B 649 -9.02 23.45 6.84
C PRO B 649 -7.74 24.23 6.60
N ASP B 650 -6.54 23.65 6.78
CA ASP B 650 -5.33 24.33 6.32
C ASP B 650 -5.16 24.23 4.81
N GLY B 651 -6.02 23.48 4.12
CA GLY B 651 -5.92 23.35 2.68
C GLY B 651 -5.28 22.06 2.22
N ARG B 652 -4.91 21.19 3.15
CA ARG B 652 -4.40 19.87 2.82
C ARG B 652 -5.47 19.08 2.08
N PHE B 653 -5.08 18.45 0.98
CA PHE B 653 -5.94 17.45 0.37
C PHE B 653 -5.97 16.19 1.24
N ALA B 654 -7.03 15.41 1.09
CA ALA B 654 -7.11 14.11 1.73
C ALA B 654 -5.87 13.29 1.42
N GLY B 655 -5.26 12.74 2.47
CA GLY B 655 -4.11 11.88 2.31
C GLY B 655 -2.79 12.58 2.06
N GLU B 656 -2.79 13.91 1.93
CA GLU B 656 -1.55 14.67 1.87
C GLU B 656 -0.68 14.44 3.11
N GLN B 657 0.63 14.53 2.94
CA GLN B 657 1.50 14.36 4.08
C GLN B 657 1.21 15.39 5.16
N LEU B 658 1.51 15.04 6.40
CA LEU B 658 1.62 16.04 7.45
C LEU B 658 2.91 16.83 7.23
N ALA B 659 3.06 17.92 7.98
CA ALA B 659 4.30 18.68 7.89
C ALA B 659 5.48 17.76 8.25
N ASP B 660 6.58 17.93 7.52
CA ASP B 660 7.73 17.06 7.72
C ASP B 660 8.41 17.34 9.06
N GLY B 661 9.20 16.39 9.49
CA GLY B 661 10.12 16.59 10.59
C GLY B 661 9.56 16.53 11.98
N GLY B 662 8.49 17.29 12.25
CA GLY B 662 7.98 17.42 13.59
C GLY B 662 7.59 18.86 13.87
N LEU B 663 8.57 19.77 13.88
CA LEU B 663 8.31 21.18 14.10
C LEU B 663 8.42 22.02 12.84
N SER B 664 8.65 21.41 11.67
CA SER B 664 8.76 22.17 10.44
C SER B 664 7.41 22.77 10.03
N PRO B 665 7.43 23.88 9.31
CA PRO B 665 6.19 24.36 8.66
C PRO B 665 5.72 23.36 7.61
N MET B 666 4.42 23.37 7.36
CA MET B 666 3.85 22.64 6.21
C MET B 666 4.53 23.08 4.93
N LEU B 667 4.63 22.15 3.97
CA LEU B 667 5.34 22.41 2.72
C LEU B 667 4.89 23.71 2.07
N GLY B 668 5.88 24.57 1.76
CA GLY B 668 5.63 25.76 0.99
C GLY B 668 4.85 26.85 1.70
N GLN B 669 4.52 26.69 2.98
CA GLN B 669 3.75 27.69 3.70
C GLN B 669 4.62 28.72 4.40
N ASP B 670 5.93 28.50 4.49
CA ASP B 670 6.85 29.48 5.08
C ASP B 670 7.25 30.46 4.00
N ALA B 671 6.66 31.66 4.03
CA ALA B 671 6.85 32.64 2.97
C ALA B 671 7.66 33.84 3.39
N GLN B 672 8.20 33.84 4.61
CA GLN B 672 8.89 34.99 5.17
C GLN B 672 10.37 34.74 5.43
N GLY B 673 10.94 33.72 4.81
CA GLY B 673 12.36 33.44 4.95
C GLY B 673 12.65 32.53 6.13
N PRO B 674 13.92 32.09 6.24
CA PRO B 674 14.25 31.06 7.23
C PRO B 674 14.38 31.56 8.66
N THR B 675 14.68 32.84 8.88
CA THR B 675 14.71 33.31 10.27
C THR B 675 13.31 33.43 10.84
N ALA B 676 12.32 33.75 10.01
CA ALA B 676 10.94 33.74 10.48
C ALA B 676 10.50 32.35 10.91
N VAL B 677 10.97 31.31 10.20
CA VAL B 677 10.73 29.94 10.64
C VAL B 677 11.29 29.72 12.04
N LEU B 678 12.58 30.04 12.24
CA LEU B 678 13.19 29.93 13.57
C LEU B 678 12.35 30.62 14.63
N LYS B 679 11.88 31.82 14.34
CA LYS B 679 11.14 32.58 15.35
C LYS B 679 9.81 31.91 15.69
N SER B 680 9.12 31.33 14.69
CA SER B 680 7.89 30.61 15.00
C SER B 680 8.15 29.45 15.96
N VAL B 681 9.15 28.63 15.64
CA VAL B 681 9.45 27.46 16.47
C VAL B 681 9.91 27.89 17.85
N SER B 682 10.64 29.02 17.93
CA SER B 682 11.15 29.48 19.21
C SER B 682 10.04 29.80 20.21
N LYS B 683 8.83 30.06 19.73
CA LYS B 683 7.69 30.37 20.58
C LYS B 683 7.12 29.16 21.32
N LEU B 684 7.48 27.94 20.91
CA LEU B 684 6.98 26.77 21.61
C LEU B 684 7.69 26.60 22.94
N ASP B 685 7.09 25.84 23.86
CA ASP B 685 7.76 25.55 25.14
C ASP B 685 8.69 24.37 24.92
N ASN B 686 9.82 24.67 24.27
CA ASN B 686 10.78 23.64 23.90
C ASN B 686 11.43 22.96 25.10
N THR B 687 11.43 23.61 26.29
CA THR B 687 12.02 22.98 27.48
C THR B 687 11.30 21.72 27.88
N LEU B 688 9.98 21.65 27.62
CA LEU B 688 9.18 20.48 27.99
C LEU B 688 9.39 19.28 27.07
N LEU B 689 9.83 19.49 25.83
CA LEU B 689 9.91 18.41 24.84
C LEU B 689 11.21 17.61 24.99
N SER B 690 11.36 17.00 26.18
CA SER B 690 12.66 16.45 26.55
C SER B 690 12.99 15.16 25.81
N ASN B 691 12.05 14.56 25.07
CA ASN B 691 12.43 13.42 24.23
C ASN B 691 12.96 13.87 22.89
N GLY B 692 12.92 15.16 22.57
CA GLY B 692 13.57 15.58 21.35
C GLY B 692 12.57 16.12 20.34
N THR B 693 13.02 17.08 19.55
CA THR B 693 12.23 17.66 18.48
C THR B 693 13.06 17.71 17.20
N LEU B 694 12.41 18.10 16.10
CA LEU B 694 13.06 18.05 14.81
C LEU B 694 12.58 19.21 13.94
N LEU B 695 13.52 19.99 13.40
CA LEU B 695 13.21 21.02 12.43
C LEU B 695 14.03 20.77 11.16
N ASN B 696 13.36 20.72 10.00
CA ASN B 696 14.03 20.63 8.70
C ASN B 696 14.01 21.99 8.00
N VAL B 697 15.16 22.43 7.50
CA VAL B 697 15.26 23.61 6.66
C VAL B 697 16.08 23.24 5.43
N LYS B 698 15.74 23.83 4.28
CA LYS B 698 16.49 23.58 3.05
C LYS B 698 16.99 24.90 2.48
N PHE B 699 18.27 24.92 2.10
CA PHE B 699 18.90 26.06 1.46
C PHE B 699 19.27 25.70 0.03
N THR B 700 19.25 26.69 -0.85
CA THR B 700 19.80 26.50 -2.19
C THR B 700 21.32 26.43 -2.10
N PRO B 701 21.97 25.60 -2.91
CA PRO B 701 23.44 25.59 -2.90
C PRO B 701 24.05 26.96 -3.16
N ALA B 702 23.45 27.76 -4.04
CA ALA B 702 24.00 29.06 -4.38
C ALA B 702 24.14 29.96 -3.15
N THR B 703 23.14 29.95 -2.25
CA THR B 703 23.19 30.88 -1.13
C THR B 703 24.29 30.54 -0.14
N LEU B 704 24.84 29.33 -0.17
CA LEU B 704 25.92 28.95 0.75
C LEU B 704 27.30 29.06 0.11
N GLU B 705 27.40 29.60 -1.10
CA GLU B 705 28.68 29.64 -1.79
C GLU B 705 29.64 30.60 -1.10
N GLY B 706 30.93 30.27 -1.16
CA GLY B 706 31.98 31.14 -0.68
C GLY B 706 32.08 31.29 0.82
N GLU B 707 33.14 31.98 1.29
CA GLU B 707 33.25 32.28 2.71
C GLU B 707 32.02 33.02 3.20
N ALA B 708 31.50 33.94 2.39
CA ALA B 708 30.34 34.72 2.81
C ALA B 708 29.14 33.80 3.05
N GLY B 709 29.03 32.74 2.25
CA GLY B 709 27.94 31.79 2.46
C GLY B 709 28.11 31.03 3.75
N LEU B 710 29.32 30.56 4.03
CA LEU B 710 29.55 29.86 5.29
C LEU B 710 29.31 30.78 6.48
N ARG B 711 29.74 32.05 6.38
CA ARG B 711 29.50 32.98 7.49
C ARG B 711 28.02 33.26 7.69
N LYS B 712 27.24 33.32 6.60
CA LYS B 712 25.79 33.49 6.75
C LYS B 712 25.19 32.31 7.49
N LEU B 713 25.64 31.09 7.19
CA LEU B 713 25.13 29.91 7.89
C LEU B 713 25.60 29.90 9.34
N ALA B 714 26.85 30.30 9.59
CA ALA B 714 27.33 30.42 10.96
C ALA B 714 26.49 31.40 11.76
N ASP B 715 26.23 32.59 11.18
CA ASP B 715 25.36 33.57 11.83
C ASP B 715 23.99 32.99 12.10
N PHE B 716 23.43 32.26 11.11
CA PHE B 716 22.12 31.65 11.26
C PHE B 716 22.10 30.64 12.40
N LEU B 717 23.16 29.85 12.53
CA LEU B 717 23.23 28.90 13.62
C LEU B 717 23.34 29.59 14.97
N ARG B 718 24.04 30.73 15.03
CA ARG B 718 24.09 31.48 16.29
C ARG B 718 22.73 32.06 16.65
N ALA B 719 21.98 32.53 15.64
CA ALA B 719 20.61 32.97 15.88
C ALA B 719 19.75 31.83 16.41
N PHE B 720 19.83 30.66 15.75
CA PHE B 720 19.15 29.47 16.22
C PHE B 720 19.48 29.16 17.68
N THR B 721 20.76 29.25 18.03
CA THR B 721 21.18 28.95 19.40
C THR B 721 20.52 29.93 20.37
N GLN B 722 20.58 31.22 20.05
CA GLN B 722 20.01 32.23 20.94
C GLN B 722 18.50 32.11 21.06
N LEU B 723 17.83 31.61 20.01
CA LEU B 723 16.38 31.49 20.08
C LEU B 723 15.93 30.26 20.86
N LYS B 724 16.87 29.40 21.26
CA LYS B 724 16.63 28.30 22.19
C LYS B 724 15.73 27.24 21.58
N LEU B 725 15.82 27.06 20.25
CA LEU B 725 15.32 25.86 19.60
C LEU B 725 16.22 24.68 19.96
N GLN B 726 15.64 23.48 19.96
CA GLN B 726 16.40 22.27 20.27
C GLN B 726 17.29 21.80 19.10
N HIS B 727 16.76 21.82 17.88
CA HIS B 727 17.39 21.06 16.80
C HIS B 727 17.12 21.72 15.46
N ILE B 728 18.07 21.59 14.53
CA ILE B 728 17.87 21.95 13.14
C ILE B 728 18.80 21.12 12.28
N GLN B 729 18.41 20.90 11.02
CA GLN B 729 19.26 20.22 10.05
C GLN B 729 18.84 20.66 8.66
N PHE B 730 19.74 20.47 7.69
CA PHE B 730 19.65 21.17 6.43
C PHE B 730 19.83 20.24 5.24
N ASN B 731 18.91 20.34 4.28
CA ASN B 731 19.21 19.95 2.90
C ASN B 731 19.84 21.13 2.18
N VAL B 732 20.80 20.83 1.29
CA VAL B 732 21.42 21.85 0.46
C VAL B 732 21.50 21.26 -0.95
N VAL B 733 20.52 21.58 -1.77
CA VAL B 733 20.33 20.89 -3.06
C VAL B 733 19.34 21.68 -3.91
N ASN B 734 19.54 21.68 -5.22
CA ASN B 734 18.61 22.29 -6.16
C ASN B 734 17.48 21.32 -6.51
N ALA B 735 16.26 21.83 -6.58
CA ALA B 735 15.13 20.99 -6.98
C ALA B 735 15.37 20.36 -8.35
N ASP B 736 16.14 21.03 -9.20
CA ASP B 736 16.43 20.48 -10.53
C ASP B 736 17.22 19.19 -10.42
N THR B 737 18.17 19.13 -9.49
CA THR B 737 18.93 17.90 -9.28
C THR B 737 18.03 16.76 -8.84
N LEU B 738 17.12 17.02 -7.90
CA LEU B 738 16.23 15.99 -7.40
C LEU B 738 15.31 15.46 -8.49
N ARG B 739 14.77 16.36 -9.33
CA ARG B 739 13.89 15.90 -10.41
C ARG B 739 14.66 15.07 -11.43
N GLU B 740 15.91 15.46 -11.70
CA GLU B 740 16.75 14.67 -12.61
C GLU B 740 17.02 13.28 -12.04
N ALA B 741 17.24 13.18 -10.73
CA ALA B 741 17.41 11.88 -10.10
C ALA B 741 16.15 11.03 -10.21
N GLN B 742 14.97 11.66 -10.19
CA GLN B 742 13.73 10.90 -10.40
C GLN B 742 13.65 10.35 -11.82
N GLN B 743 14.09 11.13 -12.80
CA GLN B 743 13.97 10.73 -14.20
C GLN B 743 15.03 9.71 -14.60
N ARG B 744 16.24 9.82 -14.03
CA ARG B 744 17.37 8.96 -14.38
C ARG B 744 18.02 8.45 -13.10
N PRO B 745 17.30 7.63 -12.32
CA PRO B 745 17.87 7.17 -11.04
C PRO B 745 19.17 6.41 -11.19
N GLN B 746 19.41 5.80 -12.36
CA GLN B 746 20.63 5.04 -12.54
C GLN B 746 21.87 5.92 -12.57
N ASP B 747 21.71 7.23 -12.74
CA ASP B 747 22.83 8.16 -12.70
C ASP B 747 22.97 8.88 -11.36
N TYR B 748 22.22 8.47 -10.34
CA TYR B 748 22.21 9.18 -9.06
C TYR B 748 22.19 8.22 -7.89
N ALA B 749 22.73 7.02 -8.08
CA ALA B 749 22.68 6.00 -7.04
C ALA B 749 23.37 6.43 -5.75
N GLY B 750 24.29 7.40 -5.82
CA GLY B 750 25.01 7.88 -4.67
C GLY B 750 24.52 9.18 -4.08
N LEU B 751 23.43 9.74 -4.60
CA LEU B 751 22.93 11.02 -4.12
C LEU B 751 22.29 10.83 -2.75
N VAL B 752 22.78 11.56 -1.74
CA VAL B 752 22.31 11.45 -0.36
C VAL B 752 21.49 12.70 -0.03
N VAL B 753 20.37 12.50 0.67
CA VAL B 753 19.49 13.59 1.08
C VAL B 753 19.13 13.41 2.56
N ARG B 754 18.71 14.50 3.19
CA ARG B 754 18.24 14.48 4.56
C ARG B 754 16.74 14.27 4.56
N VAL B 755 16.27 13.21 5.21
CA VAL B 755 14.84 12.98 5.32
C VAL B 755 14.33 13.64 6.60
N ALA B 756 14.57 13.02 7.75
CA ALA B 756 14.15 13.62 9.03
C ALA B 756 14.93 12.98 10.18
N GLY B 757 16.01 13.64 10.60
CA GLY B 757 16.90 13.11 11.61
C GLY B 757 17.84 12.05 11.09
N TYR B 758 17.83 11.80 9.78
CA TYR B 758 18.67 10.79 9.16
C TYR B 758 18.80 11.10 7.70
N SER B 759 19.86 10.58 7.11
CA SER B 759 20.12 10.74 5.68
C SER B 759 19.92 9.42 4.95
N ALA B 760 19.64 9.50 3.66
CA ALA B 760 19.35 8.30 2.89
C ALA B 760 19.62 8.58 1.41
N PHE B 761 19.74 7.50 0.65
CA PHE B 761 19.92 7.63 -0.80
C PHE B 761 18.58 7.99 -1.43
N PHE B 762 18.54 9.16 -2.06
CA PHE B 762 17.31 9.69 -2.65
C PHE B 762 16.61 8.69 -3.57
N VAL B 763 17.37 8.00 -4.44
CA VAL B 763 16.69 7.12 -5.40
C VAL B 763 16.10 5.88 -4.76
N GLU B 764 16.48 5.56 -3.52
CA GLU B 764 15.87 4.45 -2.80
C GLU B 764 14.69 4.86 -1.94
N LEU B 765 14.36 6.15 -1.91
CA LEU B 765 13.17 6.63 -1.21
C LEU B 765 11.94 6.52 -2.13
N SER B 766 10.81 6.19 -1.53
CA SER B 766 9.57 6.18 -2.30
C SER B 766 9.26 7.56 -2.87
N LYS B 767 8.45 7.56 -3.93
CA LYS B 767 8.08 8.81 -4.60
C LYS B 767 7.46 9.82 -3.64
N GLU B 768 6.67 9.34 -2.67
CA GLU B 768 6.04 10.27 -1.73
C GLU B 768 7.10 11.00 -0.91
N ILE B 769 8.13 10.28 -0.47
CA ILE B 769 9.18 10.94 0.31
C ILE B 769 10.04 11.82 -0.58
N GLN B 770 10.31 11.38 -1.81
CA GLN B 770 11.05 12.22 -2.75
C GLN B 770 10.33 13.54 -2.96
N ASP B 771 9.01 13.49 -3.11
CA ASP B 771 8.25 14.72 -3.38
C ASP B 771 8.14 15.59 -2.14
N ASP B 772 8.18 14.98 -0.95
CA ASP B 772 8.28 15.74 0.28
C ASP B 772 9.52 16.63 0.25
N ILE B 773 10.68 16.02 -0.02
CA ILE B 773 11.94 16.77 0.00
C ILE B 773 11.94 17.83 -1.09
N ILE B 774 11.42 17.49 -2.27
CA ILE B 774 11.36 18.44 -3.38
C ILE B 774 10.48 19.64 -3.03
N ARG B 775 9.33 19.40 -2.38
CA ARG B 775 8.37 20.48 -2.15
C ARG B 775 8.73 21.37 -0.97
N ARG B 776 9.67 20.97 -0.12
CA ARG B 776 10.10 21.85 0.95
C ARG B 776 10.66 23.14 0.35
N THR B 777 10.37 24.26 1.00
CA THR B 777 10.84 25.55 0.53
C THR B 777 12.36 25.57 0.48
N ALA B 778 12.93 26.06 -0.62
CA ALA B 778 14.37 26.31 -0.72
C ALA B 778 14.66 27.75 -0.32
N HIS B 779 15.30 27.94 0.84
CA HIS B 779 15.51 29.27 1.39
C HIS B 779 16.84 29.86 0.95
N GLN B 780 16.88 31.19 0.94
CA GLN B 780 18.13 31.93 0.81
C GLN B 780 18.49 32.53 2.16
N LEU B 781 19.79 32.70 2.37
CA LEU B 781 20.30 33.39 3.55
C LEU B 781 20.76 34.80 3.16
#